data_4DB6
# 
_entry.id   4DB6 
# 
_audit_conform.dict_name       mmcif_pdbx.dic 
_audit_conform.dict_version    5.387 
_audit_conform.dict_location   http://mmcif.pdb.org/dictionaries/ascii/mmcif_pdbx.dic 
# 
loop_
_database_2.database_id 
_database_2.database_code 
_database_2.pdbx_database_accession 
_database_2.pdbx_DOI 
PDB   4DB6         pdb_00004db6 10.2210/pdb4db6/pdb 
RCSB  RCSB070110   ?            ?                   
WWPDB D_1000070110 ?            ?                   
# 
loop_
_pdbx_audit_revision_history.ordinal 
_pdbx_audit_revision_history.data_content_type 
_pdbx_audit_revision_history.major_revision 
_pdbx_audit_revision_history.minor_revision 
_pdbx_audit_revision_history.revision_date 
1 'Structure model' 1 0 2012-05-16 
2 'Structure model' 1 1 2012-07-18 
3 'Structure model' 1 2 2012-09-05 
4 'Structure model' 1 3 2024-02-28 
# 
_pdbx_audit_revision_details.ordinal             1 
_pdbx_audit_revision_details.revision_ordinal    1 
_pdbx_audit_revision_details.data_content_type   'Structure model' 
_pdbx_audit_revision_details.provider            repository 
_pdbx_audit_revision_details.type                'Initial release' 
_pdbx_audit_revision_details.description         ? 
_pdbx_audit_revision_details.details             ? 
# 
loop_
_pdbx_audit_revision_group.ordinal 
_pdbx_audit_revision_group.revision_ordinal 
_pdbx_audit_revision_group.data_content_type 
_pdbx_audit_revision_group.group 
1 2 'Structure model' 'Database references' 
2 3 'Structure model' 'Structure summary'   
3 4 'Structure model' 'Data collection'     
4 4 'Structure model' 'Database references' 
# 
loop_
_pdbx_audit_revision_category.ordinal 
_pdbx_audit_revision_category.revision_ordinal 
_pdbx_audit_revision_category.data_content_type 
_pdbx_audit_revision_category.category 
1 4 'Structure model' chem_comp_atom 
2 4 'Structure model' chem_comp_bond 
3 4 'Structure model' database_2     
# 
loop_
_pdbx_audit_revision_item.ordinal 
_pdbx_audit_revision_item.revision_ordinal 
_pdbx_audit_revision_item.data_content_type 
_pdbx_audit_revision_item.item 
1 4 'Structure model' '_database_2.pdbx_DOI'                
2 4 'Structure model' '_database_2.pdbx_database_accession' 
# 
_pdbx_database_status.status_code                     REL 
_pdbx_database_status.entry_id                        4DB6 
_pdbx_database_status.recvd_initial_deposition_date   2012-01-13 
_pdbx_database_status.deposit_site                    RCSB 
_pdbx_database_status.process_site                    RCSB 
_pdbx_database_status.status_code_sf                  REL 
_pdbx_database_status.status_code_mr                  ? 
_pdbx_database_status.SG_entry                        ? 
_pdbx_database_status.status_code_cs                  ? 
_pdbx_database_status.methods_development_category    ? 
_pdbx_database_status.pdb_format_compatible           Y 
_pdbx_database_status.status_code_nmr_data            ? 
# 
loop_
_pdbx_database_related.db_name 
_pdbx_database_related.db_id 
_pdbx_database_related.details 
_pdbx_database_related.content_type 
PDB 4DB8 'Designed Armadillo repeat protein (YIIM4AII)'   unspecified 
PDB 4DB9 'Designed Armadillo repeat protein (YIIIM3AIII)' unspecified 
PDB 4DBA 'Designed Armadillo repeat protein (YIIM3AII)'   unspecified 
# 
loop_
_audit_author.name 
_audit_author.pdbx_ordinal 
'Madhurantakam, C.' 1 
'Varadamsetty, G.'  2 
'Grutter, M.G.'     3 
'Pluckthun, A.'     4 
'Mittl, P.R.E.'     5 
# 
_citation.id                        primary 
_citation.title                     'Structure-based optimization of designed Armadillo-repeat proteins.' 
_citation.journal_abbrev            'Protein Sci.' 
_citation.journal_volume            21 
_citation.page_first                1015 
_citation.page_last                 1028 
_citation.year                      2012 
_citation.journal_id_ASTM           PRCIEI 
_citation.country                   US 
_citation.journal_id_ISSN           0961-8368 
_citation.journal_id_CSD            0795 
_citation.book_publisher            ? 
_citation.pdbx_database_id_PubMed   22544642 
_citation.pdbx_database_id_DOI      10.1002/pro.2085 
# 
loop_
_citation_author.citation_id 
_citation_author.name 
_citation_author.ordinal 
_citation_author.identifier_ORCID 
primary 'Madhurantakam, C.' 1 ? 
primary 'Varadamsetty, G.'  2 ? 
primary 'Grutter, M.G.'     3 ? 
primary 'Pluckthun, A.'     4 ? 
primary 'Mittl, P.R.'       5 ? 
# 
loop_
_entity.id 
_entity.type 
_entity.src_method 
_entity.pdbx_description 
_entity.formula_weight 
_entity.pdbx_number_of_molecules 
_entity.pdbx_ec 
_entity.pdbx_mutation 
_entity.pdbx_fragment 
_entity.details 
1 polymer man 'Armadillo repeat protein' 22482.998 1   ? ? ? ? 
2 water   nat water                      18.015    153 ? ? ? ? 
# 
_entity_poly.entity_id                      1 
_entity_poly.type                           'polypeptide(L)' 
_entity_poly.nstd_linkage                   no 
_entity_poly.nstd_monomer                   no 
_entity_poly.pdbx_seq_one_letter_code       
;MRGSHHHHHHGSELPQMVQQLNSPDQQELQSALRKLSQIASGGNEQIQAVIDAGALPALVQLLSSPNEQILQEALWALSN
IASGGNEQIQAVIDAGALPALVQLLSSPNEQILQEALWALSNIASGGNEQIQAVIDAGALPALVQLLSSPNEQILQEALW
ALSNIASGGNEQKQAVKEAGALEKLEQLQSHENEKIQKEAQEALEKLQSH
;
_entity_poly.pdbx_seq_one_letter_code_can   
;MRGSHHHHHHGSELPQMVQQLNSPDQQELQSALRKLSQIASGGNEQIQAVIDAGALPALVQLLSSPNEQILQEALWALSN
IASGGNEQIQAVIDAGALPALVQLLSSPNEQILQEALWALSNIASGGNEQIQAVIDAGALPALVQLLSSPNEQILQEALW
ALSNIASGGNEQKQAVKEAGALEKLEQLQSHENEKIQKEAQEALEKLQSH
;
_entity_poly.pdbx_strand_id                 A 
_entity_poly.pdbx_target_identifier         ? 
# 
_pdbx_entity_nonpoly.entity_id   2 
_pdbx_entity_nonpoly.name        water 
_pdbx_entity_nonpoly.comp_id     HOH 
# 
loop_
_entity_poly_seq.entity_id 
_entity_poly_seq.num 
_entity_poly_seq.mon_id 
_entity_poly_seq.hetero 
1 1   MET n 
1 2   ARG n 
1 3   GLY n 
1 4   SER n 
1 5   HIS n 
1 6   HIS n 
1 7   HIS n 
1 8   HIS n 
1 9   HIS n 
1 10  HIS n 
1 11  GLY n 
1 12  SER n 
1 13  GLU n 
1 14  LEU n 
1 15  PRO n 
1 16  GLN n 
1 17  MET n 
1 18  VAL n 
1 19  GLN n 
1 20  GLN n 
1 21  LEU n 
1 22  ASN n 
1 23  SER n 
1 24  PRO n 
1 25  ASP n 
1 26  GLN n 
1 27  GLN n 
1 28  GLU n 
1 29  LEU n 
1 30  GLN n 
1 31  SER n 
1 32  ALA n 
1 33  LEU n 
1 34  ARG n 
1 35  LYS n 
1 36  LEU n 
1 37  SER n 
1 38  GLN n 
1 39  ILE n 
1 40  ALA n 
1 41  SER n 
1 42  GLY n 
1 43  GLY n 
1 44  ASN n 
1 45  GLU n 
1 46  GLN n 
1 47  ILE n 
1 48  GLN n 
1 49  ALA n 
1 50  VAL n 
1 51  ILE n 
1 52  ASP n 
1 53  ALA n 
1 54  GLY n 
1 55  ALA n 
1 56  LEU n 
1 57  PRO n 
1 58  ALA n 
1 59  LEU n 
1 60  VAL n 
1 61  GLN n 
1 62  LEU n 
1 63  LEU n 
1 64  SER n 
1 65  SER n 
1 66  PRO n 
1 67  ASN n 
1 68  GLU n 
1 69  GLN n 
1 70  ILE n 
1 71  LEU n 
1 72  GLN n 
1 73  GLU n 
1 74  ALA n 
1 75  LEU n 
1 76  TRP n 
1 77  ALA n 
1 78  LEU n 
1 79  SER n 
1 80  ASN n 
1 81  ILE n 
1 82  ALA n 
1 83  SER n 
1 84  GLY n 
1 85  GLY n 
1 86  ASN n 
1 87  GLU n 
1 88  GLN n 
1 89  ILE n 
1 90  GLN n 
1 91  ALA n 
1 92  VAL n 
1 93  ILE n 
1 94  ASP n 
1 95  ALA n 
1 96  GLY n 
1 97  ALA n 
1 98  LEU n 
1 99  PRO n 
1 100 ALA n 
1 101 LEU n 
1 102 VAL n 
1 103 GLN n 
1 104 LEU n 
1 105 LEU n 
1 106 SER n 
1 107 SER n 
1 108 PRO n 
1 109 ASN n 
1 110 GLU n 
1 111 GLN n 
1 112 ILE n 
1 113 LEU n 
1 114 GLN n 
1 115 GLU n 
1 116 ALA n 
1 117 LEU n 
1 118 TRP n 
1 119 ALA n 
1 120 LEU n 
1 121 SER n 
1 122 ASN n 
1 123 ILE n 
1 124 ALA n 
1 125 SER n 
1 126 GLY n 
1 127 GLY n 
1 128 ASN n 
1 129 GLU n 
1 130 GLN n 
1 131 ILE n 
1 132 GLN n 
1 133 ALA n 
1 134 VAL n 
1 135 ILE n 
1 136 ASP n 
1 137 ALA n 
1 138 GLY n 
1 139 ALA n 
1 140 LEU n 
1 141 PRO n 
1 142 ALA n 
1 143 LEU n 
1 144 VAL n 
1 145 GLN n 
1 146 LEU n 
1 147 LEU n 
1 148 SER n 
1 149 SER n 
1 150 PRO n 
1 151 ASN n 
1 152 GLU n 
1 153 GLN n 
1 154 ILE n 
1 155 LEU n 
1 156 GLN n 
1 157 GLU n 
1 158 ALA n 
1 159 LEU n 
1 160 TRP n 
1 161 ALA n 
1 162 LEU n 
1 163 SER n 
1 164 ASN n 
1 165 ILE n 
1 166 ALA n 
1 167 SER n 
1 168 GLY n 
1 169 GLY n 
1 170 ASN n 
1 171 GLU n 
1 172 GLN n 
1 173 LYS n 
1 174 GLN n 
1 175 ALA n 
1 176 VAL n 
1 177 LYS n 
1 178 GLU n 
1 179 ALA n 
1 180 GLY n 
1 181 ALA n 
1 182 LEU n 
1 183 GLU n 
1 184 LYS n 
1 185 LEU n 
1 186 GLU n 
1 187 GLN n 
1 188 LEU n 
1 189 GLN n 
1 190 SER n 
1 191 HIS n 
1 192 GLU n 
1 193 ASN n 
1 194 GLU n 
1 195 LYS n 
1 196 ILE n 
1 197 GLN n 
1 198 LYS n 
1 199 GLU n 
1 200 ALA n 
1 201 GLN n 
1 202 GLU n 
1 203 ALA n 
1 204 LEU n 
1 205 GLU n 
1 206 LYS n 
1 207 LEU n 
1 208 GLN n 
1 209 SER n 
1 210 HIS n 
# 
_entity_src_gen.entity_id                          1 
_entity_src_gen.pdbx_src_id                        1 
_entity_src_gen.pdbx_alt_source_flag               sample 
_entity_src_gen.pdbx_seq_type                      ? 
_entity_src_gen.pdbx_beg_seq_num                   ? 
_entity_src_gen.pdbx_end_seq_num                   ? 
_entity_src_gen.gene_src_common_name               ? 
_entity_src_gen.gene_src_genus                     ? 
_entity_src_gen.pdbx_gene_src_gene                 ? 
_entity_src_gen.gene_src_species                   ? 
_entity_src_gen.gene_src_strain                    ? 
_entity_src_gen.gene_src_tissue                    ? 
_entity_src_gen.gene_src_tissue_fraction           ? 
_entity_src_gen.gene_src_details                   ? 
_entity_src_gen.pdbx_gene_src_fragment             ? 
_entity_src_gen.pdbx_gene_src_scientific_name      'synthetic construct' 
_entity_src_gen.pdbx_gene_src_ncbi_taxonomy_id     32630 
_entity_src_gen.pdbx_gene_src_variant              ? 
_entity_src_gen.pdbx_gene_src_cell_line            ? 
_entity_src_gen.pdbx_gene_src_atcc                 ? 
_entity_src_gen.pdbx_gene_src_organ                ? 
_entity_src_gen.pdbx_gene_src_organelle            ? 
_entity_src_gen.pdbx_gene_src_cell                 ? 
_entity_src_gen.pdbx_gene_src_cellular_location    ? 
_entity_src_gen.host_org_common_name               ? 
_entity_src_gen.pdbx_host_org_scientific_name      'Escherichia coli' 
_entity_src_gen.pdbx_host_org_ncbi_taxonomy_id     562 
_entity_src_gen.host_org_genus                     ? 
_entity_src_gen.pdbx_host_org_gene                 ? 
_entity_src_gen.pdbx_host_org_organ                ? 
_entity_src_gen.host_org_species                   ? 
_entity_src_gen.pdbx_host_org_tissue               ? 
_entity_src_gen.pdbx_host_org_tissue_fraction      ? 
_entity_src_gen.pdbx_host_org_strain               'XL1 Blue' 
_entity_src_gen.pdbx_host_org_variant              ? 
_entity_src_gen.pdbx_host_org_cell_line            ? 
_entity_src_gen.pdbx_host_org_atcc                 ? 
_entity_src_gen.pdbx_host_org_culture_collection   ? 
_entity_src_gen.pdbx_host_org_cell                 ? 
_entity_src_gen.pdbx_host_org_organelle            ? 
_entity_src_gen.pdbx_host_org_cellular_location    ? 
_entity_src_gen.pdbx_host_org_vector_type          pPANK 
_entity_src_gen.pdbx_host_org_vector               ? 
_entity_src_gen.host_org_details                   ? 
_entity_src_gen.expression_system_id               ? 
_entity_src_gen.plasmid_name                       ? 
_entity_src_gen.plasmid_details                    ? 
_entity_src_gen.pdbx_description                   ? 
# 
loop_
_chem_comp.id 
_chem_comp.type 
_chem_comp.mon_nstd_flag 
_chem_comp.name 
_chem_comp.pdbx_synonyms 
_chem_comp.formula 
_chem_comp.formula_weight 
ALA 'L-peptide linking' y ALANINE         ? 'C3 H7 N O2'     89.093  
ARG 'L-peptide linking' y ARGININE        ? 'C6 H15 N4 O2 1' 175.209 
ASN 'L-peptide linking' y ASPARAGINE      ? 'C4 H8 N2 O3'    132.118 
ASP 'L-peptide linking' y 'ASPARTIC ACID' ? 'C4 H7 N O4'     133.103 
GLN 'L-peptide linking' y GLUTAMINE       ? 'C5 H10 N2 O3'   146.144 
GLU 'L-peptide linking' y 'GLUTAMIC ACID' ? 'C5 H9 N O4'     147.129 
GLY 'peptide linking'   y GLYCINE         ? 'C2 H5 N O2'     75.067  
HIS 'L-peptide linking' y HISTIDINE       ? 'C6 H10 N3 O2 1' 156.162 
HOH non-polymer         . WATER           ? 'H2 O'           18.015  
ILE 'L-peptide linking' y ISOLEUCINE      ? 'C6 H13 N O2'    131.173 
LEU 'L-peptide linking' y LEUCINE         ? 'C6 H13 N O2'    131.173 
LYS 'L-peptide linking' y LYSINE          ? 'C6 H15 N2 O2 1' 147.195 
MET 'L-peptide linking' y METHIONINE      ? 'C5 H11 N O2 S'  149.211 
PRO 'L-peptide linking' y PROLINE         ? 'C5 H9 N O2'     115.130 
SER 'L-peptide linking' y SERINE          ? 'C3 H7 N O3'     105.093 
TRP 'L-peptide linking' y TRYPTOPHAN      ? 'C11 H12 N2 O2'  204.225 
VAL 'L-peptide linking' y VALINE          ? 'C5 H11 N O2'    117.146 
# 
loop_
_pdbx_poly_seq_scheme.asym_id 
_pdbx_poly_seq_scheme.entity_id 
_pdbx_poly_seq_scheme.seq_id 
_pdbx_poly_seq_scheme.mon_id 
_pdbx_poly_seq_scheme.ndb_seq_num 
_pdbx_poly_seq_scheme.pdb_seq_num 
_pdbx_poly_seq_scheme.auth_seq_num 
_pdbx_poly_seq_scheme.pdb_mon_id 
_pdbx_poly_seq_scheme.auth_mon_id 
_pdbx_poly_seq_scheme.pdb_strand_id 
_pdbx_poly_seq_scheme.pdb_ins_code 
_pdbx_poly_seq_scheme.hetero 
A 1 1   MET 1   0   ?   ?   ?   A . n 
A 1 2   ARG 2   1   ?   ?   ?   A . n 
A 1 3   GLY 3   2   ?   ?   ?   A . n 
A 1 4   SER 4   3   ?   ?   ?   A . n 
A 1 5   HIS 5   4   ?   ?   ?   A . n 
A 1 6   HIS 6   5   ?   ?   ?   A . n 
A 1 7   HIS 7   6   ?   ?   ?   A . n 
A 1 8   HIS 8   7   ?   ?   ?   A . n 
A 1 9   HIS 9   8   ?   ?   ?   A . n 
A 1 10  HIS 10  9   ?   ?   ?   A . n 
A 1 11  GLY 11  10  ?   ?   ?   A . n 
A 1 12  SER 12  11  ?   ?   ?   A . n 
A 1 13  GLU 13  12  12  GLU ALA A . n 
A 1 14  LEU 14  13  13  LEU LEU A . n 
A 1 15  PRO 15  14  14  PRO PRO A . n 
A 1 16  GLN 16  15  15  GLN GLN A . n 
A 1 17  MET 17  16  16  MET MET A . n 
A 1 18  VAL 18  17  17  VAL VAL A . n 
A 1 19  GLN 19  18  18  GLN GLN A . n 
A 1 20  GLN 20  19  19  GLN GLN A . n 
A 1 21  LEU 21  20  20  LEU LEU A . n 
A 1 22  ASN 22  21  21  ASN ASN A . n 
A 1 23  SER 23  22  22  SER SER A . n 
A 1 24  PRO 24  23  23  PRO PRO A . n 
A 1 25  ASP 25  24  24  ASP ASP A . n 
A 1 26  GLN 26  25  25  GLN GLN A . n 
A 1 27  GLN 27  26  26  GLN GLN A . n 
A 1 28  GLU 28  27  27  GLU GLU A . n 
A 1 29  LEU 29  28  28  LEU LEU A . n 
A 1 30  GLN 30  29  29  GLN GLN A . n 
A 1 31  SER 31  30  30  SER SER A . n 
A 1 32  ALA 32  31  31  ALA ALA A . n 
A 1 33  LEU 33  32  32  LEU LEU A . n 
A 1 34  ARG 34  33  33  ARG ARG A . n 
A 1 35  LYS 35  34  34  LYS LYS A . n 
A 1 36  LEU 36  35  35  LEU LEU A . n 
A 1 37  SER 37  36  36  SER SER A . n 
A 1 38  GLN 38  37  37  GLN GLN A . n 
A 1 39  ILE 39  38  38  ILE ILE A . n 
A 1 40  ALA 40  39  39  ALA ALA A . n 
A 1 41  SER 41  40  40  SER SER A . n 
A 1 42  GLY 42  41  41  GLY GLY A . n 
A 1 43  GLY 43  42  42  GLY GLY A . n 
A 1 44  ASN 44  43  43  ASN ASN A . n 
A 1 45  GLU 45  44  44  GLU GLU A . n 
A 1 46  GLN 46  45  45  GLN GLN A . n 
A 1 47  ILE 47  46  46  ILE ILE A . n 
A 1 48  GLN 48  47  47  GLN GLN A . n 
A 1 49  ALA 49  48  48  ALA ALA A . n 
A 1 50  VAL 50  49  49  VAL VAL A . n 
A 1 51  ILE 51  50  50  ILE ILE A . n 
A 1 52  ASP 52  51  51  ASP ASP A . n 
A 1 53  ALA 53  52  52  ALA ALA A . n 
A 1 54  GLY 54  53  53  GLY GLY A . n 
A 1 55  ALA 55  54  54  ALA ALA A . n 
A 1 56  LEU 56  55  55  LEU LEU A . n 
A 1 57  PRO 57  56  56  PRO PRO A . n 
A 1 58  ALA 58  57  57  ALA ALA A . n 
A 1 59  LEU 59  58  58  LEU LEU A . n 
A 1 60  VAL 60  59  59  VAL VAL A . n 
A 1 61  GLN 61  60  60  GLN GLN A . n 
A 1 62  LEU 62  61  61  LEU LEU A . n 
A 1 63  LEU 63  62  62  LEU LEU A . n 
A 1 64  SER 64  63  63  SER SER A . n 
A 1 65  SER 65  64  64  SER SER A . n 
A 1 66  PRO 66  65  65  PRO PRO A . n 
A 1 67  ASN 67  66  66  ASN ASN A . n 
A 1 68  GLU 68  67  67  GLU GLU A . n 
A 1 69  GLN 69  68  68  GLN GLN A . n 
A 1 70  ILE 70  69  69  ILE ILE A . n 
A 1 71  LEU 71  70  70  LEU LEU A . n 
A 1 72  GLN 72  71  71  GLN GLN A . n 
A 1 73  GLU 73  72  72  GLU GLU A . n 
A 1 74  ALA 74  73  73  ALA ALA A . n 
A 1 75  LEU 75  74  74  LEU LEU A . n 
A 1 76  TRP 76  75  75  TRP TRP A . n 
A 1 77  ALA 77  76  76  ALA ALA A . n 
A 1 78  LEU 78  77  77  LEU LEU A . n 
A 1 79  SER 79  78  78  SER SER A . n 
A 1 80  ASN 80  79  79  ASN ASN A . n 
A 1 81  ILE 81  80  80  ILE ILE A . n 
A 1 82  ALA 82  81  81  ALA ALA A . n 
A 1 83  SER 83  82  82  SER SER A . n 
A 1 84  GLY 84  83  83  GLY GLY A . n 
A 1 85  GLY 85  84  84  GLY GLY A . n 
A 1 86  ASN 86  85  85  ASN ASN A . n 
A 1 87  GLU 87  86  86  GLU GLU A . n 
A 1 88  GLN 88  87  87  GLN GLN A . n 
A 1 89  ILE 89  88  88  ILE ILE A . n 
A 1 90  GLN 90  89  89  GLN GLN A . n 
A 1 91  ALA 91  90  90  ALA ALA A . n 
A 1 92  VAL 92  91  91  VAL VAL A . n 
A 1 93  ILE 93  92  92  ILE ILE A . n 
A 1 94  ASP 94  93  93  ASP ASP A . n 
A 1 95  ALA 95  94  94  ALA ALA A . n 
A 1 96  GLY 96  95  95  GLY GLY A . n 
A 1 97  ALA 97  96  96  ALA ALA A . n 
A 1 98  LEU 98  97  97  LEU LEU A . n 
A 1 99  PRO 99  98  98  PRO PRO A . n 
A 1 100 ALA 100 99  99  ALA ALA A . n 
A 1 101 LEU 101 100 100 LEU LEU A . n 
A 1 102 VAL 102 101 101 VAL VAL A . n 
A 1 103 GLN 103 102 102 GLN GLN A . n 
A 1 104 LEU 104 103 103 LEU LEU A . n 
A 1 105 LEU 105 104 104 LEU LEU A . n 
A 1 106 SER 106 105 105 SER SER A . n 
A 1 107 SER 107 106 106 SER SER A . n 
A 1 108 PRO 108 107 107 PRO PRO A . n 
A 1 109 ASN 109 108 108 ASN ASN A . n 
A 1 110 GLU 110 109 109 GLU GLU A . n 
A 1 111 GLN 111 110 110 GLN GLN A . n 
A 1 112 ILE 112 111 111 ILE ILE A . n 
A 1 113 LEU 113 112 112 LEU LEU A . n 
A 1 114 GLN 114 113 113 GLN GLN A . n 
A 1 115 GLU 115 114 114 GLU GLU A . n 
A 1 116 ALA 116 115 115 ALA ALA A . n 
A 1 117 LEU 117 116 116 LEU LEU A . n 
A 1 118 TRP 118 117 117 TRP TRP A . n 
A 1 119 ALA 119 118 118 ALA ALA A . n 
A 1 120 LEU 120 119 119 LEU LEU A . n 
A 1 121 SER 121 120 120 SER SER A . n 
A 1 122 ASN 122 121 121 ASN ASN A . n 
A 1 123 ILE 123 122 122 ILE ILE A . n 
A 1 124 ALA 124 123 123 ALA ALA A . n 
A 1 125 SER 125 124 124 SER SER A . n 
A 1 126 GLY 126 125 125 GLY GLY A . n 
A 1 127 GLY 127 126 126 GLY GLY A . n 
A 1 128 ASN 128 127 127 ASN ASN A . n 
A 1 129 GLU 129 128 128 GLU GLU A . n 
A 1 130 GLN 130 129 129 GLN GLN A . n 
A 1 131 ILE 131 130 130 ILE ILE A . n 
A 1 132 GLN 132 131 131 GLN GLN A . n 
A 1 133 ALA 133 132 132 ALA ALA A . n 
A 1 134 VAL 134 133 133 VAL VAL A . n 
A 1 135 ILE 135 134 134 ILE ILE A . n 
A 1 136 ASP 136 135 135 ASP ASP A . n 
A 1 137 ALA 137 136 136 ALA ALA A . n 
A 1 138 GLY 138 137 137 GLY GLY A . n 
A 1 139 ALA 139 138 138 ALA ALA A . n 
A 1 140 LEU 140 139 139 LEU LEU A . n 
A 1 141 PRO 141 140 140 PRO PRO A . n 
A 1 142 ALA 142 141 141 ALA ALA A . n 
A 1 143 LEU 143 142 142 LEU LEU A . n 
A 1 144 VAL 144 143 143 VAL VAL A . n 
A 1 145 GLN 145 144 144 GLN GLN A . n 
A 1 146 LEU 146 145 145 LEU LEU A . n 
A 1 147 LEU 147 146 146 LEU LEU A . n 
A 1 148 SER 148 147 147 SER SER A . n 
A 1 149 SER 149 148 148 SER SER A . n 
A 1 150 PRO 150 149 149 PRO PRO A . n 
A 1 151 ASN 151 150 150 ASN ASN A . n 
A 1 152 GLU 152 151 151 GLU GLU A . n 
A 1 153 GLN 153 152 152 GLN GLN A . n 
A 1 154 ILE 154 153 153 ILE ILE A . n 
A 1 155 LEU 155 154 154 LEU LEU A . n 
A 1 156 GLN 156 155 155 GLN GLN A . n 
A 1 157 GLU 157 156 156 GLU GLU A . n 
A 1 158 ALA 158 157 157 ALA ALA A . n 
A 1 159 LEU 159 158 158 LEU LEU A . n 
A 1 160 TRP 160 159 159 TRP TRP A . n 
A 1 161 ALA 161 160 160 ALA ALA A . n 
A 1 162 LEU 162 161 161 LEU LEU A . n 
A 1 163 SER 163 162 162 SER SER A . n 
A 1 164 ASN 164 163 163 ASN ASN A . n 
A 1 165 ILE 165 164 164 ILE ILE A . n 
A 1 166 ALA 166 165 165 ALA ALA A . n 
A 1 167 SER 167 166 166 SER SER A . n 
A 1 168 GLY 168 167 167 GLY GLY A . n 
A 1 169 GLY 169 168 168 GLY GLY A . n 
A 1 170 ASN 170 169 169 ASN ASN A . n 
A 1 171 GLU 171 170 170 GLU GLU A . n 
A 1 172 GLN 172 171 171 GLN GLN A . n 
A 1 173 LYS 173 172 172 LYS LYS A . n 
A 1 174 GLN 174 173 173 GLN GLN A . n 
A 1 175 ALA 175 174 174 ALA ALA A . n 
A 1 176 VAL 176 175 175 VAL VAL A . n 
A 1 177 LYS 177 176 176 LYS LYS A . n 
A 1 178 GLU 178 177 177 GLU GLU A . n 
A 1 179 ALA 179 178 178 ALA ALA A . n 
A 1 180 GLY 180 179 179 GLY GLY A . n 
A 1 181 ALA 181 180 180 ALA ALA A . n 
A 1 182 LEU 182 181 181 LEU LEU A . n 
A 1 183 GLU 183 182 182 GLU GLU A . n 
A 1 184 LYS 184 183 183 LYS LYS A . n 
A 1 185 LEU 185 184 184 LEU LEU A . n 
A 1 186 GLU 186 185 185 GLU GLU A . n 
A 1 187 GLN 187 186 186 GLN GLN A . n 
A 1 188 LEU 188 187 187 LEU LEU A . n 
A 1 189 GLN 189 188 188 GLN GLN A . n 
A 1 190 SER 190 189 189 SER SER A . n 
A 1 191 HIS 191 190 190 HIS HIS A . n 
A 1 192 GLU 192 191 191 GLU GLU A . n 
A 1 193 ASN 193 192 192 ASN ASN A . n 
A 1 194 GLU 194 193 193 GLU GLU A . n 
A 1 195 LYS 195 194 194 LYS LYS A . n 
A 1 196 ILE 196 195 195 ILE ILE A . n 
A 1 197 GLN 197 196 196 GLN GLN A . n 
A 1 198 LYS 198 197 197 LYS LYS A . n 
A 1 199 GLU 199 198 198 GLU GLU A . n 
A 1 200 ALA 200 199 199 ALA ALA A . n 
A 1 201 GLN 201 200 200 GLN GLN A . n 
A 1 202 GLU 202 201 201 GLU GLU A . n 
A 1 203 ALA 203 202 202 ALA ALA A . n 
A 1 204 LEU 204 203 203 LEU LEU A . n 
A 1 205 GLU 205 204 204 GLU GLU A . n 
A 1 206 LYS 206 205 205 LYS LYS A . n 
A 1 207 LEU 207 206 206 LEU LEU A . n 
A 1 208 GLN 208 207 207 GLN ALA A . n 
A 1 209 SER 209 208 208 SER ALA A . n 
A 1 210 HIS 210 209 ?   ?   ?   A . n 
# 
loop_
_pdbx_nonpoly_scheme.asym_id 
_pdbx_nonpoly_scheme.entity_id 
_pdbx_nonpoly_scheme.mon_id 
_pdbx_nonpoly_scheme.ndb_seq_num 
_pdbx_nonpoly_scheme.pdb_seq_num 
_pdbx_nonpoly_scheme.auth_seq_num 
_pdbx_nonpoly_scheme.pdb_mon_id 
_pdbx_nonpoly_scheme.auth_mon_id 
_pdbx_nonpoly_scheme.pdb_strand_id 
_pdbx_nonpoly_scheme.pdb_ins_code 
B 2 HOH 1   301 1   HOH HOH A . 
B 2 HOH 2   302 2   HOH HOH A . 
B 2 HOH 3   303 3   HOH HOH A . 
B 2 HOH 4   304 4   HOH HOH A . 
B 2 HOH 5   305 5   HOH HOH A . 
B 2 HOH 6   306 6   HOH HOH A . 
B 2 HOH 7   307 7   HOH HOH A . 
B 2 HOH 8   308 8   HOH HOH A . 
B 2 HOH 9   309 9   HOH HOH A . 
B 2 HOH 10  310 10  HOH HOH A . 
B 2 HOH 11  311 11  HOH HOH A . 
B 2 HOH 12  312 12  HOH HOH A . 
B 2 HOH 13  313 13  HOH HOH A . 
B 2 HOH 14  314 14  HOH HOH A . 
B 2 HOH 15  315 15  HOH HOH A . 
B 2 HOH 16  316 16  HOH HOH A . 
B 2 HOH 17  317 17  HOH HOH A . 
B 2 HOH 18  318 18  HOH HOH A . 
B 2 HOH 19  319 19  HOH HOH A . 
B 2 HOH 20  320 20  HOH HOH A . 
B 2 HOH 21  321 21  HOH HOH A . 
B 2 HOH 22  322 22  HOH HOH A . 
B 2 HOH 23  323 23  HOH HOH A . 
B 2 HOH 24  324 24  HOH HOH A . 
B 2 HOH 25  325 25  HOH HOH A . 
B 2 HOH 26  326 26  HOH HOH A . 
B 2 HOH 27  327 27  HOH HOH A . 
B 2 HOH 28  328 28  HOH HOH A . 
B 2 HOH 29  329 29  HOH HOH A . 
B 2 HOH 30  330 30  HOH HOH A . 
B 2 HOH 31  331 31  HOH HOH A . 
B 2 HOH 32  332 32  HOH HOH A . 
B 2 HOH 33  333 33  HOH HOH A . 
B 2 HOH 34  334 34  HOH HOH A . 
B 2 HOH 35  335 35  HOH HOH A . 
B 2 HOH 36  336 36  HOH HOH A . 
B 2 HOH 37  337 37  HOH HOH A . 
B 2 HOH 38  338 38  HOH HOH A . 
B 2 HOH 39  339 39  HOH HOH A . 
B 2 HOH 40  340 40  HOH HOH A . 
B 2 HOH 41  341 41  HOH HOH A . 
B 2 HOH 42  342 42  HOH HOH A . 
B 2 HOH 43  343 43  HOH HOH A . 
B 2 HOH 44  344 44  HOH HOH A . 
B 2 HOH 45  345 45  HOH HOH A . 
B 2 HOH 46  346 46  HOH HOH A . 
B 2 HOH 47  347 47  HOH HOH A . 
B 2 HOH 48  348 48  HOH HOH A . 
B 2 HOH 49  349 49  HOH HOH A . 
B 2 HOH 50  350 50  HOH HOH A . 
B 2 HOH 51  351 51  HOH HOH A . 
B 2 HOH 52  352 52  HOH HOH A . 
B 2 HOH 53  353 53  HOH HOH A . 
B 2 HOH 54  354 54  HOH HOH A . 
B 2 HOH 55  355 55  HOH HOH A . 
B 2 HOH 56  356 56  HOH HOH A . 
B 2 HOH 57  357 57  HOH HOH A . 
B 2 HOH 58  358 58  HOH HOH A . 
B 2 HOH 59  359 59  HOH HOH A . 
B 2 HOH 60  360 60  HOH HOH A . 
B 2 HOH 61  361 61  HOH HOH A . 
B 2 HOH 62  362 62  HOH HOH A . 
B 2 HOH 63  363 63  HOH HOH A . 
B 2 HOH 64  364 64  HOH HOH A . 
B 2 HOH 65  365 65  HOH HOH A . 
B 2 HOH 66  366 66  HOH HOH A . 
B 2 HOH 67  367 67  HOH HOH A . 
B 2 HOH 68  368 68  HOH HOH A . 
B 2 HOH 69  369 69  HOH HOH A . 
B 2 HOH 70  370 70  HOH HOH A . 
B 2 HOH 71  371 71  HOH HOH A . 
B 2 HOH 72  372 72  HOH HOH A . 
B 2 HOH 73  373 73  HOH HOH A . 
B 2 HOH 74  374 74  HOH HOH A . 
B 2 HOH 75  375 75  HOH HOH A . 
B 2 HOH 76  376 76  HOH HOH A . 
B 2 HOH 77  377 77  HOH HOH A . 
B 2 HOH 78  378 78  HOH HOH A . 
B 2 HOH 79  379 79  HOH HOH A . 
B 2 HOH 80  380 80  HOH HOH A . 
B 2 HOH 81  381 81  HOH HOH A . 
B 2 HOH 82  382 82  HOH HOH A . 
B 2 HOH 83  383 83  HOH HOH A . 
B 2 HOH 84  384 84  HOH HOH A . 
B 2 HOH 85  385 85  HOH HOH A . 
B 2 HOH 86  386 86  HOH HOH A . 
B 2 HOH 87  387 87  HOH HOH A . 
B 2 HOH 88  388 88  HOH HOH A . 
B 2 HOH 89  389 89  HOH HOH A . 
B 2 HOH 90  390 90  HOH HOH A . 
B 2 HOH 91  391 91  HOH HOH A . 
B 2 HOH 92  392 93  HOH HOH A . 
B 2 HOH 93  393 94  HOH HOH A . 
B 2 HOH 94  394 95  HOH HOH A . 
B 2 HOH 95  395 96  HOH HOH A . 
B 2 HOH 96  396 97  HOH HOH A . 
B 2 HOH 97  397 98  HOH HOH A . 
B 2 HOH 98  398 99  HOH HOH A . 
B 2 HOH 99  399 100 HOH HOH A . 
B 2 HOH 100 400 101 HOH HOH A . 
B 2 HOH 101 401 102 HOH HOH A . 
B 2 HOH 102 402 103 HOH HOH A . 
B 2 HOH 103 403 104 HOH HOH A . 
B 2 HOH 104 404 105 HOH HOH A . 
B 2 HOH 105 405 106 HOH HOH A . 
B 2 HOH 106 406 107 HOH HOH A . 
B 2 HOH 107 407 108 HOH HOH A . 
B 2 HOH 108 408 109 HOH HOH A . 
B 2 HOH 109 409 110 HOH HOH A . 
B 2 HOH 110 410 111 HOH HOH A . 
B 2 HOH 111 411 112 HOH HOH A . 
B 2 HOH 112 412 113 HOH HOH A . 
B 2 HOH 113 413 114 HOH HOH A . 
B 2 HOH 114 414 115 HOH HOH A . 
B 2 HOH 115 415 116 HOH HOH A . 
B 2 HOH 116 416 118 HOH HOH A . 
B 2 HOH 117 417 119 HOH HOH A . 
B 2 HOH 118 418 120 HOH HOH A . 
B 2 HOH 119 419 121 HOH HOH A . 
B 2 HOH 120 420 122 HOH HOH A . 
B 2 HOH 121 421 123 HOH HOH A . 
B 2 HOH 122 422 124 HOH HOH A . 
B 2 HOH 123 423 125 HOH HOH A . 
B 2 HOH 124 424 126 HOH HOH A . 
B 2 HOH 125 425 127 HOH HOH A . 
B 2 HOH 126 426 128 HOH HOH A . 
B 2 HOH 127 427 129 HOH HOH A . 
B 2 HOH 128 428 130 HOH HOH A . 
B 2 HOH 129 429 131 HOH HOH A . 
B 2 HOH 130 430 132 HOH HOH A . 
B 2 HOH 131 431 133 HOH HOH A . 
B 2 HOH 132 432 134 HOH HOH A . 
B 2 HOH 133 433 135 HOH HOH A . 
B 2 HOH 134 434 136 HOH HOH A . 
B 2 HOH 135 435 137 HOH HOH A . 
B 2 HOH 136 436 138 HOH HOH A . 
B 2 HOH 137 437 139 HOH HOH A . 
B 2 HOH 138 438 140 HOH HOH A . 
B 2 HOH 139 439 141 HOH HOH A . 
B 2 HOH 140 440 142 HOH HOH A . 
B 2 HOH 141 441 143 HOH HOH A . 
B 2 HOH 142 442 144 HOH HOH A . 
B 2 HOH 143 443 145 HOH HOH A . 
B 2 HOH 144 444 146 HOH HOH A . 
B 2 HOH 145 445 148 HOH HOH A . 
B 2 HOH 146 446 149 HOH HOH A . 
B 2 HOH 147 447 150 HOH HOH A . 
B 2 HOH 148 448 151 HOH HOH A . 
B 2 HOH 149 449 152 HOH HOH A . 
B 2 HOH 150 450 153 HOH HOH A . 
B 2 HOH 151 451 154 HOH HOH A . 
B 2 HOH 152 452 155 HOH HOH A . 
B 2 HOH 153 453 156 HOH HOH A . 
# 
loop_
_pdbx_unobs_or_zero_occ_atoms.id 
_pdbx_unobs_or_zero_occ_atoms.PDB_model_num 
_pdbx_unobs_or_zero_occ_atoms.polymer_flag 
_pdbx_unobs_or_zero_occ_atoms.occupancy_flag 
_pdbx_unobs_or_zero_occ_atoms.auth_asym_id 
_pdbx_unobs_or_zero_occ_atoms.auth_comp_id 
_pdbx_unobs_or_zero_occ_atoms.auth_seq_id 
_pdbx_unobs_or_zero_occ_atoms.PDB_ins_code 
_pdbx_unobs_or_zero_occ_atoms.auth_atom_id 
_pdbx_unobs_or_zero_occ_atoms.label_alt_id 
_pdbx_unobs_or_zero_occ_atoms.label_asym_id 
_pdbx_unobs_or_zero_occ_atoms.label_comp_id 
_pdbx_unobs_or_zero_occ_atoms.label_seq_id 
_pdbx_unobs_or_zero_occ_atoms.label_atom_id 
1 1 Y 1 A GLU 12  ? CG  ? A GLU 13  CG  
2 1 Y 1 A GLU 12  ? CD  ? A GLU 13  CD  
3 1 Y 1 A GLU 12  ? OE1 ? A GLU 13  OE1 
4 1 Y 1 A GLU 12  ? OE2 ? A GLU 13  OE2 
5 1 Y 1 A GLN 207 ? CG  ? A GLN 208 CG  
6 1 Y 1 A GLN 207 ? CD  ? A GLN 208 CD  
7 1 Y 1 A GLN 207 ? OE1 ? A GLN 208 OE1 
8 1 Y 1 A GLN 207 ? NE2 ? A GLN 208 NE2 
9 1 Y 1 A SER 208 ? OG  ? A SER 209 OG  
# 
loop_
_software.name 
_software.classification 
_software.version 
_software.citation_id 
_software.pdbx_ordinal 
MAR345dtb 'data collection' .                          ? 1 
PHASER    phasing           .                          ? 2 
PHENIX    refinement        '(phenix.refine: 1.7_650)' ? 3 
MOSFLM    'data reduction'  .                          ? 4 
SCALA     'data scaling'    .                          ? 5 
# 
_cell.entry_id           4DB6 
_cell.length_a           42.960 
_cell.length_b           91.580 
_cell.length_c           92.800 
_cell.angle_alpha        90.00 
_cell.angle_beta         90.00 
_cell.angle_gamma        90.00 
_cell.Z_PDB              8 
_cell.pdbx_unique_axis   ? 
_cell.length_a_esd       ? 
_cell.length_b_esd       ? 
_cell.length_c_esd       ? 
_cell.angle_alpha_esd    ? 
_cell.angle_beta_esd     ? 
_cell.angle_gamma_esd    ? 
# 
_symmetry.entry_id                         4DB6 
_symmetry.space_group_name_H-M             'I 2 2 2' 
_symmetry.pdbx_full_space_group_name_H-M   ? 
_symmetry.cell_setting                     ? 
_symmetry.Int_Tables_number                23 
_symmetry.space_group_name_Hall            ? 
# 
_exptl.entry_id          4DB6 
_exptl.method            'X-RAY DIFFRACTION' 
_exptl.crystals_number   1 
# 
_exptl_crystal.id                    1 
_exptl_crystal.density_meas          ? 
_exptl_crystal.density_Matthews      2.03 
_exptl_crystal.density_percent_sol   39.40 
_exptl_crystal.description           ? 
_exptl_crystal.F_000                 ? 
_exptl_crystal.preparation           ? 
# 
_exptl_crystal_grow.crystal_id      1 
_exptl_crystal_grow.method          'VAPOR DIFFUSION, SITTING DROP' 
_exptl_crystal_grow.temp            293 
_exptl_crystal_grow.temp_details    ? 
_exptl_crystal_grow.pH              7.5 
_exptl_crystal_grow.pdbx_details    '0.1 M HEPES,pH 7.5, 1.4 M sodium citrate, VAPOR DIFFUSION, SITTING DROP, temperature 293K' 
_exptl_crystal_grow.pdbx_pH_range   ? 
# 
_diffrn.id                     1 
_diffrn.ambient_temp           298 
_diffrn.ambient_temp_details   ? 
_diffrn.crystal_id             1 
# 
_diffrn_detector.diffrn_id              1 
_diffrn_detector.detector               CCD 
_diffrn_detector.type                   'MARMOSAIC 225 mm CCD' 
_diffrn_detector.pdbx_collection_date   2010-10-01 
_diffrn_detector.details                Mirrors 
# 
_diffrn_radiation.diffrn_id                        1 
_diffrn_radiation.wavelength_id                    1 
_diffrn_radiation.pdbx_monochromatic_or_laue_m_l   M 
_diffrn_radiation.monochromator                    'Si (111)' 
_diffrn_radiation.pdbx_diffrn_protocol             'SINGLE WAVELENGTH' 
_diffrn_radiation.pdbx_scattering_type             x-ray 
# 
_diffrn_radiation_wavelength.id           1 
_diffrn_radiation_wavelength.wavelength   0.93 
_diffrn_radiation_wavelength.wt           1.0 
# 
_diffrn_source.diffrn_id                   1 
_diffrn_source.source                      SYNCHROTRON 
_diffrn_source.type                        'SLS BEAMLINE X06DA' 
_diffrn_source.pdbx_synchrotron_site       SLS 
_diffrn_source.pdbx_synchrotron_beamline   X06DA 
_diffrn_source.pdbx_wavelength             ? 
_diffrn_source.pdbx_wavelength_list        0.93 
# 
_reflns.entry_id                     4DB6 
_reflns.observed_criterion_sigma_I   2.0 
_reflns.observed_criterion_sigma_F   4.0 
_reflns.d_resolution_low             30 
_reflns.d_resolution_high            1.57 
_reflns.number_obs                   26356 
_reflns.number_all                   ? 
_reflns.percent_possible_obs         98.7 
_reflns.pdbx_Rmerge_I_obs            0.064 
_reflns.pdbx_netI_over_sigmaI        15.5 
_reflns.B_iso_Wilson_estimate        25.1 
_reflns.pdbx_redundancy              7.6 
_reflns.R_free_details               ? 
_reflns.limit_h_max                  ? 
_reflns.limit_h_min                  ? 
_reflns.limit_k_max                  ? 
_reflns.limit_k_min                  ? 
_reflns.limit_l_max                  ? 
_reflns.limit_l_min                  ? 
_reflns.observed_criterion_F_max     ? 
_reflns.observed_criterion_F_min     ? 
_reflns.pdbx_chi_squared             ? 
_reflns.pdbx_scaling_rejects         ? 
_reflns.pdbx_ordinal                 1 
_reflns.pdbx_diffrn_id               1 
_reflns.pdbx_Rsym_value              ? 
# 
_refine.entry_id                                 4DB6 
_refine.ls_number_reflns_obs                     25608 
_refine.ls_number_reflns_all                     ? 
_refine.pdbx_ls_sigma_I                          ? 
_refine.pdbx_ls_sigma_F                          0.00 
_refine.pdbx_data_cutoff_high_absF               ? 
_refine.pdbx_data_cutoff_low_absF                ? 
_refine.pdbx_data_cutoff_high_rms_absF           ? 
_refine.ls_d_res_low                             22.895 
_refine.ls_d_res_high                            1.800 
_refine.ls_percent_reflns_obs                    98.46 
_refine.ls_R_factor_obs                          0.1837 
_refine.ls_R_factor_R_work                       0.1815 
_refine.ls_R_factor_R_free                       0.2231 
_refine.ls_R_factor_R_free_error                 ? 
_refine.ls_R_factor_R_free_error_details         ? 
_refine.ls_percent_reflns_R_free                 5.04 
_refine.ls_number_reflns_R_free                  862 
_refine.ls_number_parameters                     ? 
_refine.ls_number_restraints                     ? 
_refine.occupancy_min                            ? 
_refine.occupancy_max                            ? 
_refine.correlation_coeff_Fo_to_Fc               ? 
_refine.correlation_coeff_Fo_to_Fc_free          ? 
_refine.B_iso_mean                               30.5164 
_refine.aniso_B[1][1]                            -2.6170 
_refine.aniso_B[2][2]                            5.9268 
_refine.aniso_B[3][3]                            -3.3098 
_refine.aniso_B[1][2]                            0.0000 
_refine.aniso_B[1][3]                            -0.0000 
_refine.aniso_B[2][3]                            -0.0000 
_refine.solvent_model_details                    'FLAT BULK SOLVENT MODEL' 
_refine.solvent_model_param_ksol                 0.400 
_refine.solvent_model_param_bsol                 60.783 
_refine.pdbx_solvent_vdw_probe_radii             1.00 
_refine.pdbx_solvent_ion_probe_radii             ? 
_refine.pdbx_solvent_shrinkage_radii             0.72 
_refine.pdbx_ls_cross_valid_method               ? 
_refine.details                                  ? 
_refine.pdbx_starting_model                      ? 
_refine.pdbx_method_to_determine_struct          'MOLECULAR REPLACEMENT' 
_refine.pdbx_isotropic_thermal_model             ? 
_refine.pdbx_stereochemistry_target_values       MLHL 
_refine.pdbx_stereochem_target_val_spec_case     ? 
_refine.pdbx_R_Free_selection_details            random 
_refine.pdbx_overall_ESU_R                       ? 
_refine.pdbx_overall_ESU_R_Free                  ? 
_refine.overall_SU_ML                            0.19 
_refine.pdbx_overall_phase_error                 20.34 
_refine.overall_SU_B                             ? 
_refine.overall_SU_R_Cruickshank_DPI             ? 
_refine.ls_redundancy_reflns_obs                 ? 
_refine.B_iso_min                                ? 
_refine.B_iso_max                                ? 
_refine.overall_SU_R_free                        ? 
_refine.ls_wR_factor_R_free                      ? 
_refine.ls_wR_factor_R_work                      ? 
_refine.overall_FOM_free_R_set                   ? 
_refine.overall_FOM_work_R_set                   ? 
_refine.pdbx_diffrn_id                           1 
_refine.pdbx_refine_id                           'X-RAY DIFFRACTION' 
_refine.ls_R_factor_all                          ? 
_refine.pdbx_TLS_residual_ADP_flag               ? 
_refine.pdbx_overall_SU_R_free_Cruickshank_DPI   ? 
_refine.pdbx_overall_SU_R_Blow_DPI               ? 
_refine.pdbx_overall_SU_R_free_Blow_DPI          ? 
# 
_refine_hist.pdbx_refine_id                   'X-RAY DIFFRACTION' 
_refine_hist.cycle_id                         LAST 
_refine_hist.pdbx_number_atoms_protein        1462 
_refine_hist.pdbx_number_atoms_nucleic_acid   0 
_refine_hist.pdbx_number_atoms_ligand         0 
_refine_hist.number_atoms_solvent             153 
_refine_hist.number_atoms_total               1615 
_refine_hist.d_res_high                       1.800 
_refine_hist.d_res_low                        22.895 
# 
loop_
_refine_ls_restr.type 
_refine_ls_restr.dev_ideal 
_refine_ls_restr.dev_ideal_target 
_refine_ls_restr.weight 
_refine_ls_restr.number 
_refine_ls_restr.pdbx_restraint_function 
_refine_ls_restr.pdbx_refine_id 
f_bond_d           0.006  ? ? 1587 ? 'X-RAY DIFFRACTION' 
f_angle_d          0.951  ? ? 2181 ? 'X-RAY DIFFRACTION' 
f_dihedral_angle_d 15.761 ? ? 601  ? 'X-RAY DIFFRACTION' 
f_chiral_restr     0.064  ? ? 251  ? 'X-RAY DIFFRACTION' 
f_plane_restr      0.005  ? ? 298  ? 'X-RAY DIFFRACTION' 
# 
loop_
_refine_ls_shell.pdbx_total_number_of_bins_used 
_refine_ls_shell.d_res_high 
_refine_ls_shell.d_res_low 
_refine_ls_shell.number_reflns_R_work 
_refine_ls_shell.R_factor_R_work 
_refine_ls_shell.percent_reflns_obs 
_refine_ls_shell.R_factor_R_free 
_refine_ls_shell.R_factor_R_free_error 
_refine_ls_shell.percent_reflns_R_free 
_refine_ls_shell.number_reflns_R_free 
_refine_ls_shell.number_reflns_all 
_refine_ls_shell.R_factor_all 
_refine_ls_shell.number_reflns_obs 
_refine_ls_shell.redundancy_reflns_obs 
_refine_ls_shell.pdbx_refine_id 
. 1.8000 1.9128  2611 0.1969 97.00  0.2491 . . 149 . . . . 'X-RAY DIFFRACTION' 
. 1.9128 2.0604  2665 0.1785 99.00  0.2471 . . 147 . . . . 'X-RAY DIFFRACTION' 
. 2.0604 2.2675  2706 0.1625 99.00  0.2021 . . 126 . . . . 'X-RAY DIFFRACTION' 
. 2.2675 2.5953  2728 0.1703 100.00 0.2059 . . 144 . . . . 'X-RAY DIFFRACTION' 
. 2.5953 3.2682  2772 0.1858 100.00 0.2483 . . 148 . . . . 'X-RAY DIFFRACTION' 
. 3.2682 22.8968 2770 0.1869 96.00  0.2139 . . 148 . . . . 'X-RAY DIFFRACTION' 
# 
_struct.entry_id                  4DB6 
_struct.title                     'Designed Armadillo repeat protein (YIIIM3AII)' 
_struct.pdbx_model_details        ? 
_struct.pdbx_CASP_flag            ? 
_struct.pdbx_model_type_details   ? 
# 
_struct_keywords.entry_id        4DB6 
_struct_keywords.pdbx_keywords   'DE NOVO PROTEIN' 
_struct_keywords.text            'Solenoid repeat, Armadillo repeat motif, DE NOVO PROTEIN' 
# 
loop_
_struct_asym.id 
_struct_asym.pdbx_blank_PDB_chainid_flag 
_struct_asym.pdbx_modified 
_struct_asym.entity_id 
_struct_asym.details 
A N N 1 ? 
B N N 2 ? 
# 
_struct_ref.id                         1 
_struct_ref.db_name                    PDB 
_struct_ref.db_code                    4DB6 
_struct_ref.pdbx_db_accession          4DB6 
_struct_ref.entity_id                  1 
_struct_ref.pdbx_seq_one_letter_code   
;MRGSHHHHHHGSELPQMVQQLNSPDQQELQSALRKLSQIASGGNEQIQAVIDAGALPALVQLLSSPNEQILQEALWALSN
IASGGNEQIQAVIDAGALPALVQLLSSPNEQILQEALWALSNIASGGNEQIQAVIDAGALPALVQLLSSPNEQILQEALW
ALSNIASGGNEQKQAVKEAGALEKLEQLQSHENEKIQKEAQEALEKLQSH
;
_struct_ref.pdbx_align_begin           ? 
_struct_ref.pdbx_db_isoform            ? 
# 
_struct_ref_seq.align_id                      1 
_struct_ref_seq.ref_id                        1 
_struct_ref_seq.pdbx_PDB_id_code              4DB6 
_struct_ref_seq.pdbx_strand_id                A 
_struct_ref_seq.seq_align_beg                 1 
_struct_ref_seq.pdbx_seq_align_beg_ins_code   ? 
_struct_ref_seq.seq_align_end                 210 
_struct_ref_seq.pdbx_seq_align_end_ins_code   ? 
_struct_ref_seq.pdbx_db_accession             4DB6 
_struct_ref_seq.db_align_beg                  0 
_struct_ref_seq.pdbx_db_align_beg_ins_code    ? 
_struct_ref_seq.db_align_end                  209 
_struct_ref_seq.pdbx_db_align_end_ins_code    ? 
_struct_ref_seq.pdbx_auth_seq_align_beg       0 
_struct_ref_seq.pdbx_auth_seq_align_end       209 
# 
_pdbx_struct_assembly.id                   1 
_pdbx_struct_assembly.details              author_and_software_defined_assembly 
_pdbx_struct_assembly.method_details       PISA 
_pdbx_struct_assembly.oligomeric_details   monomeric 
_pdbx_struct_assembly.oligomeric_count     1 
# 
_pdbx_struct_assembly_gen.assembly_id       1 
_pdbx_struct_assembly_gen.oper_expression   1 
_pdbx_struct_assembly_gen.asym_id_list      A,B 
# 
_pdbx_struct_oper_list.id                   1 
_pdbx_struct_oper_list.type                 'identity operation' 
_pdbx_struct_oper_list.name                 1_555 
_pdbx_struct_oper_list.symmetry_operation   x,y,z 
_pdbx_struct_oper_list.matrix[1][1]         1.0000000000 
_pdbx_struct_oper_list.matrix[1][2]         0.0000000000 
_pdbx_struct_oper_list.matrix[1][3]         0.0000000000 
_pdbx_struct_oper_list.vector[1]            0.0000000000 
_pdbx_struct_oper_list.matrix[2][1]         0.0000000000 
_pdbx_struct_oper_list.matrix[2][2]         1.0000000000 
_pdbx_struct_oper_list.matrix[2][3]         0.0000000000 
_pdbx_struct_oper_list.vector[2]            0.0000000000 
_pdbx_struct_oper_list.matrix[3][1]         0.0000000000 
_pdbx_struct_oper_list.matrix[3][2]         0.0000000000 
_pdbx_struct_oper_list.matrix[3][3]         1.0000000000 
_pdbx_struct_oper_list.vector[3]            0.0000000000 
# 
_struct_biol.id        1 
_struct_biol.details   ? 
# 
loop_
_struct_conf.conf_type_id 
_struct_conf.id 
_struct_conf.pdbx_PDB_helix_id 
_struct_conf.beg_label_comp_id 
_struct_conf.beg_label_asym_id 
_struct_conf.beg_label_seq_id 
_struct_conf.pdbx_beg_PDB_ins_code 
_struct_conf.end_label_comp_id 
_struct_conf.end_label_asym_id 
_struct_conf.end_label_seq_id 
_struct_conf.pdbx_end_PDB_ins_code 
_struct_conf.beg_auth_comp_id 
_struct_conf.beg_auth_asym_id 
_struct_conf.beg_auth_seq_id 
_struct_conf.end_auth_comp_id 
_struct_conf.end_auth_asym_id 
_struct_conf.end_auth_seq_id 
_struct_conf.pdbx_PDB_helix_class 
_struct_conf.details 
_struct_conf.pdbx_PDB_helix_length 
HELX_P HELX_P1  1  GLU A 13  ? LEU A 21  ? GLU A 12  LEU A 20  1 ? 9  
HELX_P HELX_P2  2  ASP A 25  ? SER A 41  ? ASP A 24  SER A 40  1 ? 17 
HELX_P HELX_P3  3  GLY A 43  ? ALA A 53  ? GLY A 42  ALA A 52  1 ? 11 
HELX_P HELX_P4  4  GLY A 54  ? LEU A 63  ? GLY A 53  LEU A 62  1 ? 10 
HELX_P HELX_P5  5  ASN A 67  ? ALA A 82  ? ASN A 66  ALA A 81  1 ? 16 
HELX_P HELX_P6  6  GLY A 85  ? ALA A 95  ? GLY A 84  ALA A 94  1 ? 11 
HELX_P HELX_P7  7  ALA A 97  ? LEU A 105 ? ALA A 96  LEU A 104 1 ? 9  
HELX_P HELX_P8  8  ASN A 109 ? ALA A 124 ? ASN A 108 ALA A 123 1 ? 16 
HELX_P HELX_P9  9  GLY A 127 ? ALA A 137 ? GLY A 126 ALA A 136 1 ? 11 
HELX_P HELX_P10 10 GLY A 138 ? LEU A 147 ? GLY A 137 LEU A 146 1 ? 10 
HELX_P HELX_P11 11 ASN A 151 ? SER A 167 ? ASN A 150 SER A 166 1 ? 17 
HELX_P HELX_P12 12 GLY A 169 ? ALA A 179 ? GLY A 168 ALA A 178 1 ? 11 
HELX_P HELX_P13 13 GLY A 180 ? LEU A 188 ? GLY A 179 LEU A 187 1 ? 9  
HELX_P HELX_P14 14 GLN A 189 ? HIS A 191 ? GLN A 188 HIS A 190 5 ? 3  
HELX_P HELX_P15 15 ASN A 193 ? GLN A 208 ? ASN A 192 GLN A 207 1 ? 16 
# 
_struct_conf_type.id          HELX_P 
_struct_conf_type.criteria    ? 
_struct_conf_type.reference   ? 
# 
loop_
_pdbx_struct_special_symmetry.id 
_pdbx_struct_special_symmetry.PDB_model_num 
_pdbx_struct_special_symmetry.auth_asym_id 
_pdbx_struct_special_symmetry.auth_comp_id 
_pdbx_struct_special_symmetry.auth_seq_id 
_pdbx_struct_special_symmetry.PDB_ins_code 
_pdbx_struct_special_symmetry.label_asym_id 
_pdbx_struct_special_symmetry.label_comp_id 
_pdbx_struct_special_symmetry.label_seq_id 
1 1 A HOH 401 ? B HOH . 
2 1 A HOH 425 ? B HOH . 
3 1 A HOH 440 ? B HOH . 
# 
loop_
_pdbx_unobs_or_zero_occ_residues.id 
_pdbx_unobs_or_zero_occ_residues.PDB_model_num 
_pdbx_unobs_or_zero_occ_residues.polymer_flag 
_pdbx_unobs_or_zero_occ_residues.occupancy_flag 
_pdbx_unobs_or_zero_occ_residues.auth_asym_id 
_pdbx_unobs_or_zero_occ_residues.auth_comp_id 
_pdbx_unobs_or_zero_occ_residues.auth_seq_id 
_pdbx_unobs_or_zero_occ_residues.PDB_ins_code 
_pdbx_unobs_or_zero_occ_residues.label_asym_id 
_pdbx_unobs_or_zero_occ_residues.label_comp_id 
_pdbx_unobs_or_zero_occ_residues.label_seq_id 
1  1 Y 1 A MET 0   ? A MET 1   
2  1 Y 1 A ARG 1   ? A ARG 2   
3  1 Y 1 A GLY 2   ? A GLY 3   
4  1 Y 1 A SER 3   ? A SER 4   
5  1 Y 1 A HIS 4   ? A HIS 5   
6  1 Y 1 A HIS 5   ? A HIS 6   
7  1 Y 1 A HIS 6   ? A HIS 7   
8  1 Y 1 A HIS 7   ? A HIS 8   
9  1 Y 1 A HIS 8   ? A HIS 9   
10 1 Y 1 A HIS 9   ? A HIS 10  
11 1 Y 1 A GLY 10  ? A GLY 11  
12 1 Y 1 A SER 11  ? A SER 12  
13 1 Y 1 A HIS 209 ? A HIS 210 
# 
loop_
_chem_comp_atom.comp_id 
_chem_comp_atom.atom_id 
_chem_comp_atom.type_symbol 
_chem_comp_atom.pdbx_aromatic_flag 
_chem_comp_atom.pdbx_stereo_config 
_chem_comp_atom.pdbx_ordinal 
ALA N    N N N 1   
ALA CA   C N S 2   
ALA C    C N N 3   
ALA O    O N N 4   
ALA CB   C N N 5   
ALA OXT  O N N 6   
ALA H    H N N 7   
ALA H2   H N N 8   
ALA HA   H N N 9   
ALA HB1  H N N 10  
ALA HB2  H N N 11  
ALA HB3  H N N 12  
ALA HXT  H N N 13  
ARG N    N N N 14  
ARG CA   C N S 15  
ARG C    C N N 16  
ARG O    O N N 17  
ARG CB   C N N 18  
ARG CG   C N N 19  
ARG CD   C N N 20  
ARG NE   N N N 21  
ARG CZ   C N N 22  
ARG NH1  N N N 23  
ARG NH2  N N N 24  
ARG OXT  O N N 25  
ARG H    H N N 26  
ARG H2   H N N 27  
ARG HA   H N N 28  
ARG HB2  H N N 29  
ARG HB3  H N N 30  
ARG HG2  H N N 31  
ARG HG3  H N N 32  
ARG HD2  H N N 33  
ARG HD3  H N N 34  
ARG HE   H N N 35  
ARG HH11 H N N 36  
ARG HH12 H N N 37  
ARG HH21 H N N 38  
ARG HH22 H N N 39  
ARG HXT  H N N 40  
ASN N    N N N 41  
ASN CA   C N S 42  
ASN C    C N N 43  
ASN O    O N N 44  
ASN CB   C N N 45  
ASN CG   C N N 46  
ASN OD1  O N N 47  
ASN ND2  N N N 48  
ASN OXT  O N N 49  
ASN H    H N N 50  
ASN H2   H N N 51  
ASN HA   H N N 52  
ASN HB2  H N N 53  
ASN HB3  H N N 54  
ASN HD21 H N N 55  
ASN HD22 H N N 56  
ASN HXT  H N N 57  
ASP N    N N N 58  
ASP CA   C N S 59  
ASP C    C N N 60  
ASP O    O N N 61  
ASP CB   C N N 62  
ASP CG   C N N 63  
ASP OD1  O N N 64  
ASP OD2  O N N 65  
ASP OXT  O N N 66  
ASP H    H N N 67  
ASP H2   H N N 68  
ASP HA   H N N 69  
ASP HB2  H N N 70  
ASP HB3  H N N 71  
ASP HD2  H N N 72  
ASP HXT  H N N 73  
GLN N    N N N 74  
GLN CA   C N S 75  
GLN C    C N N 76  
GLN O    O N N 77  
GLN CB   C N N 78  
GLN CG   C N N 79  
GLN CD   C N N 80  
GLN OE1  O N N 81  
GLN NE2  N N N 82  
GLN OXT  O N N 83  
GLN H    H N N 84  
GLN H2   H N N 85  
GLN HA   H N N 86  
GLN HB2  H N N 87  
GLN HB3  H N N 88  
GLN HG2  H N N 89  
GLN HG3  H N N 90  
GLN HE21 H N N 91  
GLN HE22 H N N 92  
GLN HXT  H N N 93  
GLU N    N N N 94  
GLU CA   C N S 95  
GLU C    C N N 96  
GLU O    O N N 97  
GLU CB   C N N 98  
GLU CG   C N N 99  
GLU CD   C N N 100 
GLU OE1  O N N 101 
GLU OE2  O N N 102 
GLU OXT  O N N 103 
GLU H    H N N 104 
GLU H2   H N N 105 
GLU HA   H N N 106 
GLU HB2  H N N 107 
GLU HB3  H N N 108 
GLU HG2  H N N 109 
GLU HG3  H N N 110 
GLU HE2  H N N 111 
GLU HXT  H N N 112 
GLY N    N N N 113 
GLY CA   C N N 114 
GLY C    C N N 115 
GLY O    O N N 116 
GLY OXT  O N N 117 
GLY H    H N N 118 
GLY H2   H N N 119 
GLY HA2  H N N 120 
GLY HA3  H N N 121 
GLY HXT  H N N 122 
HIS N    N N N 123 
HIS CA   C N S 124 
HIS C    C N N 125 
HIS O    O N N 126 
HIS CB   C N N 127 
HIS CG   C Y N 128 
HIS ND1  N Y N 129 
HIS CD2  C Y N 130 
HIS CE1  C Y N 131 
HIS NE2  N Y N 132 
HIS OXT  O N N 133 
HIS H    H N N 134 
HIS H2   H N N 135 
HIS HA   H N N 136 
HIS HB2  H N N 137 
HIS HB3  H N N 138 
HIS HD1  H N N 139 
HIS HD2  H N N 140 
HIS HE1  H N N 141 
HIS HE2  H N N 142 
HIS HXT  H N N 143 
HOH O    O N N 144 
HOH H1   H N N 145 
HOH H2   H N N 146 
ILE N    N N N 147 
ILE CA   C N S 148 
ILE C    C N N 149 
ILE O    O N N 150 
ILE CB   C N S 151 
ILE CG1  C N N 152 
ILE CG2  C N N 153 
ILE CD1  C N N 154 
ILE OXT  O N N 155 
ILE H    H N N 156 
ILE H2   H N N 157 
ILE HA   H N N 158 
ILE HB   H N N 159 
ILE HG12 H N N 160 
ILE HG13 H N N 161 
ILE HG21 H N N 162 
ILE HG22 H N N 163 
ILE HG23 H N N 164 
ILE HD11 H N N 165 
ILE HD12 H N N 166 
ILE HD13 H N N 167 
ILE HXT  H N N 168 
LEU N    N N N 169 
LEU CA   C N S 170 
LEU C    C N N 171 
LEU O    O N N 172 
LEU CB   C N N 173 
LEU CG   C N N 174 
LEU CD1  C N N 175 
LEU CD2  C N N 176 
LEU OXT  O N N 177 
LEU H    H N N 178 
LEU H2   H N N 179 
LEU HA   H N N 180 
LEU HB2  H N N 181 
LEU HB3  H N N 182 
LEU HG   H N N 183 
LEU HD11 H N N 184 
LEU HD12 H N N 185 
LEU HD13 H N N 186 
LEU HD21 H N N 187 
LEU HD22 H N N 188 
LEU HD23 H N N 189 
LEU HXT  H N N 190 
LYS N    N N N 191 
LYS CA   C N S 192 
LYS C    C N N 193 
LYS O    O N N 194 
LYS CB   C N N 195 
LYS CG   C N N 196 
LYS CD   C N N 197 
LYS CE   C N N 198 
LYS NZ   N N N 199 
LYS OXT  O N N 200 
LYS H    H N N 201 
LYS H2   H N N 202 
LYS HA   H N N 203 
LYS HB2  H N N 204 
LYS HB3  H N N 205 
LYS HG2  H N N 206 
LYS HG3  H N N 207 
LYS HD2  H N N 208 
LYS HD3  H N N 209 
LYS HE2  H N N 210 
LYS HE3  H N N 211 
LYS HZ1  H N N 212 
LYS HZ2  H N N 213 
LYS HZ3  H N N 214 
LYS HXT  H N N 215 
MET N    N N N 216 
MET CA   C N S 217 
MET C    C N N 218 
MET O    O N N 219 
MET CB   C N N 220 
MET CG   C N N 221 
MET SD   S N N 222 
MET CE   C N N 223 
MET OXT  O N N 224 
MET H    H N N 225 
MET H2   H N N 226 
MET HA   H N N 227 
MET HB2  H N N 228 
MET HB3  H N N 229 
MET HG2  H N N 230 
MET HG3  H N N 231 
MET HE1  H N N 232 
MET HE2  H N N 233 
MET HE3  H N N 234 
MET HXT  H N N 235 
PRO N    N N N 236 
PRO CA   C N S 237 
PRO C    C N N 238 
PRO O    O N N 239 
PRO CB   C N N 240 
PRO CG   C N N 241 
PRO CD   C N N 242 
PRO OXT  O N N 243 
PRO H    H N N 244 
PRO HA   H N N 245 
PRO HB2  H N N 246 
PRO HB3  H N N 247 
PRO HG2  H N N 248 
PRO HG3  H N N 249 
PRO HD2  H N N 250 
PRO HD3  H N N 251 
PRO HXT  H N N 252 
SER N    N N N 253 
SER CA   C N S 254 
SER C    C N N 255 
SER O    O N N 256 
SER CB   C N N 257 
SER OG   O N N 258 
SER OXT  O N N 259 
SER H    H N N 260 
SER H2   H N N 261 
SER HA   H N N 262 
SER HB2  H N N 263 
SER HB3  H N N 264 
SER HG   H N N 265 
SER HXT  H N N 266 
TRP N    N N N 267 
TRP CA   C N S 268 
TRP C    C N N 269 
TRP O    O N N 270 
TRP CB   C N N 271 
TRP CG   C Y N 272 
TRP CD1  C Y N 273 
TRP CD2  C Y N 274 
TRP NE1  N Y N 275 
TRP CE2  C Y N 276 
TRP CE3  C Y N 277 
TRP CZ2  C Y N 278 
TRP CZ3  C Y N 279 
TRP CH2  C Y N 280 
TRP OXT  O N N 281 
TRP H    H N N 282 
TRP H2   H N N 283 
TRP HA   H N N 284 
TRP HB2  H N N 285 
TRP HB3  H N N 286 
TRP HD1  H N N 287 
TRP HE1  H N N 288 
TRP HE3  H N N 289 
TRP HZ2  H N N 290 
TRP HZ3  H N N 291 
TRP HH2  H N N 292 
TRP HXT  H N N 293 
VAL N    N N N 294 
VAL CA   C N S 295 
VAL C    C N N 296 
VAL O    O N N 297 
VAL CB   C N N 298 
VAL CG1  C N N 299 
VAL CG2  C N N 300 
VAL OXT  O N N 301 
VAL H    H N N 302 
VAL H2   H N N 303 
VAL HA   H N N 304 
VAL HB   H N N 305 
VAL HG11 H N N 306 
VAL HG12 H N N 307 
VAL HG13 H N N 308 
VAL HG21 H N N 309 
VAL HG22 H N N 310 
VAL HG23 H N N 311 
VAL HXT  H N N 312 
# 
loop_
_chem_comp_bond.comp_id 
_chem_comp_bond.atom_id_1 
_chem_comp_bond.atom_id_2 
_chem_comp_bond.value_order 
_chem_comp_bond.pdbx_aromatic_flag 
_chem_comp_bond.pdbx_stereo_config 
_chem_comp_bond.pdbx_ordinal 
ALA N   CA   sing N N 1   
ALA N   H    sing N N 2   
ALA N   H2   sing N N 3   
ALA CA  C    sing N N 4   
ALA CA  CB   sing N N 5   
ALA CA  HA   sing N N 6   
ALA C   O    doub N N 7   
ALA C   OXT  sing N N 8   
ALA CB  HB1  sing N N 9   
ALA CB  HB2  sing N N 10  
ALA CB  HB3  sing N N 11  
ALA OXT HXT  sing N N 12  
ARG N   CA   sing N N 13  
ARG N   H    sing N N 14  
ARG N   H2   sing N N 15  
ARG CA  C    sing N N 16  
ARG CA  CB   sing N N 17  
ARG CA  HA   sing N N 18  
ARG C   O    doub N N 19  
ARG C   OXT  sing N N 20  
ARG CB  CG   sing N N 21  
ARG CB  HB2  sing N N 22  
ARG CB  HB3  sing N N 23  
ARG CG  CD   sing N N 24  
ARG CG  HG2  sing N N 25  
ARG CG  HG3  sing N N 26  
ARG CD  NE   sing N N 27  
ARG CD  HD2  sing N N 28  
ARG CD  HD3  sing N N 29  
ARG NE  CZ   sing N N 30  
ARG NE  HE   sing N N 31  
ARG CZ  NH1  sing N N 32  
ARG CZ  NH2  doub N N 33  
ARG NH1 HH11 sing N N 34  
ARG NH1 HH12 sing N N 35  
ARG NH2 HH21 sing N N 36  
ARG NH2 HH22 sing N N 37  
ARG OXT HXT  sing N N 38  
ASN N   CA   sing N N 39  
ASN N   H    sing N N 40  
ASN N   H2   sing N N 41  
ASN CA  C    sing N N 42  
ASN CA  CB   sing N N 43  
ASN CA  HA   sing N N 44  
ASN C   O    doub N N 45  
ASN C   OXT  sing N N 46  
ASN CB  CG   sing N N 47  
ASN CB  HB2  sing N N 48  
ASN CB  HB3  sing N N 49  
ASN CG  OD1  doub N N 50  
ASN CG  ND2  sing N N 51  
ASN ND2 HD21 sing N N 52  
ASN ND2 HD22 sing N N 53  
ASN OXT HXT  sing N N 54  
ASP N   CA   sing N N 55  
ASP N   H    sing N N 56  
ASP N   H2   sing N N 57  
ASP CA  C    sing N N 58  
ASP CA  CB   sing N N 59  
ASP CA  HA   sing N N 60  
ASP C   O    doub N N 61  
ASP C   OXT  sing N N 62  
ASP CB  CG   sing N N 63  
ASP CB  HB2  sing N N 64  
ASP CB  HB3  sing N N 65  
ASP CG  OD1  doub N N 66  
ASP CG  OD2  sing N N 67  
ASP OD2 HD2  sing N N 68  
ASP OXT HXT  sing N N 69  
GLN N   CA   sing N N 70  
GLN N   H    sing N N 71  
GLN N   H2   sing N N 72  
GLN CA  C    sing N N 73  
GLN CA  CB   sing N N 74  
GLN CA  HA   sing N N 75  
GLN C   O    doub N N 76  
GLN C   OXT  sing N N 77  
GLN CB  CG   sing N N 78  
GLN CB  HB2  sing N N 79  
GLN CB  HB3  sing N N 80  
GLN CG  CD   sing N N 81  
GLN CG  HG2  sing N N 82  
GLN CG  HG3  sing N N 83  
GLN CD  OE1  doub N N 84  
GLN CD  NE2  sing N N 85  
GLN NE2 HE21 sing N N 86  
GLN NE2 HE22 sing N N 87  
GLN OXT HXT  sing N N 88  
GLU N   CA   sing N N 89  
GLU N   H    sing N N 90  
GLU N   H2   sing N N 91  
GLU CA  C    sing N N 92  
GLU CA  CB   sing N N 93  
GLU CA  HA   sing N N 94  
GLU C   O    doub N N 95  
GLU C   OXT  sing N N 96  
GLU CB  CG   sing N N 97  
GLU CB  HB2  sing N N 98  
GLU CB  HB3  sing N N 99  
GLU CG  CD   sing N N 100 
GLU CG  HG2  sing N N 101 
GLU CG  HG3  sing N N 102 
GLU CD  OE1  doub N N 103 
GLU CD  OE2  sing N N 104 
GLU OE2 HE2  sing N N 105 
GLU OXT HXT  sing N N 106 
GLY N   CA   sing N N 107 
GLY N   H    sing N N 108 
GLY N   H2   sing N N 109 
GLY CA  C    sing N N 110 
GLY CA  HA2  sing N N 111 
GLY CA  HA3  sing N N 112 
GLY C   O    doub N N 113 
GLY C   OXT  sing N N 114 
GLY OXT HXT  sing N N 115 
HIS N   CA   sing N N 116 
HIS N   H    sing N N 117 
HIS N   H2   sing N N 118 
HIS CA  C    sing N N 119 
HIS CA  CB   sing N N 120 
HIS CA  HA   sing N N 121 
HIS C   O    doub N N 122 
HIS C   OXT  sing N N 123 
HIS CB  CG   sing N N 124 
HIS CB  HB2  sing N N 125 
HIS CB  HB3  sing N N 126 
HIS CG  ND1  sing Y N 127 
HIS CG  CD2  doub Y N 128 
HIS ND1 CE1  doub Y N 129 
HIS ND1 HD1  sing N N 130 
HIS CD2 NE2  sing Y N 131 
HIS CD2 HD2  sing N N 132 
HIS CE1 NE2  sing Y N 133 
HIS CE1 HE1  sing N N 134 
HIS NE2 HE2  sing N N 135 
HIS OXT HXT  sing N N 136 
HOH O   H1   sing N N 137 
HOH O   H2   sing N N 138 
ILE N   CA   sing N N 139 
ILE N   H    sing N N 140 
ILE N   H2   sing N N 141 
ILE CA  C    sing N N 142 
ILE CA  CB   sing N N 143 
ILE CA  HA   sing N N 144 
ILE C   O    doub N N 145 
ILE C   OXT  sing N N 146 
ILE CB  CG1  sing N N 147 
ILE CB  CG2  sing N N 148 
ILE CB  HB   sing N N 149 
ILE CG1 CD1  sing N N 150 
ILE CG1 HG12 sing N N 151 
ILE CG1 HG13 sing N N 152 
ILE CG2 HG21 sing N N 153 
ILE CG2 HG22 sing N N 154 
ILE CG2 HG23 sing N N 155 
ILE CD1 HD11 sing N N 156 
ILE CD1 HD12 sing N N 157 
ILE CD1 HD13 sing N N 158 
ILE OXT HXT  sing N N 159 
LEU N   CA   sing N N 160 
LEU N   H    sing N N 161 
LEU N   H2   sing N N 162 
LEU CA  C    sing N N 163 
LEU CA  CB   sing N N 164 
LEU CA  HA   sing N N 165 
LEU C   O    doub N N 166 
LEU C   OXT  sing N N 167 
LEU CB  CG   sing N N 168 
LEU CB  HB2  sing N N 169 
LEU CB  HB3  sing N N 170 
LEU CG  CD1  sing N N 171 
LEU CG  CD2  sing N N 172 
LEU CG  HG   sing N N 173 
LEU CD1 HD11 sing N N 174 
LEU CD1 HD12 sing N N 175 
LEU CD1 HD13 sing N N 176 
LEU CD2 HD21 sing N N 177 
LEU CD2 HD22 sing N N 178 
LEU CD2 HD23 sing N N 179 
LEU OXT HXT  sing N N 180 
LYS N   CA   sing N N 181 
LYS N   H    sing N N 182 
LYS N   H2   sing N N 183 
LYS CA  C    sing N N 184 
LYS CA  CB   sing N N 185 
LYS CA  HA   sing N N 186 
LYS C   O    doub N N 187 
LYS C   OXT  sing N N 188 
LYS CB  CG   sing N N 189 
LYS CB  HB2  sing N N 190 
LYS CB  HB3  sing N N 191 
LYS CG  CD   sing N N 192 
LYS CG  HG2  sing N N 193 
LYS CG  HG3  sing N N 194 
LYS CD  CE   sing N N 195 
LYS CD  HD2  sing N N 196 
LYS CD  HD3  sing N N 197 
LYS CE  NZ   sing N N 198 
LYS CE  HE2  sing N N 199 
LYS CE  HE3  sing N N 200 
LYS NZ  HZ1  sing N N 201 
LYS NZ  HZ2  sing N N 202 
LYS NZ  HZ3  sing N N 203 
LYS OXT HXT  sing N N 204 
MET N   CA   sing N N 205 
MET N   H    sing N N 206 
MET N   H2   sing N N 207 
MET CA  C    sing N N 208 
MET CA  CB   sing N N 209 
MET CA  HA   sing N N 210 
MET C   O    doub N N 211 
MET C   OXT  sing N N 212 
MET CB  CG   sing N N 213 
MET CB  HB2  sing N N 214 
MET CB  HB3  sing N N 215 
MET CG  SD   sing N N 216 
MET CG  HG2  sing N N 217 
MET CG  HG3  sing N N 218 
MET SD  CE   sing N N 219 
MET CE  HE1  sing N N 220 
MET CE  HE2  sing N N 221 
MET CE  HE3  sing N N 222 
MET OXT HXT  sing N N 223 
PRO N   CA   sing N N 224 
PRO N   CD   sing N N 225 
PRO N   H    sing N N 226 
PRO CA  C    sing N N 227 
PRO CA  CB   sing N N 228 
PRO CA  HA   sing N N 229 
PRO C   O    doub N N 230 
PRO C   OXT  sing N N 231 
PRO CB  CG   sing N N 232 
PRO CB  HB2  sing N N 233 
PRO CB  HB3  sing N N 234 
PRO CG  CD   sing N N 235 
PRO CG  HG2  sing N N 236 
PRO CG  HG3  sing N N 237 
PRO CD  HD2  sing N N 238 
PRO CD  HD3  sing N N 239 
PRO OXT HXT  sing N N 240 
SER N   CA   sing N N 241 
SER N   H    sing N N 242 
SER N   H2   sing N N 243 
SER CA  C    sing N N 244 
SER CA  CB   sing N N 245 
SER CA  HA   sing N N 246 
SER C   O    doub N N 247 
SER C   OXT  sing N N 248 
SER CB  OG   sing N N 249 
SER CB  HB2  sing N N 250 
SER CB  HB3  sing N N 251 
SER OG  HG   sing N N 252 
SER OXT HXT  sing N N 253 
TRP N   CA   sing N N 254 
TRP N   H    sing N N 255 
TRP N   H2   sing N N 256 
TRP CA  C    sing N N 257 
TRP CA  CB   sing N N 258 
TRP CA  HA   sing N N 259 
TRP C   O    doub N N 260 
TRP C   OXT  sing N N 261 
TRP CB  CG   sing N N 262 
TRP CB  HB2  sing N N 263 
TRP CB  HB3  sing N N 264 
TRP CG  CD1  doub Y N 265 
TRP CG  CD2  sing Y N 266 
TRP CD1 NE1  sing Y N 267 
TRP CD1 HD1  sing N N 268 
TRP CD2 CE2  doub Y N 269 
TRP CD2 CE3  sing Y N 270 
TRP NE1 CE2  sing Y N 271 
TRP NE1 HE1  sing N N 272 
TRP CE2 CZ2  sing Y N 273 
TRP CE3 CZ3  doub Y N 274 
TRP CE3 HE3  sing N N 275 
TRP CZ2 CH2  doub Y N 276 
TRP CZ2 HZ2  sing N N 277 
TRP CZ3 CH2  sing Y N 278 
TRP CZ3 HZ3  sing N N 279 
TRP CH2 HH2  sing N N 280 
TRP OXT HXT  sing N N 281 
VAL N   CA   sing N N 282 
VAL N   H    sing N N 283 
VAL N   H2   sing N N 284 
VAL CA  C    sing N N 285 
VAL CA  CB   sing N N 286 
VAL CA  HA   sing N N 287 
VAL C   O    doub N N 288 
VAL C   OXT  sing N N 289 
VAL CB  CG1  sing N N 290 
VAL CB  CG2  sing N N 291 
VAL CB  HB   sing N N 292 
VAL CG1 HG11 sing N N 293 
VAL CG1 HG12 sing N N 294 
VAL CG1 HG13 sing N N 295 
VAL CG2 HG21 sing N N 296 
VAL CG2 HG22 sing N N 297 
VAL CG2 HG23 sing N N 298 
VAL OXT HXT  sing N N 299 
# 
_atom_sites.entry_id                    4DB6 
_atom_sites.fract_transf_matrix[1][1]   -0.01222536 
_atom_sites.fract_transf_matrix[1][2]   -0.00566031 
_atom_sites.fract_transf_matrix[1][3]   -0.01898210 
_atom_sites.fract_transf_matrix[2][1]   0.00558789 
_atom_sites.fract_transf_matrix[2][2]   -0.00934562 
_atom_sites.fract_transf_matrix[2][3]   -0.00081208 
_atom_sites.fract_transf_matrix[3][1]   -0.00732654 
_atom_sites.fract_transf_matrix[3][2]   -0.00491810 
_atom_sites.fract_transf_matrix[3][3]   0.00618517 
_atom_sites.fract_transf_vector[1]      -0.073282 
_atom_sites.fract_transf_vector[2]      -0.319714 
_atom_sites.fract_transf_vector[3]      0.140938 
# 
loop_
_atom_type.symbol 
C 
N 
O 
S 
# 
loop_
_atom_site.group_PDB 
_atom_site.id 
_atom_site.type_symbol 
_atom_site.label_atom_id 
_atom_site.label_alt_id 
_atom_site.label_comp_id 
_atom_site.label_asym_id 
_atom_site.label_entity_id 
_atom_site.label_seq_id 
_atom_site.pdbx_PDB_ins_code 
_atom_site.Cartn_x 
_atom_site.Cartn_y 
_atom_site.Cartn_z 
_atom_site.occupancy 
_atom_site.B_iso_or_equiv 
_atom_site.pdbx_formal_charge 
_atom_site.auth_seq_id 
_atom_site.auth_comp_id 
_atom_site.auth_asym_id 
_atom_site.auth_atom_id 
_atom_site.pdbx_PDB_model_num 
ATOM   1    N N   . GLU A 1 13  ? -1.767  25.835  9.074   1.00 45.56 ? 12  GLU A N   1 
ATOM   2    C CA  . GLU A 1 13  ? -2.818  25.276  9.916   1.00 49.32 ? 12  GLU A CA  1 
ATOM   3    C C   . GLU A 1 13  ? -2.674  23.766  10.058  1.00 36.31 ? 12  GLU A C   1 
ATOM   4    O O   . GLU A 1 13  ? -3.555  23.101  10.606  1.00 37.53 ? 12  GLU A O   1 
ATOM   5    C CB  . GLU A 1 13  ? -4.192  25.623  9.352   1.00 52.52 ? 12  GLU A CB  1 
ATOM   6    N N   . LEU A 1 14  ? -1.565  23.224  9.562   1.00 35.58 ? 13  LEU A N   1 
ATOM   7    C CA  . LEU A 1 14  ? -1.339  21.778  9.615   1.00 35.72 ? 13  LEU A CA  1 
ATOM   8    C C   . LEU A 1 14  ? -1.347  21.185  11.039  1.00 30.76 ? 13  LEU A C   1 
ATOM   9    O O   . LEU A 1 14  ? -2.043  20.207  11.294  1.00 28.62 ? 13  LEU A O   1 
ATOM   10   C CB  . LEU A 1 14  ? -0.069  21.389  8.844   1.00 33.21 ? 13  LEU A CB  1 
ATOM   11   C CG  . LEU A 1 14  ? -0.216  21.362  7.315   1.00 38.61 ? 13  LEU A CG  1 
ATOM   12   C CD1 . LEU A 1 14  ? 1.103   21.031  6.631   1.00 36.93 ? 13  LEU A CD1 1 
ATOM   13   C CD2 . LEU A 1 14  ? -1.281  20.370  6.900   1.00 43.79 ? 13  LEU A CD2 1 
ATOM   14   N N   . PRO A 1 15  ? -0.590  21.779  11.980  1.00 35.56 ? 14  PRO A N   1 
ATOM   15   C CA  . PRO A 1 15  ? -0.613  21.229  13.344  1.00 36.32 ? 14  PRO A CA  1 
ATOM   16   C C   . PRO A 1 15  ? -2.021  21.183  13.948  1.00 34.18 ? 14  PRO A C   1 
ATOM   17   O O   . PRO A 1 15  ? -2.346  20.248  14.679  1.00 36.74 ? 14  PRO A O   1 
ATOM   18   C CB  . PRO A 1 15  ? 0.275   22.201  14.130  1.00 38.27 ? 14  PRO A CB  1 
ATOM   19   C CG  . PRO A 1 15  ? 1.198   22.767  13.103  1.00 42.67 ? 14  PRO A CG  1 
ATOM   20   C CD  . PRO A 1 15  ? 0.379   22.881  11.843  1.00 38.86 ? 14  PRO A CD  1 
ATOM   21   N N   . GLN A 1 16  ? -2.849  22.175  13.647  1.00 34.63 ? 15  GLN A N   1 
ATOM   22   C CA  . GLN A 1 16  ? -4.227  22.168  14.125  1.00 32.55 ? 15  GLN A CA  1 
ATOM   23   C C   . GLN A 1 16  ? -5.040  21.026  13.503  1.00 37.29 ? 15  GLN A C   1 
ATOM   24   O O   . GLN A 1 16  ? -5.851  20.388  14.183  1.00 32.10 ? 15  GLN A O   1 
ATOM   25   C CB  . GLN A 1 16  ? -4.900  23.513  13.848  1.00 44.92 ? 15  GLN A CB  1 
ATOM   26   C CG  . GLN A 1 16  ? -6.356  23.578  14.285  1.00 54.09 ? 15  GLN A CG  1 
ATOM   27   C CD  . GLN A 1 16  ? -6.943  24.974  14.159  1.00 67.68 ? 15  GLN A CD  1 
ATOM   28   O OE1 . GLN A 1 16  ? -6.269  25.909  13.719  1.00 66.12 ? 15  GLN A OE1 1 
ATOM   29   N NE2 . GLN A 1 16  ? -8.205  25.123  14.551  1.00 74.34 ? 15  GLN A NE2 1 
ATOM   30   N N   . MET A 1 17  ? -4.831  20.775  12.211  1.00 34.13 ? 16  MET A N   1 
ATOM   31   C CA  . MET A 1 17  ? -5.454  19.625  11.564  1.00 33.72 ? 16  MET A CA  1 
ATOM   32   C C   . MET A 1 17  ? -5.018  18.323  12.237  1.00 28.13 ? 16  MET A C   1 
ATOM   33   O O   . MET A 1 17  ? -5.845  17.473  12.548  1.00 31.38 ? 16  MET A O   1 
ATOM   34   C CB  . MET A 1 17  ? -5.116  19.578  10.070  1.00 33.06 ? 16  MET A CB  1 
ATOM   35   C CG  . MET A 1 17  ? -5.769  20.661  9.237   1.00 50.13 ? 16  MET A CG  1 
ATOM   36   S SD  . MET A 1 17  ? -5.324  20.483  7.493   1.00 59.94 ? 16  MET A SD  1 
ATOM   37   C CE  . MET A 1 17  ? -4.931  22.175  7.055   1.00 45.32 ? 16  MET A CE  1 
ATOM   38   N N   . VAL A 1 18  ? -3.718  18.174  12.469  1.00 29.09 ? 17  VAL A N   1 
ATOM   39   C CA  . VAL A 1 18  ? -3.205  16.975  13.124  1.00 28.77 ? 17  VAL A CA  1 
ATOM   40   C C   . VAL A 1 18  ? -3.783  16.803  14.530  1.00 40.57 ? 17  VAL A C   1 
ATOM   41   O O   . VAL A 1 18  ? -4.116  15.690  14.946  1.00 32.69 ? 17  VAL A O   1 
ATOM   42   C CB  . VAL A 1 18  ? -1.659  16.953  13.152  1.00 31.54 ? 17  VAL A CB  1 
ATOM   43   C CG1 . VAL A 1 18  ? -1.158  15.786  13.994  1.00 36.33 ? 17  VAL A CG1 1 
ATOM   44   C CG2 . VAL A 1 18  ? -1.107  16.867  11.730  1.00 30.32 ? 17  VAL A CG2 1 
ATOM   45   N N   . GLN A 1 19  ? -3.922  17.906  15.260  1.00 31.98 ? 18  GLN A N   1 
ATOM   46   C CA  . GLN A 1 19  ? -4.546  17.843  16.577  1.00 35.78 ? 18  GLN A CA  1 
ATOM   47   C C   . GLN A 1 19  ? -5.997  17.371  16.480  1.00 33.25 ? 18  GLN A C   1 
ATOM   48   O O   . GLN A 1 19  ? -6.487  16.668  17.361  1.00 36.35 ? 18  GLN A O   1 
ATOM   49   C CB  . GLN A 1 19  ? -4.460  19.198  17.293  1.00 34.94 ? 18  GLN A CB  1 
ATOM   50   C CG  . GLN A 1 19  ? -5.307  19.300  18.564  1.00 41.87 ? 18  GLN A CG  1 
ATOM   51   C CD  . GLN A 1 19  ? -4.973  18.236  19.605  1.00 46.27 ? 18  GLN A CD  1 
ATOM   52   O OE1 . GLN A 1 19  ? -5.772  17.960  20.503  1.00 47.32 ? 18  GLN A OE1 1 
ATOM   53   N NE2 . GLN A 1 19  ? -3.789  17.643  19.494  1.00 45.57 ? 18  GLN A NE2 1 
ATOM   54   N N   . GLN A 1 20  ? -6.682  17.748  15.405  1.00 36.32 ? 19  GLN A N   1 
ATOM   55   C CA  . GLN A 1 20  ? -8.084  17.363  15.240  1.00 32.87 ? 19  GLN A CA  1 
ATOM   56   C C   . GLN A 1 20  ? -8.290  15.868  14.991  1.00 38.56 ? 19  GLN A C   1 
ATOM   57   O O   . GLN A 1 20  ? -9.400  15.358  15.140  1.00 44.57 ? 19  GLN A O   1 
ATOM   58   C CB  . GLN A 1 20  ? -8.768  18.216  14.163  1.00 38.32 ? 19  GLN A CB  1 
ATOM   59   C CG  . GLN A 1 20  ? -9.250  19.558  14.707  1.00 44.57 ? 19  GLN A CG  1 
ATOM   60   C CD  . GLN A 1 20  ? -9.706  20.522  13.629  1.00 52.35 ? 19  GLN A CD  1 
ATOM   61   O OE1 . GLN A 1 20  ? -9.605  20.240  12.436  1.00 51.84 ? 19  GLN A OE1 1 
ATOM   62   N NE2 . GLN A 1 20  ? -10.211 21.677  14.050  1.00 66.10 ? 19  GLN A NE2 1 
ATOM   63   N N   . LEU A 1 21  ? -7.226  15.163  14.629  1.00 36.51 ? 20  LEU A N   1 
ATOM   64   C CA  . LEU A 1 21  ? -7.325  13.725  14.417  1.00 39.98 ? 20  LEU A CA  1 
ATOM   65   C C   . LEU A 1 21  ? -7.524  13.003  15.745  1.00 50.96 ? 20  LEU A C   1 
ATOM   66   O O   . LEU A 1 21  ? -7.564  11.773  15.793  1.00 54.69 ? 20  LEU A O   1 
ATOM   67   C CB  . LEU A 1 21  ? -6.088  13.192  13.702  1.00 37.01 ? 20  LEU A CB  1 
ATOM   68   C CG  . LEU A 1 21  ? -5.828  13.748  12.302  1.00 30.05 ? 20  LEU A CG  1 
ATOM   69   C CD1 . LEU A 1 21  ? -4.541  13.170  11.734  1.00 32.60 ? 20  LEU A CD1 1 
ATOM   70   C CD2 . LEU A 1 21  ? -7.005  13.488  11.351  1.00 28.22 ? 20  LEU A CD2 1 
ATOM   71   N N   . ASN A 1 22  ? -7.641  13.782  16.816  1.00 47.97 ? 21  ASN A N   1 
ATOM   72   C CA  . ASN A 1 22  ? -7.896  13.249  18.148  1.00 46.36 ? 21  ASN A CA  1 
ATOM   73   C C   . ASN A 1 22  ? -9.287  13.641  18.632  1.00 51.55 ? 21  ASN A C   1 
ATOM   74   O O   . ASN A 1 22  ? -9.739  13.198  19.688  1.00 57.19 ? 21  ASN A O   1 
ATOM   75   C CB  . ASN A 1 22  ? -6.853  13.767  19.138  1.00 53.26 ? 21  ASN A CB  1 
ATOM   76   C CG  . ASN A 1 22  ? -5.435  13.590  18.637  1.00 64.35 ? 21  ASN A CG  1 
ATOM   77   O OD1 . ASN A 1 22  ? -5.161  12.734  17.797  1.00 68.58 ? 21  ASN A OD1 1 
ATOM   78   N ND2 . ASN A 1 22  ? -4.521  14.408  19.152  1.00 62.95 ? 21  ASN A ND2 1 
ATOM   79   N N   . SER A 1 23  ? -9.954  14.485  17.852  1.00 49.77 ? 22  SER A N   1 
ATOM   80   C CA  . SER A 1 23  ? -11.274 15.006  18.198  1.00 58.14 ? 22  SER A CA  1 
ATOM   81   C C   . SER A 1 23  ? -12.242 13.928  18.690  1.00 58.47 ? 22  SER A C   1 
ATOM   82   O O   . SER A 1 23  ? -12.365 12.867  18.075  1.00 64.21 ? 22  SER A O   1 
ATOM   83   C CB  . SER A 1 23  ? -11.880 15.730  16.991  1.00 57.75 ? 22  SER A CB  1 
ATOM   84   O OG  . SER A 1 23  ? -13.202 16.159  17.257  1.00 65.27 ? 22  SER A OG  1 
ATOM   85   N N   . PRO A 1 24  ? -12.932 14.197  19.810  1.00 57.42 ? 23  PRO A N   1 
ATOM   86   C CA  . PRO A 1 24  ? -14.014 13.315  20.257  1.00 62.60 ? 23  PRO A CA  1 
ATOM   87   C C   . PRO A 1 24  ? -15.162 13.377  19.258  1.00 58.61 ? 23  PRO A C   1 
ATOM   88   O O   . PRO A 1 24  ? -15.999 12.476  19.195  1.00 67.32 ? 23  PRO A O   1 
ATOM   89   C CB  . PRO A 1 24  ? -14.441 13.936  21.591  1.00 68.96 ? 23  PRO A CB  1 
ATOM   90   C CG  . PRO A 1 24  ? -14.021 15.375  21.498  1.00 67.59 ? 23  PRO A CG  1 
ATOM   91   C CD  . PRO A 1 24  ? -12.750 15.358  20.700  1.00 60.51 ? 23  PRO A CD  1 
ATOM   92   N N   . ASP A 1 25  ? -15.181 14.453  18.480  1.00 58.43 ? 24  ASP A N   1 
ATOM   93   C CA  . ASP A 1 25  ? -16.189 14.677  17.456  1.00 59.36 ? 24  ASP A CA  1 
ATOM   94   C C   . ASP A 1 25  ? -15.770 13.994  16.158  1.00 55.97 ? 24  ASP A C   1 
ATOM   95   O O   . ASP A 1 25  ? -14.832 14.435  15.493  1.00 54.58 ? 24  ASP A O   1 
ATOM   96   C CB  . ASP A 1 25  ? -16.359 16.182  17.234  1.00 54.58 ? 24  ASP A CB  1 
ATOM   97   C CG  . ASP A 1 25  ? -17.520 16.515  16.322  1.00 67.91 ? 24  ASP A CG  1 
ATOM   98   O OD1 . ASP A 1 25  ? -17.730 15.788  15.329  1.00 63.42 ? 24  ASP A OD1 1 
ATOM   99   O OD2 . ASP A 1 25  ? -18.223 17.513  16.600  1.00 69.27 ? 24  ASP A OD2 1 
ATOM   100  N N   . GLN A 1 26  ? -16.461 12.914  15.808  1.00 55.65 ? 25  GLN A N   1 
ATOM   101  C CA  . GLN A 1 26  ? -16.157 12.161  14.590  1.00 54.99 ? 25  GLN A CA  1 
ATOM   102  C C   . GLN A 1 26  ? -16.224 13.048  13.352  1.00 54.69 ? 25  GLN A C   1 
ATOM   103  O O   . GLN A 1 26  ? -15.451 12.870  12.410  1.00 46.59 ? 25  GLN A O   1 
ATOM   104  C CB  . GLN A 1 26  ? -17.121 10.982  14.429  1.00 60.30 ? 25  GLN A CB  1 
ATOM   105  C CG  . GLN A 1 26  ? -16.970 9.888   15.475  1.00 68.44 ? 25  GLN A CG  1 
ATOM   106  C CD  . GLN A 1 26  ? -15.921 8.853   15.100  1.00 74.55 ? 25  GLN A CD  1 
ATOM   107  O OE1 . GLN A 1 26  ? -16.250 7.769   14.608  1.00 68.89 ? 25  GLN A OE1 1 
ATOM   108  N NE2 . GLN A 1 26  ? -14.653 9.177   15.337  1.00 51.52 ? 25  GLN A NE2 1 
ATOM   109  N N   . GLN A 1 27  ? -17.158 13.994  13.352  1.00 50.51 ? 26  GLN A N   1 
ATOM   110  C CA  . GLN A 1 27  ? -17.303 14.914  12.228  1.00 54.14 ? 26  GLN A CA  1 
ATOM   111  C C   . GLN A 1 27  ? -16.049 15.762  12.044  1.00 50.07 ? 26  GLN A C   1 
ATOM   112  O O   . GLN A 1 27  ? -15.569 15.930  10.925  1.00 40.90 ? 26  GLN A O   1 
ATOM   113  C CB  . GLN A 1 27  ? -18.529 15.815  12.409  1.00 55.69 ? 26  GLN A CB  1 
ATOM   114  C CG  . GLN A 1 27  ? -19.861 15.072  12.419  1.00 54.08 ? 26  GLN A CG  1 
ATOM   115  C CD  . GLN A 1 27  ? -21.051 16.010  12.520  1.00 57.86 ? 26  GLN A CD  1 
ATOM   116  O OE1 . GLN A 1 27  ? -20.892 17.232  12.588  1.00 60.38 ? 26  GLN A OE1 1 
ATOM   117  N NE2 . GLN A 1 27  ? -22.255 15.443  12.530  1.00 60.83 ? 26  GLN A NE2 1 
ATOM   118  N N   . GLU A 1 28  ? -15.528 16.295  13.148  1.00 49.04 ? 27  GLU A N   1 
ATOM   119  C CA  . GLU A 1 28  ? -14.310 17.097  13.105  1.00 48.99 ? 27  GLU A CA  1 
ATOM   120  C C   . GLU A 1 28  ? -13.110 16.263  12.684  1.00 48.80 ? 27  GLU A C   1 
ATOM   121  O O   . GLU A 1 28  ? -12.264 16.723  11.915  1.00 40.03 ? 27  GLU A O   1 
ATOM   122  C CB  . GLU A 1 28  ? -14.035 17.758  14.461  1.00 58.05 ? 27  GLU A CB  1 
ATOM   123  C CG  . GLU A 1 28  ? -14.768 19.072  14.657  1.00 58.29 ? 27  GLU A CG  1 
ATOM   124  C CD  . GLU A 1 28  ? -14.594 19.647  16.047  1.00 72.66 ? 27  GLU A CD  1 
ATOM   125  O OE1 . GLU A 1 28  ? -13.508 19.468  16.643  1.00 59.98 ? 27  GLU A OE1 1 
ATOM   126  O OE2 . GLU A 1 28  ? -15.552 20.277  16.544  1.00 73.34 ? 27  GLU A OE2 1 
ATOM   127  N N   . LEU A 1 29  ? -13.036 15.039  13.194  1.00 45.46 ? 28  LEU A N   1 
ATOM   128  C CA  . LEU A 1 29  ? -11.922 14.161  12.866  1.00 42.45 ? 28  LEU A CA  1 
ATOM   129  C C   . LEU A 1 29  ? -11.916 13.862  11.372  1.00 31.74 ? 28  LEU A C   1 
ATOM   130  O O   . LEU A 1 29  ? -10.880 13.952  10.720  1.00 37.00 ? 28  LEU A O   1 
ATOM   131  C CB  . LEU A 1 29  ? -11.977 12.869  13.693  1.00 38.73 ? 28  LEU A CB  1 
ATOM   132  C CG  . LEU A 1 29  ? -10.817 11.876  13.555  1.00 38.93 ? 28  LEU A CG  1 
ATOM   133  C CD1 . LEU A 1 29  ? -10.782 10.908  14.727  1.00 50.27 ? 28  LEU A CD1 1 
ATOM   134  C CD2 . LEU A 1 29  ? -10.907 11.115  12.240  1.00 37.87 ? 28  LEU A CD2 1 
ATOM   135  N N   . GLN A 1 30  ? -13.079 13.523  10.826  1.00 33.24 ? 29  GLN A N   1 
ATOM   136  C CA  . GLN A 1 30  ? -13.175 13.175  9.410   1.00 29.33 ? 29  GLN A CA  1 
ATOM   137  C C   . GLN A 1 30  ? -12.911 14.368  8.489   1.00 33.04 ? 29  GLN A C   1 
ATOM   138  O O   . GLN A 1 30  ? -12.382 14.212  7.388   1.00 31.17 ? 29  GLN A O   1 
ATOM   139  C CB  . GLN A 1 30  ? -14.538 12.552  9.102   1.00 45.79 ? 29  GLN A CB  1 
ATOM   140  C CG  . GLN A 1 30  ? -14.856 11.337  9.960   1.00 51.78 ? 29  GLN A CG  1 
ATOM   141  C CD  . GLN A 1 30  ? -16.224 10.748  9.671   1.00 53.48 ? 29  GLN A CD  1 
ATOM   142  O OE1 . GLN A 1 30  ? -17.167 10.932  10.442  1.00 52.35 ? 29  GLN A OE1 1 
ATOM   143  N NE2 . GLN A 1 30  ? -16.335 10.028  8.563   1.00 46.45 ? 29  GLN A NE2 1 
ATOM   144  N N   . SER A 1 31  ? -13.292 15.558  8.937   1.00 34.67 ? 30  SER A N   1 
ATOM   145  C CA  . SER A 1 31  ? -13.068 16.760  8.143   1.00 35.42 ? 30  SER A CA  1 
ATOM   146  C C   . SER A 1 31  ? -11.573 17.013  7.998   1.00 29.70 ? 30  SER A C   1 
ATOM   147  O O   . SER A 1 31  ? -11.065 17.233  6.891   1.00 29.33 ? 30  SER A O   1 
ATOM   148  C CB  . SER A 1 31  ? -13.731 17.967  8.812   1.00 36.29 ? 30  SER A CB  1 
ATOM   149  O OG  . SER A 1 31  ? -13.686 19.095  7.953   1.00 52.49 ? 30  SER A OG  1 
ATOM   150  N N   . ALA A 1 32  ? -10.883 16.987  9.132   1.00 30.65 ? 31  ALA A N   1 
ATOM   151  C CA  . ALA A 1 32  ? -9.442  17.177  9.189   1.00 34.88 ? 31  ALA A CA  1 
ATOM   152  C C   . ALA A 1 32  ? -8.727  16.132  8.349   1.00 27.48 ? 31  ALA A C   1 
ATOM   153  O O   . ALA A 1 32  ? -7.762  16.425  7.649   1.00 25.45 ? 31  ALA A O   1 
ATOM   154  C CB  . ALA A 1 32  ? -8.971  17.094  10.625  1.00 30.01 ? 31  ALA A CB  1 
ATOM   155  N N   . LEU A 1 33  ? -9.200  14.896  8.442   1.00 30.42 ? 32  LEU A N   1 
ATOM   156  C CA  . LEU A 1 33  ? -8.598  13.804  7.699   1.00 29.87 ? 32  LEU A CA  1 
ATOM   157  C C   . LEU A 1 33  ? -8.703  14.047  6.196   1.00 29.52 ? 32  LEU A C   1 
ATOM   158  O O   . LEU A 1 33  ? -7.734  13.881  5.450   1.00 27.81 ? 32  LEU A O   1 
ATOM   159  C CB  . LEU A 1 33  ? -9.300  12.498  8.067   1.00 29.34 ? 32  LEU A CB  1 
ATOM   160  C CG  . LEU A 1 33  ? -8.581  11.210  7.711   1.00 33.11 ? 32  LEU A CG  1 
ATOM   161  C CD1 . LEU A 1 33  ? -7.158  11.236  8.240   1.00 30.56 ? 32  LEU A CD1 1 
ATOM   162  C CD2 . LEU A 1 33  ? -9.356  10.055  8.318   1.00 35.59 ? 32  LEU A CD2 1 
ATOM   163  N N   . ARG A 1 34  ? -9.890  14.439  5.751   1.00 28.31 ? 33  ARG A N   1 
ATOM   164  C CA  . ARG A 1 34  ? -10.112 14.710  4.338   1.00 27.63 ? 33  ARG A CA  1 
ATOM   165  C C   . ARG A 1 34  ? -9.180  15.814  3.816   1.00 30.22 ? 33  ARG A C   1 
ATOM   166  O O   . ARG A 1 34  ? -8.650  15.716  2.712   1.00 25.87 ? 33  ARG A O   1 
ATOM   167  C CB  . ARG A 1 34  ? -11.583 15.060  4.087   1.00 30.81 ? 33  ARG A CB  1 
ATOM   168  C CG  . ARG A 1 34  ? -11.948 15.178  2.613   1.00 31.45 ? 33  ARG A CG  1 
ATOM   169  C CD  . ARG A 1 34  ? -11.606 13.906  1.870   1.00 33.24 ? 33  ARG A CD  1 
ATOM   170  N NE  . ARG A 1 34  ? -11.919 14.015  0.451   1.00 31.89 ? 33  ARG A NE  1 
ATOM   171  C CZ  . ARG A 1 34  ? -11.148 14.630  -0.435  1.00 34.44 ? 33  ARG A CZ  1 
ATOM   172  N NH1 . ARG A 1 34  ? -10.014 15.199  -0.049  1.00 39.39 ? 33  ARG A NH1 1 
ATOM   173  N NH2 . ARG A 1 34  ? -11.507 14.687  -1.710  1.00 39.14 ? 33  ARG A NH2 1 
ATOM   174  N N   . LYS A 1 35  ? -8.971  16.850  4.619   1.00 30.62 ? 34  LYS A N   1 
ATOM   175  C CA  . LYS A 1 35  ? -8.092  17.950  4.221   1.00 28.20 ? 34  LYS A CA  1 
ATOM   176  C C   . LYS A 1 35  ? -6.615  17.542  4.171   1.00 27.07 ? 34  LYS A C   1 
ATOM   177  O O   . LYS A 1 35  ? -5.887  17.915  3.247   1.00 26.61 ? 34  LYS A O   1 
ATOM   178  C CB  . LYS A 1 35  ? -8.277  19.148  5.151   1.00 36.61 ? 34  LYS A CB  1 
ATOM   179  C CG  . LYS A 1 35  ? -9.657  19.781  5.063   1.00 37.32 ? 34  LYS A CG  1 
ATOM   180  C CD  . LYS A 1 35  ? -9.718  21.079  5.860   1.00 46.67 ? 34  LYS A CD  1 
ATOM   181  C CE  . LYS A 1 35  ? -9.619  20.821  7.354   1.00 50.11 ? 34  LYS A CE  1 
ATOM   182  N NZ  . LYS A 1 35  ? -10.876 20.224  7.891   1.00 62.74 ? 34  LYS A NZ  1 
ATOM   183  N N   . LEU A 1 36  ? -6.169  16.777  5.159   1.00 26.74 ? 35  LEU A N   1 
ATOM   184  C CA  . LEU A 1 36  ? -4.789  16.290  5.160   1.00 26.70 ? 35  LEU A CA  1 
ATOM   185  C C   . LEU A 1 36  ? -4.551  15.415  3.934   1.00 30.08 ? 35  LEU A C   1 
ATOM   186  O O   . LEU A 1 36  ? -3.508  15.490  3.302   1.00 29.67 ? 35  LEU A O   1 
ATOM   187  C CB  . LEU A 1 36  ? -4.478  15.513  6.446   1.00 29.96 ? 35  LEU A CB  1 
ATOM   188  C CG  . LEU A 1 36  ? -4.326  16.359  7.712   1.00 34.93 ? 35  LEU A CG  1 
ATOM   189  C CD1 . LEU A 1 36  ? -4.236  15.499  8.963   1.00 34.71 ? 35  LEU A CD1 1 
ATOM   190  C CD2 . LEU A 1 36  ? -3.104  17.262  7.602   1.00 44.29 ? 35  LEU A CD2 1 
ATOM   191  N N   . SER A 1 37  ? -5.532  14.587  3.597   1.00 26.45 ? 36  SER A N   1 
ATOM   192  C CA  A SER A 1 37  ? -5.444  13.748  2.415   0.48 28.57 ? 36  SER A CA  1 
ATOM   193  C CA  B SER A 1 37  ? -5.453  13.750  2.405   0.52 28.58 ? 36  SER A CA  1 
ATOM   194  C C   . SER A 1 37  ? -5.274  14.592  1.150   1.00 29.68 ? 36  SER A C   1 
ATOM   195  O O   . SER A 1 37  ? -4.479  14.260  0.273   1.00 29.80 ? 36  SER A O   1 
ATOM   196  C CB  A SER A 1 37  ? -6.693  12.870  2.309   0.48 30.16 ? 36  SER A CB  1 
ATOM   197  C CB  B SER A 1 37  ? -6.716  12.896  2.261   0.52 30.17 ? 36  SER A CB  1 
ATOM   198  O OG  A SER A 1 37  ? -6.695  12.135  1.105   0.48 33.18 ? 36  SER A OG  1 
ATOM   199  O OG  B SER A 1 37  ? -6.458  11.551  2.605   0.52 28.57 ? 36  SER A OG  1 
ATOM   200  N N   . GLN A 1 38  ? -6.027  15.683  1.070   1.00 29.20 ? 37  GLN A N   1 
ATOM   201  C CA  . GLN A 1 38  ? -5.958  16.580  -0.078  1.00 31.40 ? 37  GLN A CA  1 
ATOM   202  C C   . GLN A 1 38  ? -4.548  17.144  -0.202  1.00 26.87 ? 37  GLN A C   1 
ATOM   203  O O   . GLN A 1 38  ? -3.934  17.110  -1.271  1.00 31.59 ? 37  GLN A O   1 
ATOM   204  C CB  . GLN A 1 38  ? -6.983  17.710  0.072   1.00 27.15 ? 37  GLN A CB  1 
ATOM   205  C CG  . GLN A 1 38  ? -7.156  18.566  -1.179  1.00 35.46 ? 37  GLN A CG  1 
ATOM   206  C CD  . GLN A 1 38  ? -7.525  17.738  -2.393  1.00 43.68 ? 37  GLN A CD  1 
ATOM   207  O OE1 . GLN A 1 38  ? -6.750  17.632  -3.345  1.00 50.43 ? 37  GLN A OE1 1 
ATOM   208  N NE2 . GLN A 1 38  ? -8.712  17.136  -2.361  1.00 45.39 ? 37  GLN A NE2 1 
ATOM   209  N N   . ILE A 1 39  ? -4.029  17.653  0.907   1.00 26.18 ? 38  ILE A N   1 
ATOM   210  C CA  . ILE A 1 39  ? -2.684  18.216  0.915   1.00 26.05 ? 38  ILE A CA  1 
ATOM   211  C C   . ILE A 1 39  ? -1.633  17.174  0.528   1.00 31.12 ? 38  ILE A C   1 
ATOM   212  O O   . ILE A 1 39  ? -0.721  17.454  -0.245  1.00 30.91 ? 38  ILE A O   1 
ATOM   213  C CB  . ILE A 1 39  ? -2.357  18.820  2.284   1.00 32.50 ? 38  ILE A CB  1 
ATOM   214  C CG1 . ILE A 1 39  ? -3.314  19.973  2.572   1.00 31.28 ? 38  ILE A CG1 1 
ATOM   215  C CG2 . ILE A 1 39  ? -0.906  19.287  2.334   1.00 28.91 ? 38  ILE A CG2 1 
ATOM   216  C CD1 . ILE A 1 39  ? -3.429  20.320  4.036   1.00 36.22 ? 38  ILE A CD1 1 
ATOM   217  N N   . ALA A 1 40  ? -1.766  15.966  1.064   1.00 24.84 ? 39  ALA A N   1 
ATOM   218  C CA  . ALA A 1 40  ? -0.812  14.891  0.765   1.00 24.37 ? 39  ALA A CA  1 
ATOM   219  C C   . ALA A 1 40  ? -0.828  14.444  -0.703  1.00 31.08 ? 39  ALA A C   1 
ATOM   220  O O   . ALA A 1 40  ? 0.081   13.744  -1.159  1.00 30.65 ? 39  ALA A O   1 
ATOM   221  C CB  . ALA A 1 40  ? -1.063  13.692  1.688   1.00 28.78 ? 39  ALA A CB  1 
ATOM   222  N N   . SER A 1 41  ? -1.856  14.832  -1.449  1.00 32.12 ? 40  SER A N   1 
ATOM   223  C CA  . SER A 1 41  ? -1.928  14.415  -2.850  1.00 34.24 ? 40  SER A CA  1 
ATOM   224  C C   . SER A 1 41  ? -1.151  15.364  -3.756  1.00 42.42 ? 40  SER A C   1 
ATOM   225  O O   . SER A 1 41  ? -1.027  15.122  -4.953  1.00 42.27 ? 40  SER A O   1 
ATOM   226  C CB  . SER A 1 41  ? -3.379  14.249  -3.323  1.00 39.86 ? 40  SER A CB  1 
ATOM   227  O OG  . SER A 1 41  ? -4.066  15.484  -3.369  1.00 43.90 ? 40  SER A OG  1 
ATOM   228  N N   . GLY A 1 42  ? -0.615  16.434  -3.173  1.00 36.74 ? 41  GLY A N   1 
ATOM   229  C CA  . GLY A 1 42  ? 0.223   17.357  -3.913  1.00 43.08 ? 41  GLY A CA  1 
ATOM   230  C C   . GLY A 1 42  ? 1.618   16.813  -4.155  1.00 40.25 ? 41  GLY A C   1 
ATOM   231  O O   . GLY A 1 42  ? 1.854   15.601  -4.123  1.00 41.70 ? 41  GLY A O   1 
ATOM   232  N N   . GLY A 1 43  ? 2.556   17.720  -4.397  1.00 37.92 ? 42  GLY A N   1 
ATOM   233  C CA  . GLY A 1 43  ? 3.931   17.339  -4.664  1.00 41.55 ? 42  GLY A CA  1 
ATOM   234  C C   . GLY A 1 43  ? 4.702   16.938  -3.421  1.00 40.75 ? 42  GLY A C   1 
ATOM   235  O O   . GLY A 1 43  ? 4.150   16.879  -2.326  1.00 32.77 ? 42  GLY A O   1 
ATOM   236  N N   . ASN A 1 44  ? 5.990   16.670  -3.591  1.00 32.28 ? 43  ASN A N   1 
ATOM   237  C CA  . ASN A 1 44  ? 6.807   16.180  -2.491  1.00 32.50 ? 43  ASN A CA  1 
ATOM   238  C C   . ASN A 1 44  ? 6.956   17.164  -1.325  1.00 37.38 ? 43  ASN A C   1 
ATOM   239  O O   . ASN A 1 44  ? 7.103   16.751  -0.183  1.00 27.30 ? 43  ASN A O   1 
ATOM   240  C CB  . ASN A 1 44  ? 8.163   15.684  -2.993  1.00 37.45 ? 43  ASN A CB  1 
ATOM   241  C CG  . ASN A 1 44  ? 8.069   14.324  -3.687  1.00 48.04 ? 43  ASN A CG  1 
ATOM   242  O OD1 . ASN A 1 44  ? 6.982   13.870  -4.045  1.00 45.71 ? 43  ASN A OD1 1 
ATOM   243  N ND2 . ASN A 1 44  ? 9.212   13.673  -3.877  1.00 50.78 ? 43  ASN A ND2 1 
ATOM   244  N N   A GLU A 1 45  ? 6.915   18.463  -1.605  0.48 36.35 ? 44  GLU A N   1 
ATOM   245  N N   B GLU A 1 45  ? 6.902   18.456  -1.626  0.52 36.35 ? 44  GLU A N   1 
ATOM   246  C CA  A GLU A 1 45  ? 6.995   19.453  -0.531  0.48 34.55 ? 44  GLU A CA  1 
ATOM   247  C CA  B GLU A 1 45  ? 6.985   19.484  -0.594  0.52 34.58 ? 44  GLU A CA  1 
ATOM   248  C C   A GLU A 1 45  ? 5.716   19.470  0.302   0.48 31.44 ? 44  GLU A C   1 
ATOM   249  C C   B GLU A 1 45  ? 5.729   19.476  0.278   0.52 31.42 ? 44  GLU A C   1 
ATOM   250  O O   A GLU A 1 45  ? 5.756   19.688  1.514   0.48 32.08 ? 44  GLU A O   1 
ATOM   251  O O   B GLU A 1 45  ? 5.800   19.677  1.490   0.52 32.09 ? 44  GLU A O   1 
ATOM   252  C CB  A GLU A 1 45  ? 7.297   20.850  -1.080  0.48 35.36 ? 44  GLU A CB  1 
ATOM   253  C CB  B GLU A 1 45  ? 7.195   20.862  -1.229  0.52 35.42 ? 44  GLU A CB  1 
ATOM   254  C CG  A GLU A 1 45  ? 8.739   21.039  -1.529  0.48 37.21 ? 44  GLU A CG  1 
ATOM   255  C CG  B GLU A 1 45  ? 8.542   21.034  -1.935  0.52 35.40 ? 44  GLU A CG  1 
ATOM   256  C CD  A GLU A 1 45  ? 9.714   21.135  -0.364  0.48 40.13 ? 44  GLU A CD  1 
ATOM   257  C CD  B GLU A 1 45  ? 8.705   20.162  -3.172  0.52 43.27 ? 44  GLU A CD  1 
ATOM   258  O OE1 A GLU A 1 45  ? 9.280   21.471  0.761   0.48 38.25 ? 44  GLU A OE1 1 
ATOM   259  O OE1 B GLU A 1 45  ? 7.695   19.876  -3.853  0.52 32.37 ? 44  GLU A OE1 1 
ATOM   260  O OE2 A GLU A 1 45  ? 10.917  20.878  -0.575  0.48 46.75 ? 44  GLU A OE2 1 
ATOM   261  O OE2 B GLU A 1 45  ? 9.855   19.765  -3.470  0.52 47.20 ? 44  GLU A OE2 1 
ATOM   262  N N   . GLN A 1 46  ? 4.582   19.242  -0.351  1.00 31.29 ? 45  GLN A N   1 
ATOM   263  C CA  . GLN A 1 46  ? 3.309   19.163  0.355   1.00 29.75 ? 45  GLN A CA  1 
ATOM   264  C C   . GLN A 1 46  ? 3.319   17.947  1.266   1.00 31.74 ? 45  GLN A C   1 
ATOM   265  O O   . GLN A 1 46  ? 2.877   18.015  2.413   1.00 30.25 ? 45  GLN A O   1 
ATOM   266  C CB  . GLN A 1 46  ? 2.149   19.022  -0.629  1.00 35.26 ? 45  GLN A CB  1 
ATOM   267  C CG  . GLN A 1 46  ? 2.042   20.137  -1.640  1.00 51.75 ? 45  GLN A CG  1 
ATOM   268  C CD  . GLN A 1 46  ? 0.868   21.051  -1.371  1.00 44.01 ? 45  GLN A CD  1 
ATOM   269  O OE1 . GLN A 1 46  ? 1.022   22.272  -1.306  1.00 46.01 ? 45  GLN A OE1 1 
ATOM   270  N NE2 . GLN A 1 46  ? -0.317  20.466  -1.219  1.00 37.16 ? 45  GLN A NE2 1 
ATOM   271  N N   . ILE A 1 47  ? 3.797   16.821  0.738   1.00 27.11 ? 46  ILE A N   1 
ATOM   272  C CA  . ILE A 1 47  ? 3.891   15.587  1.529   1.00 24.57 ? 46  ILE A CA  1 
ATOM   273  C C   . ILE A 1 47  ? 4.782   15.817  2.741   1.00 33.89 ? 46  ILE A C   1 
ATOM   274  O O   . ILE A 1 47  ? 4.433   15.461  3.874   1.00 26.24 ? 46  ILE A O   1 
ATOM   275  C CB  . ILE A 1 47  ? 4.420   14.382  0.680   1.00 28.87 ? 46  ILE A CB  1 
ATOM   276  C CG1 . ILE A 1 47  ? 3.388   13.980  -0.378  1.00 27.63 ? 46  ILE A CG1 1 
ATOM   277  C CG2 . ILE A 1 47  ? 4.750   13.177  1.574   1.00 28.76 ? 46  ILE A CG2 1 
ATOM   278  C CD1 . ILE A 1 47  ? 3.904   12.928  -1.386  1.00 24.12 ? 46  ILE A CD1 1 
ATOM   279  N N   . GLN A 1 48  ? 5.926   16.446  2.509   1.00 27.54 ? 47  GLN A N   1 
ATOM   280  C CA  . GLN A 1 48  ? 6.862   16.680  3.595   1.00 28.98 ? 47  GLN A CA  1 
ATOM   281  C C   . GLN A 1 48  ? 6.263   17.578  4.667   1.00 23.05 ? 47  GLN A C   1 
ATOM   282  O O   . GLN A 1 48  ? 6.553   17.412  5.849   1.00 28.83 ? 47  GLN A O   1 
ATOM   283  C CB  . GLN A 1 48  ? 8.174   17.273  3.086   1.00 33.67 ? 47  GLN A CB  1 
ATOM   284  C CG  . GLN A 1 48  ? 9.293   17.160  4.108   1.00 38.84 ? 47  GLN A CG  1 
ATOM   285  C CD  . GLN A 1 48  ? 9.617   15.717  4.443   1.00 40.87 ? 47  GLN A CD  1 
ATOM   286  O OE1 . GLN A 1 48  ? 9.719   14.872  3.555   1.00 44.25 ? 47  GLN A OE1 1 
ATOM   287  N NE2 . GLN A 1 48  ? 9.772   15.427  5.729   1.00 41.34 ? 47  GLN A NE2 1 
ATOM   288  N N   . ALA A 1 49  ? 5.424   18.520  4.253   1.00 26.63 ? 48  ALA A N   1 
ATOM   289  C CA  . ALA A 1 49  ? 4.750   19.399  5.199   1.00 30.50 ? 48  ALA A CA  1 
ATOM   290  C C   . ALA A 1 49  ? 3.852   18.583  6.130   1.00 26.95 ? 48  ALA A C   1 
ATOM   291  O O   . ALA A 1 49  ? 3.835   18.802  7.335   1.00 26.28 ? 48  ALA A O   1 
ATOM   292  C CB  . ALA A 1 49  ? 3.936   20.448  4.468   1.00 31.14 ? 48  ALA A CB  1 
ATOM   293  N N   . VAL A 1 50  ? 3.112   17.642  5.559   1.00 26.70 ? 49  VAL A N   1 
ATOM   294  C CA  . VAL A 1 50  ? 2.207   16.791  6.337   1.00 22.04 ? 49  VAL A CA  1 
ATOM   295  C C   . VAL A 1 50  ? 3.003   15.918  7.316   1.00 21.79 ? 49  VAL A C   1 
ATOM   296  O O   . VAL A 1 50  ? 2.629   15.775  8.478   1.00 23.79 ? 49  VAL A O   1 
ATOM   297  C CB  . VAL A 1 50  ? 1.357   15.902  5.415   1.00 33.29 ? 49  VAL A CB  1 
ATOM   298  C CG1 . VAL A 1 50  ? 0.518   14.933  6.230   1.00 28.07 ? 49  VAL A CG1 1 
ATOM   299  C CG2 . VAL A 1 50  ? 0.464   16.756  4.513   1.00 31.73 ? 49  VAL A CG2 1 
ATOM   300  N N   . ILE A 1 51  ? 4.101   15.341  6.843   1.00 22.56 ? 50  ILE A N   1 
ATOM   301  C CA  . ILE A 1 51  ? 4.970   14.527  7.694   1.00 22.34 ? 50  ILE A CA  1 
ATOM   302  C C   . ILE A 1 51  ? 5.608   15.349  8.823   1.00 30.68 ? 50  ILE A C   1 
ATOM   303  O O   . ILE A 1 51  ? 5.640   14.921  9.981   1.00 26.81 ? 50  ILE A O   1 
ATOM   304  C CB  . ILE A 1 51  ? 6.087   13.864  6.894   1.00 23.20 ? 50  ILE A CB  1 
ATOM   305  C CG1 . ILE A 1 51  ? 5.515   12.850  5.889   1.00 29.28 ? 50  ILE A CG1 1 
ATOM   306  C CG2 . ILE A 1 51  ? 7.082   13.173  7.832   1.00 26.85 ? 50  ILE A CG2 1 
ATOM   307  C CD1 . ILE A 1 51  ? 6.550   12.331  4.901   1.00 30.63 ? 50  ILE A CD1 1 
ATOM   308  N N   . ASP A 1 52  ? 6.121   16.524  8.478   1.00 27.53 ? 51  ASP A N   1 
ATOM   309  C CA  . ASP A 1 52  ? 6.710   17.426  9.472   1.00 34.65 ? 51  ASP A CA  1 
ATOM   310  C C   . ASP A 1 52  ? 5.710   17.867  10.538  1.00 31.50 ? 51  ASP A C   1 
ATOM   311  O O   . ASP A 1 52  ? 6.096   18.175  11.667  1.00 33.79 ? 51  ASP A O   1 
ATOM   312  C CB  . ASP A 1 52  ? 7.313   18.663  8.789   1.00 34.88 ? 51  ASP A CB  1 
ATOM   313  C CG  . ASP A 1 52  ? 8.550   18.335  7.973   1.00 45.58 ? 51  ASP A CG  1 
ATOM   314  O OD1 . ASP A 1 52  ? 9.158   17.272  8.218   1.00 45.25 ? 51  ASP A OD1 1 
ATOM   315  O OD2 . ASP A 1 52  ? 8.923   19.143  7.088   1.00 48.92 ? 51  ASP A OD2 1 
ATOM   316  N N   . ALA A 1 53  ? 4.431   17.909  10.178  1.00 28.11 ? 52  ALA A N   1 
ATOM   317  C CA  . ALA A 1 53  ? 3.383   18.315  11.109  1.00 25.44 ? 52  ALA A CA  1 
ATOM   318  C C   . ALA A 1 53  ? 3.032   17.183  12.082  1.00 27.68 ? 52  ALA A C   1 
ATOM   319  O O   . ALA A 1 53  ? 2.233   17.366  12.999  1.00 30.13 ? 52  ALA A O   1 
ATOM   320  C CB  . ALA A 1 53  ? 2.148   18.768  10.352  1.00 28.00 ? 52  ALA A CB  1 
ATOM   321  N N   . GLY A 1 54  ? 3.633   16.016  11.870  1.00 27.03 ? 53  GLY A N   1 
ATOM   322  C CA  . GLY A 1 54  ? 3.434   14.876  12.753  1.00 25.77 ? 53  GLY A CA  1 
ATOM   323  C C   . GLY A 1 54  ? 2.200   14.037  12.465  1.00 29.12 ? 53  GLY A C   1 
ATOM   324  O O   . GLY A 1 54  ? 1.708   13.331  13.352  1.00 29.29 ? 53  GLY A O   1 
ATOM   325  N N   . ALA A 1 55  ? 1.712   14.088  11.226  1.00 24.49 ? 54  ALA A N   1 
ATOM   326  C CA  . ALA A 1 55  ? 0.490   13.368  10.841  1.00 25.70 ? 54  ALA A CA  1 
ATOM   327  C C   . ALA A 1 55  ? 0.613   11.842  10.890  1.00 28.74 ? 54  ALA A C   1 
ATOM   328  O O   . ALA A 1 55  ? -0.382  11.151  11.128  1.00 26.86 ? 54  ALA A O   1 
ATOM   329  C CB  . ALA A 1 55  ? 0.027   13.799  9.440   1.00 28.59 ? 54  ALA A CB  1 
ATOM   330  N N   . LEU A 1 56  ? 1.814   11.314  10.654  1.00 23.41 ? 55  LEU A N   1 
ATOM   331  C CA  . LEU A 1 56  ? 1.961   9.862   10.441  1.00 27.04 ? 55  LEU A CA  1 
ATOM   332  C C   . LEU A 1 56  ? 1.557   8.967   11.609  1.00 24.43 ? 55  LEU A C   1 
ATOM   333  O O   . LEU A 1 56  ? 0.848   7.975   11.408  1.00 21.02 ? 55  LEU A O   1 
ATOM   334  C CB  . LEU A 1 56  ? 3.365   9.489   9.962   1.00 23.25 ? 55  LEU A CB  1 
ATOM   335  C CG  . LEU A 1 56  ? 3.613   9.619   8.454   1.00 26.68 ? 55  LEU A CG  1 
ATOM   336  C CD1 . LEU A 1 56  ? 5.071   9.364   8.150   1.00 30.43 ? 55  LEU A CD1 1 
ATOM   337  C CD2 . LEU A 1 56  ? 2.726   8.650   7.672   1.00 28.56 ? 55  LEU A CD2 1 
ATOM   338  N N   . PRO A 1 57  ? 2.027   9.284   12.829  1.00 24.43 ? 56  PRO A N   1 
ATOM   339  C CA  . PRO A 1 57  ? 1.595   8.454   13.957  1.00 21.56 ? 56  PRO A CA  1 
ATOM   340  C C   . PRO A 1 57  ? 0.072   8.470   14.114  1.00 23.61 ? 56  PRO A C   1 
ATOM   341  O O   . PRO A 1 57  ? -0.510  7.424   14.378  1.00 24.68 ? 56  PRO A O   1 
ATOM   342  C CB  . PRO A 1 57  ? 2.289   9.109   15.159  1.00 30.76 ? 56  PRO A CB  1 
ATOM   343  C CG  . PRO A 1 57  ? 3.510   9.715   14.582  1.00 29.52 ? 56  PRO A CG  1 
ATOM   344  C CD  . PRO A 1 57  ? 3.099   10.222  13.219  1.00 27.55 ? 56  PRO A CD  1 
ATOM   345  N N   . ALA A 1 58  ? -0.557  9.630   13.933  1.00 22.27 ? 57  ALA A N   1 
ATOM   346  C CA  . ALA A 1 58  ? -2.016  9.733   13.996  1.00 27.59 ? 57  ALA A CA  1 
ATOM   347  C C   . ALA A 1 58  ? -2.701  8.900   12.905  1.00 20.88 ? 57  ALA A C   1 
ATOM   348  O O   . ALA A 1 58  ? -3.715  8.217   13.156  1.00 22.54 ? 57  ALA A O   1 
ATOM   349  C CB  . ALA A 1 58  ? -2.448  11.190  13.889  1.00 29.34 ? 57  ALA A CB  1 
ATOM   350  N N   . LEU A 1 59  ? -2.175  8.982   11.686  1.00 21.54 ? 58  LEU A N   1 
ATOM   351  C CA  . LEU A 1 59  ? -2.768  8.243   10.576  1.00 20.78 ? 58  LEU A CA  1 
ATOM   352  C C   . LEU A 1 59  ? -2.671  6.741   10.807  1.00 22.02 ? 58  LEU A C   1 
ATOM   353  O O   . LEU A 1 59  ? -3.614  5.994   10.528  1.00 21.53 ? 58  LEU A O   1 
ATOM   354  C CB  . LEU A 1 59  ? -2.073  8.611   9.259   1.00 18.88 ? 58  LEU A CB  1 
ATOM   355  C CG  . LEU A 1 59  ? -2.409  9.983   8.690   1.00 24.23 ? 58  LEU A CG  1 
ATOM   356  C CD1 . LEU A 1 59  ? -1.538  10.256  7.464   1.00 25.58 ? 58  LEU A CD1 1 
ATOM   357  C CD2 . LEU A 1 59  ? -3.880  10.065  8.331   1.00 25.02 ? 58  LEU A CD2 1 
ATOM   358  N N   . VAL A 1 60  ? -1.527  6.294   11.310  1.00 21.00 ? 59  VAL A N   1 
ATOM   359  C CA  . VAL A 1 60  ? -1.331  4.874   11.585  1.00 22.55 ? 59  VAL A CA  1 
ATOM   360  C C   . VAL A 1 60  ? -2.310  4.395   12.664  1.00 22.62 ? 59  VAL A C   1 
ATOM   361  O O   . VAL A 1 60  ? -2.906  3.320   12.547  1.00 23.14 ? 59  VAL A O   1 
ATOM   362  C CB  . VAL A 1 60  ? 0.125   4.559   12.001  1.00 23.74 ? 59  VAL A CB  1 
ATOM   363  C CG1 . VAL A 1 60  ? 0.234   3.137   12.553  1.00 27.31 ? 59  VAL A CG1 1 
ATOM   364  C CG2 . VAL A 1 60  ? 1.052   4.731   10.822  1.00 20.40 ? 59  VAL A CG2 1 
ATOM   365  N N   . GLN A 1 61  ? -2.494  5.204   13.702  1.00 23.17 ? 60  GLN A N   1 
ATOM   366  C CA  . GLN A 1 61  ? -3.474  4.881   14.737  1.00 22.55 ? 60  GLN A CA  1 
ATOM   367  C C   . GLN A 1 61  ? -4.878  4.735   14.156  1.00 25.65 ? 60  GLN A C   1 
ATOM   368  O O   . GLN A 1 61  ? -5.641  3.866   14.572  1.00 23.41 ? 60  GLN A O   1 
ATOM   369  C CB  . GLN A 1 61  ? -3.457  5.935   15.847  1.00 24.22 ? 60  GLN A CB  1 
ATOM   370  C CG  . GLN A 1 61  ? -4.296  5.563   17.060  1.00 41.33 ? 60  GLN A CG  1 
ATOM   371  C CD  . GLN A 1 61  ? -3.777  6.183   18.346  1.00 57.82 ? 60  GLN A CD  1 
ATOM   372  O OE1 . GLN A 1 61  ? -2.912  7.063   18.323  1.00 55.22 ? 60  GLN A OE1 1 
ATOM   373  N NE2 . GLN A 1 61  ? -4.300  5.721   19.477  1.00 64.43 ? 60  GLN A NE2 1 
ATOM   374  N N   . LEU A 1 62  ? -5.219  5.580   13.189  1.00 19.61 ? 61  LEU A N   1 
ATOM   375  C CA  . LEU A 1 62  ? -6.552  5.551   12.616  1.00 18.46 ? 61  LEU A CA  1 
ATOM   376  C C   . LEU A 1 62  ? -6.808  4.288   11.797  1.00 21.55 ? 61  LEU A C   1 
ATOM   377  O O   . LEU A 1 62  ? -7.949  3.996   11.460  1.00 23.87 ? 61  LEU A O   1 
ATOM   378  C CB  . LEU A 1 62  ? -6.826  6.797   11.772  1.00 22.59 ? 61  LEU A CB  1 
ATOM   379  C CG  . LEU A 1 62  ? -7.002  8.107   12.538  1.00 28.94 ? 61  LEU A CG  1 
ATOM   380  C CD1 . LEU A 1 62  ? -7.037  9.254   11.542  1.00 28.06 ? 61  LEU A CD1 1 
ATOM   381  C CD2 . LEU A 1 62  ? -8.278  8.069   13.369  1.00 30.64 ? 61  LEU A CD2 1 
ATOM   382  N N   . LEU A 1 63  ? -5.754  3.541   11.476  1.00 21.42 ? 62  LEU A N   1 
ATOM   383  C CA  . LEU A 1 63  ? -5.954  2.269   10.787  1.00 19.78 ? 62  LEU A CA  1 
ATOM   384  C C   . LEU A 1 63  ? -6.667  1.246   11.685  1.00 19.98 ? 62  LEU A C   1 
ATOM   385  O O   . LEU A 1 63  ? -7.033  0.173   11.224  1.00 21.22 ? 62  LEU A O   1 
ATOM   386  C CB  . LEU A 1 63  ? -4.631  1.686   10.298  1.00 19.98 ? 62  LEU A CB  1 
ATOM   387  C CG  . LEU A 1 63  ? -3.864  2.501   9.246   1.00 21.45 ? 62  LEU A CG  1 
ATOM   388  C CD1 . LEU A 1 63  ? -2.681  1.697   8.763   1.00 24.85 ? 62  LEU A CD1 1 
ATOM   389  C CD2 . LEU A 1 63  ? -4.767  2.888   8.077   1.00 23.36 ? 62  LEU A CD2 1 
ATOM   390  N N   . SER A 1 64  ? -6.842  1.575   12.959  1.00 19.24 ? 63  SER A N   1 
ATOM   391  C CA  A SER A 1 64  ? -7.537  0.681   13.885  0.59 22.16 ? 63  SER A CA  1 
ATOM   392  C CA  B SER A 1 64  ? -7.538  0.677   13.880  0.41 22.19 ? 63  SER A CA  1 
ATOM   393  C C   . SER A 1 64  ? -9.009  1.059   14.041  1.00 25.29 ? 63  SER A C   1 
ATOM   394  O O   . SER A 1 64  ? -9.749  0.416   14.785  1.00 23.61 ? 63  SER A O   1 
ATOM   395  C CB  A SER A 1 64  ? -6.847  0.680   15.247  0.59 26.50 ? 63  SER A CB  1 
ATOM   396  C CB  B SER A 1 64  ? -6.847  0.652   15.245  0.41 26.48 ? 63  SER A CB  1 
ATOM   397  O OG  A SER A 1 64  ? -5.488  0.307   15.116  0.59 22.37 ? 63  SER A OG  1 
ATOM   398  O OG  B SER A 1 64  ? -6.965  1.900   15.902  0.41 26.91 ? 63  SER A OG  1 
ATOM   399  N N   . SER A 1 65  ? -9.435  2.097   13.324  1.00 21.63 ? 64  SER A N   1 
ATOM   400  C CA  . SER A 1 65  ? -10.813 2.577   13.416  1.00 24.46 ? 64  SER A CA  1 
ATOM   401  C C   . SER A 1 65  ? -11.840 1.548   12.926  1.00 19.06 ? 64  SER A C   1 
ATOM   402  O O   . SER A 1 65  ? -11.659 0.920   11.883  1.00 21.95 ? 64  SER A O   1 
ATOM   403  C CB  . SER A 1 65  ? -10.970 3.882   12.618  1.00 25.77 ? 64  SER A CB  1 
ATOM   404  O OG  . SER A 1 65  ? -12.290 4.386   12.747  1.00 26.97 ? 64  SER A OG  1 
ATOM   405  N N   . PRO A 1 66  ? -12.944 1.378   13.672  1.00 22.40 ? 65  PRO A N   1 
ATOM   406  C CA  . PRO A 1 66  ? -13.995 0.486   13.175  1.00 23.22 ? 65  PRO A CA  1 
ATOM   407  C C   . PRO A 1 66  ? -14.894 1.213   12.183  1.00 26.98 ? 65  PRO A C   1 
ATOM   408  O O   . PRO A 1 66  ? -15.739 0.606   11.528  1.00 26.51 ? 65  PRO A O   1 
ATOM   409  C CB  . PRO A 1 66  ? -14.775 0.122   14.447  1.00 31.55 ? 65  PRO A CB  1 
ATOM   410  C CG  . PRO A 1 66  ? -14.589 1.291   15.341  1.00 28.61 ? 65  PRO A CG  1 
ATOM   411  C CD  . PRO A 1 66  ? -13.224 1.884   15.024  1.00 24.71 ? 65  PRO A CD  1 
ATOM   412  N N   . ASN A 1 67  ? -14.704 2.523   12.081  1.00 23.30 ? 66  ASN A N   1 
ATOM   413  C CA  . ASN A 1 67  ? -15.456 3.340   11.134  1.00 25.10 ? 66  ASN A CA  1 
ATOM   414  C C   . ASN A 1 67  ? -14.790 3.251   9.765   1.00 23.66 ? 66  ASN A C   1 
ATOM   415  O O   . ASN A 1 67  ? -13.694 3.779   9.561   1.00 24.79 ? 66  ASN A O   1 
ATOM   416  C CB  . ASN A 1 67  ? -15.499 4.788   11.622  1.00 29.39 ? 66  ASN A CB  1 
ATOM   417  C CG  . ASN A 1 67  ? -16.294 5.699   10.703  1.00 33.38 ? 66  ASN A CG  1 
ATOM   418  O OD1 . ASN A 1 67  ? -16.358 5.484   9.496   1.00 32.30 ? 66  ASN A OD1 1 
ATOM   419  N ND2 . ASN A 1 67  ? -16.899 6.735   11.281  1.00 37.37 ? 66  ASN A ND2 1 
ATOM   420  N N   . GLU A 1 68  ? -15.439 2.566   8.833   1.00 25.12 ? 67  GLU A N   1 
ATOM   421  C CA  . GLU A 1 68  ? -14.791 2.246   7.567   1.00 27.32 ? 67  GLU A CA  1 
ATOM   422  C C   . GLU A 1 68  ? -14.537 3.467   6.668   1.00 25.52 ? 67  GLU A C   1 
ATOM   423  O O   . GLU A 1 68  ? -13.633 3.457   5.833   1.00 26.38 ? 67  GLU A O   1 
ATOM   424  C CB  . GLU A 1 68  ? -15.538 1.114   6.858   1.00 33.05 ? 67  GLU A CB  1 
ATOM   425  C CG  . GLU A 1 68  ? -15.491 -0.175  7.669   1.00 38.70 ? 67  GLU A CG  1 
ATOM   426  C CD  . GLU A 1 68  ? -16.200 -1.342  7.014   1.00 40.34 ? 67  GLU A CD  1 
ATOM   427  O OE1 . GLU A 1 68  ? -16.699 -1.192  5.881   1.00 42.01 ? 67  GLU A OE1 1 
ATOM   428  O OE2 . GLU A 1 68  ? -16.260 -2.418  7.644   1.00 58.26 ? 67  GLU A OE2 1 
ATOM   429  N N   . GLN A 1 69  ? -15.321 4.524   6.866   1.00 28.74 ? 68  GLN A N   1 
ATOM   430  C CA  . GLN A 1 69  ? -15.108 5.785   6.158   1.00 29.92 ? 68  GLN A CA  1 
ATOM   431  C C   . GLN A 1 69  ? -13.829 6.480   6.621   1.00 24.29 ? 68  GLN A C   1 
ATOM   432  O O   . GLN A 1 69  ? -13.083 7.031   5.803   1.00 25.18 ? 68  GLN A O   1 
ATOM   433  C CB  . GLN A 1 69  ? -16.302 6.719   6.362   1.00 36.14 ? 68  GLN A CB  1 
ATOM   434  C CG  . GLN A 1 69  ? -17.638 6.072   6.050   1.00 45.46 ? 68  GLN A CG  1 
ATOM   435  C CD  . GLN A 1 69  ? -17.683 5.507   4.648   1.00 59.14 ? 68  GLN A CD  1 
ATOM   436  O OE1 . GLN A 1 69  ? -17.340 6.191   3.681   1.00 62.31 ? 68  GLN A OE1 1 
ATOM   437  N NE2 . GLN A 1 69  ? -18.095 4.249   4.529   1.00 62.44 ? 68  GLN A NE2 1 
ATOM   438  N N   . ILE A 1 70  ? -13.596 6.471   7.932   1.00 24.44 ? 69  ILE A N   1 
ATOM   439  C CA  . ILE A 1 70  ? -12.367 7.004   8.521   1.00 24.29 ? 69  ILE A CA  1 
ATOM   440  C C   . ILE A 1 70  ? -11.179 6.162   8.070   1.00 23.70 ? 69  ILE A C   1 
ATOM   441  O O   . ILE A 1 70  ? -10.151 6.683   7.656   1.00 22.67 ? 69  ILE A O   1 
ATOM   442  C CB  . ILE A 1 70  ? -12.444 7.018   10.059  1.00 23.16 ? 69  ILE A CB  1 
ATOM   443  C CG1 . ILE A 1 70  ? -13.459 8.067   10.517  1.00 33.83 ? 69  ILE A CG1 1 
ATOM   444  C CG2 . ILE A 1 70  ? -11.068 7.266   10.689  1.00 24.31 ? 69  ILE A CG2 1 
ATOM   445  C CD1 . ILE A 1 70  ? -13.597 8.170   12.017  1.00 41.19 ? 69  ILE A CD1 1 
ATOM   446  N N   . LEU A 1 71  ? -11.333 4.848   8.135   1.00 23.69 ? 70  LEU A N   1 
ATOM   447  C CA  . LEU A 1 71  ? -10.302 3.945   7.635   1.00 23.20 ? 70  LEU A CA  1 
ATOM   448  C C   . LEU A 1 71  ? -9.927  4.224   6.181   1.00 24.02 ? 70  LEU A C   1 
ATOM   449  O O   . LEU A 1 71  ? -8.746  4.303   5.844   1.00 22.61 ? 70  LEU A O   1 
ATOM   450  C CB  . LEU A 1 71  ? -10.781 2.498   7.753   1.00 22.97 ? 70  LEU A CB  1 
ATOM   451  C CG  . LEU A 1 71  ? -9.969  1.479   8.536   1.00 39.66 ? 70  LEU A CG  1 
ATOM   452  C CD1 . LEU A 1 71  ? -10.638 0.112   8.402   1.00 26.40 ? 70  LEU A CD1 1 
ATOM   453  C CD2 . LEU A 1 71  ? -8.537  1.438   8.041   1.00 35.85 ? 70  LEU A CD2 1 
ATOM   454  N N   . GLN A 1 72  ? -10.929 4.363   5.315   1.00 22.07 ? 71  GLN A N   1 
ATOM   455  C CA  . GLN A 1 72  ? -10.674 4.571   3.900   1.00 26.69 ? 71  GLN A CA  1 
ATOM   456  C C   . GLN A 1 72  ? -9.897  5.857   3.662   1.00 23.59 ? 71  GLN A C   1 
ATOM   457  O O   . GLN A 1 72  ? -8.978  5.892   2.861   1.00 22.32 ? 71  GLN A O   1 
ATOM   458  C CB  . GLN A 1 72  ? -11.973 4.570   3.084   1.00 27.85 ? 71  GLN A CB  1 
ATOM   459  C CG  . GLN A 1 72  ? -12.580 3.183   2.910   1.00 41.56 ? 71  GLN A CG  1 
ATOM   460  C CD  . GLN A 1 72  ? -13.726 3.156   1.915   1.00 54.83 ? 71  GLN A CD  1 
ATOM   461  O OE1 . GLN A 1 72  ? -13.632 3.716   0.819   1.00 63.59 ? 71  GLN A OE1 1 
ATOM   462  N NE2 . GLN A 1 72  ? -14.819 2.502   2.294   1.00 52.27 ? 71  GLN A NE2 1 
ATOM   463  N N   . GLU A 1 73  ? -10.252 6.913   4.377   1.00 23.93 ? 72  GLU A N   1 
ATOM   464  C CA  . GLU A 1 73  ? -9.580  8.183   4.149   1.00 23.76 ? 72  GLU A CA  1 
ATOM   465  C C   . GLU A 1 73  ? -8.160  8.166   4.713   1.00 21.27 ? 72  GLU A C   1 
ATOM   466  O O   . GLU A 1 73  ? -7.255  8.727   4.114   1.00 24.94 ? 72  GLU A O   1 
ATOM   467  C CB  . GLU A 1 73  ? -10.408 9.361   4.679   1.00 27.83 ? 72  GLU A CB  1 
ATOM   468  C CG  . GLU A 1 73  ? -10.031 10.718  4.061   1.00 34.84 ? 72  GLU A CG  1 
ATOM   469  C CD  . GLU A 1 73  ? -10.118 10.754  2.526   1.00 29.06 ? 72  GLU A CD  1 
ATOM   470  O OE1 . GLU A 1 73  ? -11.143 10.336  1.942   1.00 27.97 ? 72  GLU A OE1 1 
ATOM   471  O OE2 . GLU A 1 73  ? -9.150  11.221  1.896   1.00 33.44 ? 72  GLU A OE2 1 
ATOM   472  N N   . ALA A 1 74  ? -7.959  7.491   5.845   1.00 20.50 ? 73  ALA A N   1 
ATOM   473  C CA  . ALA A 1 74  ? -6.621  7.343   6.396   1.00 20.41 ? 73  ALA A CA  1 
ATOM   474  C C   . ALA A 1 74  ? -5.717  6.588   5.417   1.00 20.97 ? 73  ALA A C   1 
ATOM   475  O O   . ALA A 1 74  ? -4.547  6.936   5.246   1.00 18.30 ? 73  ALA A O   1 
ATOM   476  C CB  . ALA A 1 74  ? -6.667  6.637   7.747   1.00 18.86 ? 73  ALA A CB  1 
ATOM   477  N N   . LEU A 1 75  ? -6.264  5.564   4.764   1.00 21.23 ? 74  LEU A N   1 
ATOM   478  C CA  . LEU A 1 75  ? -5.500  4.797   3.786   1.00 20.69 ? 74  LEU A CA  1 
ATOM   479  C C   . LEU A 1 75  ? -5.175  5.649   2.579   1.00 20.97 ? 74  LEU A C   1 
ATOM   480  O O   . LEU A 1 75  ? -4.092  5.544   2.007   1.00 22.06 ? 74  LEU A O   1 
ATOM   481  C CB  . LEU A 1 75  ? -6.258  3.546   3.335   1.00 18.94 ? 74  LEU A CB  1 
ATOM   482  C CG  . LEU A 1 75  ? -6.253  2.434   4.389   1.00 21.22 ? 74  LEU A CG  1 
ATOM   483  C CD1 . LEU A 1 75  ? -7.304  1.367   4.093   1.00 22.08 ? 74  LEU A CD1 1 
ATOM   484  C CD2 . LEU A 1 75  ? -4.867  1.812   4.473   1.00 22.10 ? 74  LEU A CD2 1 
ATOM   485  N N   . TRP A 1 76  ? -6.132  6.476   2.177   1.00 21.72 ? 75  TRP A N   1 
ATOM   486  C CA  A TRP A 1 76  ? -5.915  7.363   1.046   0.56 24.68 ? 75  TRP A CA  1 
ATOM   487  C CA  B TRP A 1 76  ? -5.914  7.362   1.048   0.44 24.69 ? 75  TRP A CA  1 
ATOM   488  C C   . TRP A 1 76  ? -4.748  8.298   1.353   1.00 21.16 ? 75  TRP A C   1 
ATOM   489  O O   . TRP A 1 76  ? -3.868  8.524   0.511   1.00 24.36 ? 75  TRP A O   1 
ATOM   490  C CB  A TRP A 1 76  ? -7.184  8.166   0.730   0.56 25.15 ? 75  TRP A CB  1 
ATOM   491  C CB  B TRP A 1 76  ? -7.179  8.164   0.737   0.44 25.20 ? 75  TRP A CB  1 
ATOM   492  C CG  A TRP A 1 76  ? -7.167  8.767   -0.637  0.56 33.43 ? 75  TRP A CG  1 
ATOM   493  C CG  B TRP A 1 76  ? -7.320  8.470   -0.712  0.44 33.26 ? 75  TRP A CG  1 
ATOM   494  C CD1 A TRP A 1 76  ? -6.510  9.898   -1.022  0.56 33.26 ? 75  TRP A CD1 1 
ATOM   495  C CD1 B TRP A 1 76  ? -6.630  9.410   -1.418  0.44 36.42 ? 75  TRP A CD1 1 
ATOM   496  C CD2 A TRP A 1 76  ? -7.823  8.262   -1.812  0.56 32.57 ? 75  TRP A CD2 1 
ATOM   497  C CD2 B TRP A 1 76  ? -8.195  7.826   -1.648  0.44 33.88 ? 75  TRP A CD2 1 
ATOM   498  N NE1 A TRP A 1 76  ? -6.718  10.130  -2.362  0.56 35.31 ? 75  TRP A NE1 1 
ATOM   499  N NE1 B TRP A 1 76  ? -7.021  9.393   -2.734  0.44 32.83 ? 75  TRP A NE1 1 
ATOM   500  C CE2 A TRP A 1 76  ? -7.521  9.141   -2.868  0.56 34.36 ? 75  TRP A CE2 1 
ATOM   501  C CE2 B TRP A 1 76  ? -7.981  8.431   -2.902  0.44 33.03 ? 75  TRP A CE2 1 
ATOM   502  C CE3 A TRP A 1 76  ? -8.641  7.155   -2.069  0.56 29.63 ? 75  TRP A CE3 1 
ATOM   503  C CE3 B TRP A 1 76  ? -9.139  6.799   -1.547  0.44 29.76 ? 75  TRP A CE3 1 
ATOM   504  C CZ2 A TRP A 1 76  ? -8.006  8.949   -4.167  0.56 34.00 ? 75  TRP A CZ2 1 
ATOM   505  C CZ2 B TRP A 1 76  ? -8.679  8.047   -4.049  0.44 28.76 ? 75  TRP A CZ2 1 
ATOM   506  C CZ3 A TRP A 1 76  ? -9.120  6.968   -3.353  0.56 35.39 ? 75  TRP A CZ3 1 
ATOM   507  C CZ3 B TRP A 1 76  ? -9.829  6.418   -2.684  0.44 34.70 ? 75  TRP A CZ3 1 
ATOM   508  C CH2 A TRP A 1 76  ? -8.802  7.859   -4.386  0.56 26.88 ? 75  TRP A CH2 1 
ATOM   509  C CH2 B TRP A 1 76  ? -9.594  7.041   -3.920  0.44 33.44 ? 75  TRP A CH2 1 
ATOM   510  N N   . ALA A 1 77  ? -4.735  8.844   2.559   1.00 22.81 ? 76  ALA A N   1 
ATOM   511  C CA  . ALA A 1 77  ? -3.665  9.763   2.943   1.00 24.13 ? 76  ALA A CA  1 
ATOM   512  C C   . ALA A 1 77  ? -2.321  9.045   2.988   1.00 22.64 ? 76  ALA A C   1 
ATOM   513  O O   . ALA A 1 77  ? -1.320  9.546   2.494   1.00 18.76 ? 76  ALA A O   1 
ATOM   514  C CB  . ALA A 1 77  ? -3.972  10.424  4.284   1.00 21.44 ? 76  ALA A CB  1 
ATOM   515  N N   . LEU A 1 78  ? -2.301  7.847   3.554   1.00 19.00 ? 77  LEU A N   1 
ATOM   516  C CA  . LEU A 1 78  ? -1.044  7.106   3.647   1.00 21.28 ? 77  LEU A CA  1 
ATOM   517  C C   . LEU A 1 78  ? -0.506  6.694   2.271   1.00 19.41 ? 77  LEU A C   1 
ATOM   518  O O   . LEU A 1 78  ? 0.700   6.791   2.024   1.00 21.21 ? 77  LEU A O   1 
ATOM   519  C CB  . LEU A 1 78  ? -1.184  5.890   4.568   1.00 17.57 ? 77  LEU A CB  1 
ATOM   520  C CG  . LEU A 1 78  ? -1.265  6.193   6.070   1.00 18.55 ? 77  LEU A CG  1 
ATOM   521  C CD1 . LEU A 1 78  ? -1.668  4.930   6.822   1.00 23.39 ? 77  LEU A CD1 1 
ATOM   522  C CD2 . LEU A 1 78  ? 0.037   6.735   6.635   1.00 24.99 ? 77  LEU A CD2 1 
ATOM   523  N N   A SER A 1 79  ? -1.393  6.241   1.385   0.63 21.59 ? 78  SER A N   1 
ATOM   524  N N   B SER A 1 79  ? -1.389  6.232   1.390   0.37 21.60 ? 78  SER A N   1 
ATOM   525  C CA  A SER A 1 79  ? -0.988  5.873   0.030   0.63 21.39 ? 78  SER A CA  1 
ATOM   526  C CA  B SER A 1 79  ? -0.983  5.882   0.035   0.37 21.44 ? 78  SER A CA  1 
ATOM   527  C C   A SER A 1 79  ? -0.389  7.071   -0.707  0.63 23.93 ? 78  SER A C   1 
ATOM   528  C C   B SER A 1 79  ? -0.338  7.087   -0.636  0.37 23.94 ? 78  SER A C   1 
ATOM   529  O O   A SER A 1 79  ? 0.592   6.934   -1.427  0.63 23.41 ? 78  SER A O   1 
ATOM   530  O O   B SER A 1 79  ? 0.725   6.973   -1.242  0.37 23.30 ? 78  SER A O   1 
ATOM   531  C CB  A SER A 1 79  ? -2.157  5.290   -0.771  0.63 22.90 ? 78  SER A CB  1 
ATOM   532  C CB  B SER A 1 79  ? -2.178  5.415   -0.791  0.37 22.82 ? 78  SER A CB  1 
ATOM   533  O OG  A SER A 1 79  ? -3.258  6.186   -0.849  0.63 26.95 ? 78  SER A OG  1 
ATOM   534  O OG  B SER A 1 79  ? -2.733  4.228   -0.255  0.37 21.38 ? 78  SER A OG  1 
ATOM   535  N N   . ASN A 1 80  ? -0.988  8.241   -0.513  1.00 25.01 ? 79  ASN A N   1 
ATOM   536  C CA  . ASN A 1 80  ? -0.460  9.482   -1.083  1.00 26.35 ? 79  ASN A CA  1 
ATOM   537  C C   . ASN A 1 80  ? 0.934   9.807   -0.560  1.00 25.62 ? 79  ASN A C   1 
ATOM   538  O O   . ASN A 1 80  ? 1.845   10.121  -1.325  1.00 22.86 ? 79  ASN A O   1 
ATOM   539  C CB  . ASN A 1 80  ? -1.410  10.656  -0.797  1.00 30.06 ? 79  ASN A CB  1 
ATOM   540  C CG  . ASN A 1 80  ? -2.624  10.671  -1.716  1.00 36.94 ? 79  ASN A CG  1 
ATOM   541  O OD1 . ASN A 1 80  ? -2.622  10.055  -2.779  1.00 42.94 ? 79  ASN A OD1 1 
ATOM   542  N ND2 . ASN A 1 80  ? -3.661  11.396  -1.313  1.00 38.05 ? 79  ASN A ND2 1 
ATOM   543  N N   . ILE A 1 81  ? 1.105   9.743   0.754   1.00 21.70 ? 80  ILE A N   1 
ATOM   544  C CA  . ILE A 1 81  ? 2.403   10.002  1.348   1.00 21.17 ? 80  ILE A CA  1 
ATOM   545  C C   . ILE A 1 81  ? 3.439   9.019   0.820   1.00 26.08 ? 80  ILE A C   1 
ATOM   546  O O   . ILE A 1 81  ? 4.575   9.399   0.541   1.00 23.55 ? 80  ILE A O   1 
ATOM   547  C CB  . ILE A 1 81  ? 2.333   9.941   2.877   1.00 19.68 ? 80  ILE A CB  1 
ATOM   548  C CG1 . ILE A 1 81  ? 1.433   11.065  3.403   1.00 22.56 ? 80  ILE A CG1 1 
ATOM   549  C CG2 . ILE A 1 81  ? 3.722   10.001  3.470   1.00 21.30 ? 80  ILE A CG2 1 
ATOM   550  C CD1 . ILE A 1 81  ? 1.094   10.924  4.886   1.00 26.22 ? 80  ILE A CD1 1 
ATOM   551  N N   . ALA A 1 82  ? 3.030   7.762   0.651   1.00 20.75 ? 81  ALA A N   1 
ATOM   552  C CA  . ALA A 1 82  ? 3.936   6.712   0.199   1.00 21.52 ? 81  ALA A CA  1 
ATOM   553  C C   . ALA A 1 82  ? 4.280   6.856   -1.276  1.00 23.60 ? 81  ALA A C   1 
ATOM   554  O O   . ALA A 1 82  ? 5.159   6.163   -1.779  1.00 23.85 ? 81  ALA A O   1 
ATOM   555  C CB  . ALA A 1 82  ? 3.323   5.335   0.457   1.00 24.07 ? 81  ALA A CB  1 
ATOM   556  N N   . SER A 1 83  ? 3.567   7.730   -1.970  1.00 26.91 ? 82  SER A N   1 
ATOM   557  C CA  . SER A 1 83  ? 3.827   7.947   -3.388  1.00 26.18 ? 82  SER A CA  1 
ATOM   558  C C   . SER A 1 83  ? 4.918   8.991   -3.579  1.00 27.52 ? 82  SER A C   1 
ATOM   559  O O   . SER A 1 83  ? 5.261   9.338   -4.709  1.00 30.00 ? 82  SER A O   1 
ATOM   560  C CB  . SER A 1 83  ? 2.552   8.377   -4.109  1.00 26.66 ? 82  SER A CB  1 
ATOM   561  O OG  . SER A 1 83  ? 2.260   9.738   -3.840  1.00 31.65 ? 82  SER A OG  1 
ATOM   562  N N   . GLY A 1 84  ? 5.458   9.498   -2.473  1.00 30.49 ? 83  GLY A N   1 
ATOM   563  C CA  . GLY A 1 84  ? 6.538   10.470  -2.528  1.00 34.22 ? 83  GLY A CA  1 
ATOM   564  C C   . GLY A 1 84  ? 7.919   9.846   -2.643  1.00 31.08 ? 83  GLY A C   1 
ATOM   565  O O   . GLY A 1 84  ? 8.075   8.731   -3.142  1.00 31.17 ? 83  GLY A O   1 
ATOM   566  N N   . GLY A 1 85  ? 8.933   10.570  -2.180  1.00 34.93 ? 84  GLY A N   1 
ATOM   567  C CA  . GLY A 1 85  ? 10.304  10.096  -2.273  1.00 36.72 ? 84  GLY A CA  1 
ATOM   568  C C   . GLY A 1 85  ? 10.648  8.967   -1.312  1.00 43.48 ? 84  GLY A C   1 
ATOM   569  O O   . GLY A 1 85  ? 9.885   8.667   -0.387  1.00 26.74 ? 84  GLY A O   1 
ATOM   570  N N   . ASN A 1 86  ? 11.801  8.338   -1.533  1.00 31.78 ? 85  ASN A N   1 
ATOM   571  C CA  A ASN A 1 86  ? 12.206  7.222   -0.683  0.66 32.76 ? 85  ASN A CA  1 
ATOM   572  C CA  B ASN A 1 86  ? 12.289  7.248   -0.689  0.34 32.80 ? 85  ASN A CA  1 
ATOM   573  C C   . ASN A 1 86  ? 12.292  7.589   0.803   1.00 33.59 ? 85  ASN A C   1 
ATOM   574  O O   . ASN A 1 86  ? 12.066  6.735   1.655   1.00 29.43 ? 85  ASN A O   1 
ATOM   575  C CB  A ASN A 1 86  ? 13.509  6.575   -1.174  0.66 35.67 ? 85  ASN A CB  1 
ATOM   576  C CB  B ASN A 1 86  ? 13.696  6.849   -1.147  0.34 35.64 ? 85  ASN A CB  1 
ATOM   577  C CG  A ASN A 1 86  ? 13.275  5.550   -2.276  0.66 30.83 ? 85  ASN A CG  1 
ATOM   578  C CG  B ASN A 1 86  ? 14.470  6.090   -0.087  0.34 26.06 ? 85  ASN A CG  1 
ATOM   579  O OD1 A ASN A 1 86  ? 12.200  5.490   -2.869  0.66 38.59 ? 85  ASN A OD1 1 
ATOM   580  O OD1 B ASN A 1 86  ? 15.110  6.687   0.778   0.34 34.15 ? 85  ASN A OD1 1 
ATOM   581  N ND2 A ASN A 1 86  ? 14.292  4.745   -2.558  0.66 35.68 ? 85  ASN A ND2 1 
ATOM   582  N ND2 B ASN A 1 86  ? 14.430  4.765   -0.162  0.34 35.20 ? 85  ASN A ND2 1 
ATOM   583  N N   . GLU A 1 87  ? 12.583  8.850   1.121   1.00 33.77 ? 86  GLU A N   1 
ATOM   584  C CA  . GLU A 1 87  ? 12.626  9.288   2.521   1.00 37.26 ? 86  GLU A CA  1 
ATOM   585  C C   . GLU A 1 87  ? 11.221  9.388   3.120   1.00 31.51 ? 86  GLU A C   1 
ATOM   586  O O   . GLU A 1 87  ? 11.017  9.209   4.329   1.00 31.56 ? 86  GLU A O   1 
ATOM   587  C CB  . GLU A 1 87  ? 13.338  10.639  2.653   1.00 46.00 ? 86  GLU A CB  1 
ATOM   588  C CG  . GLU A 1 87  ? 14.842  10.610  2.408   1.00 48.93 ? 86  GLU A CG  1 
ATOM   589  C CD  . GLU A 1 87  ? 15.488  11.974  2.607   1.00 76.53 ? 86  GLU A CD  1 
ATOM   590  O OE1 . GLU A 1 87  ? 14.819  12.998  2.336   1.00 70.17 ? 86  GLU A OE1 1 
ATOM   591  O OE2 . GLU A 1 87  ? 16.661  12.024  3.039   1.00 79.99 ? 86  GLU A OE2 1 
ATOM   592  N N   . GLN A 1 88  ? 10.253  9.678   2.261   1.00 25.90 ? 87  GLN A N   1 
ATOM   593  C CA  . GLN A 1 88  ? 8.870   9.808   2.676   1.00 27.41 ? 87  GLN A CA  1 
ATOM   594  C C   . GLN A 1 88  ? 8.263   8.415   2.813   1.00 24.49 ? 87  GLN A C   1 
ATOM   595  O O   . GLN A 1 88  ? 7.504   8.171   3.738   1.00 25.51 ? 87  GLN A O   1 
ATOM   596  C CB  . GLN A 1 88  ? 8.118   10.720  1.699   1.00 29.22 ? 87  GLN A CB  1 
ATOM   597  C CG  . GLN A 1 88  ? 8.934   12.007  1.449   1.00 34.85 ? 87  GLN A CG  1 
ATOM   598  C CD  . GLN A 1 88  ? 8.244   13.029  0.574   1.00 33.91 ? 87  GLN A CD  1 
ATOM   599  O OE1 . GLN A 1 88  ? 7.845   12.737  -0.550  1.00 37.41 ? 87  GLN A OE1 1 
ATOM   600  N NE2 . GLN A 1 88  ? 8.112   14.252  1.088   1.00 33.11 ? 87  GLN A NE2 1 
ATOM   601  N N   . ILE A 1 89  ? 8.630   7.507   1.909   1.00 22.18 ? 88  ILE A N   1 
ATOM   602  C CA  . ILE A 1 89  ? 8.303   6.095   2.071   1.00 25.03 ? 88  ILE A CA  1 
ATOM   603  C C   . ILE A 1 89  ? 8.892   5.595   3.379   1.00 24.36 ? 88  ILE A C   1 
ATOM   604  O O   . ILE A 1 89  ? 8.234   4.871   4.135   1.00 20.14 ? 88  ILE A O   1 
ATOM   605  C CB  . ILE A 1 89  ? 8.863   5.234   0.907   1.00 22.88 ? 88  ILE A CB  1 
ATOM   606  C CG1 . ILE A 1 89  ? 8.195   5.615   -0.412  1.00 24.10 ? 88  ILE A CG1 1 
ATOM   607  C CG2 . ILE A 1 89  ? 8.723   3.754   1.228   1.00 24.79 ? 88  ILE A CG2 1 
ATOM   608  C CD1 . ILE A 1 89  ? 8.656   4.786   -1.609  1.00 28.54 ? 88  ILE A CD1 1 
ATOM   609  N N   . GLN A 1 90  ? 10.137  5.990   3.663   1.00 23.80 ? 89  GLN A N   1 
ATOM   610  C CA  . GLN A 1 90  ? 10.787  5.506   4.870   1.00 22.44 ? 89  GLN A CA  1 
ATOM   611  C C   . GLN A 1 90  ? 10.035  5.987   6.118   1.00 19.43 ? 89  GLN A C   1 
ATOM   612  O O   . GLN A 1 90  ? 9.942   5.261   7.104   1.00 22.64 ? 89  GLN A O   1 
ATOM   613  C CB  . GLN A 1 90  ? 12.263  5.910   4.939   1.00 27.24 ? 89  GLN A CB  1 
ATOM   614  C CG  . GLN A 1 90  ? 13.016  5.190   6.065   1.00 27.66 ? 89  GLN A CG  1 
ATOM   615  C CD  . GLN A 1 90  ? 12.975  3.670   5.925   1.00 31.68 ? 89  GLN A CD  1 
ATOM   616  O OE1 . GLN A 1 90  ? 12.823  2.940   6.910   1.00 33.94 ? 89  GLN A OE1 1 
ATOM   617  N NE2 . GLN A 1 90  ? 13.109  3.188   4.697   1.00 32.52 ? 89  GLN A NE2 1 
ATOM   618  N N   . ALA A 1 91  ? 9.496   7.202   6.062   1.00 20.59 ? 90  ALA A N   1 
ATOM   619  C CA  . ALA A 1 91  ? 8.738   7.753   7.189   1.00 21.57 ? 90  ALA A CA  1 
ATOM   620  C C   . ALA A 1 91  ? 7.494   6.908   7.501   1.00 24.20 ? 90  ALA A C   1 
ATOM   621  O O   . ALA A 1 91  ? 7.176   6.676   8.666   1.00 23.09 ? 90  ALA A O   1 
ATOM   622  C CB  . ALA A 1 91  ? 8.342   9.181   6.916   1.00 26.67 ? 90  ALA A CB  1 
ATOM   623  N N   . VAL A 1 92  ? 6.797   6.467   6.455   1.00 19.43 ? 91  VAL A N   1 
ATOM   624  C CA  . VAL A 1 92  ? 5.625   5.591   6.608   1.00 19.83 ? 91  VAL A CA  1 
ATOM   625  C C   . VAL A 1 92  ? 6.022   4.268   7.263   1.00 19.22 ? 91  VAL A C   1 
ATOM   626  O O   . VAL A 1 92  ? 5.345   3.777   8.171   1.00 19.19 ? 91  VAL A O   1 
ATOM   627  C CB  . VAL A 1 92  ? 4.945   5.308   5.251   1.00 18.23 ? 91  VAL A CB  1 
ATOM   628  C CG1 . VAL A 1 92  ? 3.777   4.311   5.412   1.00 22.20 ? 91  VAL A CG1 1 
ATOM   629  C CG2 . VAL A 1 92  ? 4.461   6.607   4.603   1.00 21.87 ? 91  VAL A CG2 1 
ATOM   630  N N   . ILE A 1 93  ? 7.110   3.672   6.790   1.00 18.47 ? 92  ILE A N   1 
ATOM   631  C CA  . ILE A 1 93  ? 7.602   2.436   7.393   1.00 19.19 ? 92  ILE A CA  1 
ATOM   632  C C   . ILE A 1 93  ? 7.978   2.631   8.864   1.00 22.09 ? 92  ILE A C   1 
ATOM   633  O O   . ILE A 1 93  ? 7.629   1.818   9.717   1.00 21.21 ? 92  ILE A O   1 
ATOM   634  C CB  . ILE A 1 93  ? 8.806   1.888   6.615   1.00 22.67 ? 92  ILE A CB  1 
ATOM   635  C CG1 . ILE A 1 93  ? 8.371   1.462   5.207   1.00 18.94 ? 92  ILE A CG1 1 
ATOM   636  C CG2 . ILE A 1 93  ? 9.424   0.704   7.328   1.00 22.82 ? 92  ILE A CG2 1 
ATOM   637  C CD1 . ILE A 1 93  ? 9.542   1.220   4.284   1.00 21.12 ? 92  ILE A CD1 1 
ATOM   638  N N   . ASP A 1 94  ? 8.706   3.708   9.145   1.00 22.68 ? 93  ASP A N   1 
ATOM   639  C CA  . ASP A 1 94  ? 9.192   3.982   10.497  1.00 22.22 ? 93  ASP A CA  1 
ATOM   640  C C   . ASP A 1 94  ? 8.058   4.288   11.458  1.00 26.94 ? 93  ASP A C   1 
ATOM   641  O O   . ASP A 1 94  ? 8.219   4.108   12.662  1.00 24.19 ? 93  ASP A O   1 
ATOM   642  C CB  . ASP A 1 94  ? 10.184  5.150   10.518  1.00 24.69 ? 93  ASP A CB  1 
ATOM   643  C CG  . ASP A 1 94  ? 11.526  4.813   9.874   1.00 42.59 ? 93  ASP A CG  1 
ATOM   644  O OD1 . ASP A 1 94  ? 11.828  3.616   9.666   1.00 40.24 ? 93  ASP A OD1 1 
ATOM   645  O OD2 . ASP A 1 94  ? 12.294  5.763   9.592   1.00 36.86 ? 93  ASP A OD2 1 
ATOM   646  N N   . ALA A 1 95  ? 6.925   4.752   10.929  1.00 20.27 ? 94  ALA A N   1 
ATOM   647  C CA  . ALA A 1 95  ? 5.742   5.016   11.755  1.00 22.45 ? 94  ALA A CA  1 
ATOM   648  C C   . ALA A 1 95  ? 5.009   3.720   12.110  1.00 25.50 ? 94  ALA A C   1 
ATOM   649  O O   . ALA A 1 95  ? 4.055   3.726   12.877  1.00 25.50 ? 94  ALA A O   1 
ATOM   650  C CB  . ALA A 1 95  ? 4.788   5.995   11.054  1.00 24.40 ? 94  ALA A CB  1 
ATOM   651  N N   . GLY A 1 96  ? 5.452   2.609   11.540  1.00 21.36 ? 95  GLY A N   1 
ATOM   652  C CA  . GLY A 1 96  ? 4.864   1.319   11.863  1.00 24.41 ? 95  GLY A CA  1 
ATOM   653  C C   . GLY A 1 96  ? 3.586   0.974   11.117  1.00 21.10 ? 95  GLY A C   1 
ATOM   654  O O   . GLY A 1 96  ? 2.774   0.184   11.609  1.00 23.95 ? 95  GLY A O   1 
ATOM   655  N N   . ALA A 1 97  ? 3.405   1.535   9.925   1.00 18.83 ? 96  ALA A N   1 
ATOM   656  C CA  . ALA A 1 97  ? 2.196   1.273   9.133   1.00 17.50 ? 96  ALA A CA  1 
ATOM   657  C C   . ALA A 1 97  ? 2.091   -0.153  8.577   1.00 22.88 ? 96  ALA A C   1 
ATOM   658  O O   . ALA A 1 97  ? 0.982   -0.637  8.339   1.00 17.36 ? 96  ALA A O   1 
ATOM   659  C CB  . ALA A 1 97  ? 2.076   2.287   7.986   1.00 21.30 ? 96  ALA A CB  1 
ATOM   660  N N   . LEU A 1 98  ? 3.223   -0.826  8.369   1.00 17.33 ? 97  LEU A N   1 
ATOM   661  C CA  . LEU A 1 98  ? 3.203   -2.056  7.550   1.00 19.46 ? 97  LEU A CA  1 
ATOM   662  C C   . LEU A 1 98  ? 2.336   -3.237  8.032   1.00 15.65 ? 97  LEU A C   1 
ATOM   663  O O   . LEU A 1 98  ? 1.582   -3.806  7.244   1.00 17.32 ? 97  LEU A O   1 
ATOM   664  C CB  . LEU A 1 98  ? 4.623   -2.520  7.194   1.00 20.80 ? 97  LEU A CB  1 
ATOM   665  C CG  . LEU A 1 98  ? 5.344   -1.644  6.171   1.00 21.82 ? 97  LEU A CG  1 
ATOM   666  C CD1 . LEU A 1 98  ? 6.768   -2.165  5.961   1.00 21.96 ? 97  LEU A CD1 1 
ATOM   667  C CD2 . LEU A 1 98  ? 4.598   -1.590  4.833   1.00 24.51 ? 97  LEU A CD2 1 
ATOM   668  N N   . PRO A 1 99  ? 2.429   -3.606  9.313   1.00 18.75 ? 98  PRO A N   1 
ATOM   669  C CA  . PRO A 1 99  ? 1.596   -4.730  9.762   1.00 17.46 ? 98  PRO A CA  1 
ATOM   670  C C   . PRO A 1 99  ? 0.111   -4.471  9.536   1.00 18.95 ? 98  PRO A C   1 
ATOM   671  O O   . PRO A 1 99  ? -0.568  -5.345  8.996   1.00 16.57 ? 98  PRO A O   1 
ATOM   672  C CB  . PRO A 1 99  ? 1.917   -4.819  11.258  1.00 22.21 ? 98  PRO A CB  1 
ATOM   673  C CG  . PRO A 1 99  ? 3.333   -4.329  11.342  1.00 21.77 ? 98  PRO A CG  1 
ATOM   674  C CD  . PRO A 1 99  ? 3.394   -3.188  10.352  1.00 18.75 ? 98  PRO A CD  1 
ATOM   675  N N   . ALA A 1 100 ? -0.378  -3.295  9.923   1.00 18.17 ? 99  ALA A N   1 
ATOM   676  C CA  . ALA A 1 100 ? -1.789  -2.969  9.702   1.00 17.72 ? 99  ALA A CA  1 
ATOM   677  C C   . ALA A 1 100 ? -2.155  -2.976  8.215   1.00 17.50 ? 99  ALA A C   1 
ATOM   678  O O   . ALA A 1 100 ? -3.217  -3.465  7.820   1.00 16.13 ? 99  ALA A O   1 
ATOM   679  C CB  . ALA A 1 100 ? -2.132  -1.616  10.339  1.00 17.87 ? 99  ALA A CB  1 
ATOM   680  N N   . LEU A 1 101 ? -1.276  -2.428  7.379   1.00 15.15 ? 100 LEU A N   1 
ATOM   681  C CA  . LEU A 1 101 ? -1.526  -2.453  5.947   1.00 16.86 ? 100 LEU A CA  1 
ATOM   682  C C   . LEU A 1 101 ? -1.671  -3.881  5.406   1.00 16.27 ? 100 LEU A C   1 
ATOM   683  O O   . LEU A 1 101 ? -2.579  -4.158  4.632   1.00 15.45 ? 100 LEU A O   1 
ATOM   684  C CB  . LEU A 1 101 ? -0.443  -1.668  5.181   1.00 16.12 ? 100 LEU A CB  1 
ATOM   685  C CG  . LEU A 1 101 ? -0.482  -0.150  5.380   1.00 17.64 ? 100 LEU A CG  1 
ATOM   686  C CD1 . LEU A 1 101 ? 0.691   0.522   4.673   1.00 17.15 ? 100 LEU A CD1 1 
ATOM   687  C CD2 . LEU A 1 101 ? -1.797  0.454   4.885   1.00 20.25 ? 100 LEU A CD2 1 
ATOM   688  N N   . VAL A 1 102 ? -0.783  -4.783  5.816   1.00 14.08 ? 101 VAL A N   1 
ATOM   689  C CA  . VAL A 1 102 ? -0.837  -6.159  5.360   1.00 14.12 ? 101 VAL A CA  1 
ATOM   690  C C   . VAL A 1 102 ? -2.087  -6.853  5.899   1.00 16.13 ? 101 VAL A C   1 
ATOM   691  O O   . VAL A 1 102 ? -2.743  -7.599  5.181   1.00 14.26 ? 101 VAL A O   1 
ATOM   692  C CB  . VAL A 1 102 ? 0.450   -6.941  5.721   1.00 14.64 ? 101 VAL A CB  1 
ATOM   693  C CG1 . VAL A 1 102 ? 0.348   -8.399  5.270   1.00 16.05 ? 101 VAL A CG1 1 
ATOM   694  C CG2 . VAL A 1 102 ? 1.676   -6.269  5.062   1.00 19.37 ? 101 VAL A CG2 1 
ATOM   695  N N   . GLN A 1 103 ? -2.440  -6.552  7.140   1.00 13.39 ? 102 GLN A N   1 
ATOM   696  C CA  . GLN A 1 103 ? -3.651  -7.122  7.727   1.00 12.01 ? 102 GLN A CA  1 
ATOM   697  C C   . GLN A 1 103 ? -4.893  -6.737  6.909   1.00 16.18 ? 102 GLN A C   1 
ATOM   698  O O   . GLN A 1 103 ? -5.804  -7.551  6.721   1.00 16.74 ? 102 GLN A O   1 
ATOM   699  C CB  . GLN A 1 103 ? -3.813  -6.673  9.184   1.00 15.94 ? 102 GLN A CB  1 
ATOM   700  C CG  . GLN A 1 103 ? -4.982  -7.342  9.872   1.00 17.21 ? 102 GLN A CG  1 
ATOM   701  C CD  . GLN A 1 103 ? -5.244  -6.795  11.252  1.00 16.89 ? 102 GLN A CD  1 
ATOM   702  O OE1 . GLN A 1 103 ? -5.547  -5.612  11.420  1.00 21.70 ? 102 GLN A OE1 1 
ATOM   703  N NE2 . GLN A 1 103 ? -5.103  -7.648  12.261  1.00 18.36 ? 102 GLN A NE2 1 
ATOM   704  N N   . LEU A 1 104 ? -4.917  -5.497  6.427   1.00 15.83 ? 103 LEU A N   1 
ATOM   705  C CA  . LEU A 1 104 ? -6.064  -4.987  5.677   1.00 18.00 ? 103 LEU A CA  1 
ATOM   706  C C   . LEU A 1 104 ? -6.198  -5.631  4.292   1.00 17.44 ? 103 LEU A C   1 
ATOM   707  O O   . LEU A 1 104 ? -7.271  -5.569  3.681   1.00 18.76 ? 103 LEU A O   1 
ATOM   708  C CB  . LEU A 1 104 ? -6.008  -3.455  5.579   1.00 15.56 ? 103 LEU A CB  1 
ATOM   709  C CG  . LEU A 1 104 ? -6.221  -2.681  6.881   1.00 18.36 ? 103 LEU A CG  1 
ATOM   710  C CD1 . LEU A 1 104 ? -5.779  -1.217  6.750   1.00 22.78 ? 103 LEU A CD1 1 
ATOM   711  C CD2 . LEU A 1 104 ? -7.692  -2.788  7.321   1.00 23.04 ? 103 LEU A CD2 1 
ATOM   712  N N   . LEU A 1 105 ? -5.131  -6.268  3.805   1.00 16.85 ? 104 LEU A N   1 
ATOM   713  C CA  . LEU A 1 105 ? -5.239  -7.049  2.570   1.00 19.26 ? 104 LEU A CA  1 
ATOM   714  C C   . LEU A 1 105 ? -6.281  -8.179  2.690   1.00 23.74 ? 104 LEU A C   1 
ATOM   715  O O   . LEU A 1 105 ? -6.724  -8.726  1.680   1.00 24.06 ? 104 LEU A O   1 
ATOM   716  C CB  . LEU A 1 105 ? -3.890  -7.633  2.142   1.00 18.38 ? 104 LEU A CB  1 
ATOM   717  C CG  . LEU A 1 105 ? -2.789  -6.642  1.762   1.00 18.80 ? 104 LEU A CG  1 
ATOM   718  C CD1 . LEU A 1 105 ? -1.558  -7.406  1.279   1.00 22.59 ? 104 LEU A CD1 1 
ATOM   719  C CD2 . LEU A 1 105 ? -3.278  -5.658  0.694   1.00 20.11 ? 104 LEU A CD2 1 
ATOM   720  N N   A SER A 1 106 ? -6.681  -8.516  3.914   0.41 20.42 ? 105 SER A N   1 
ATOM   721  N N   B SER A 1 106 ? -6.664  -8.514  3.919   0.59 20.37 ? 105 SER A N   1 
ATOM   722  C CA  A SER A 1 106 ? -7.690  -9.561  4.106   0.41 22.34 ? 105 SER A CA  1 
ATOM   723  C CA  B SER A 1 106 ? -7.678  -9.549  4.138   0.59 22.30 ? 105 SER A CA  1 
ATOM   724  C C   A SER A 1 106 ? -9.076  -9.015  4.453   0.41 22.81 ? 105 SER A C   1 
ATOM   725  C C   B SER A 1 106 ? -9.024  -8.997  4.601   0.59 22.65 ? 105 SER A C   1 
ATOM   726  O O   A SER A 1 106 ? -10.000 -9.784  4.736   0.41 23.75 ? 105 SER A O   1 
ATOM   727  O O   B SER A 1 106 ? -9.869  -9.742  5.100   0.59 23.63 ? 105 SER A O   1 
ATOM   728  C CB  A SER A 1 106 ? -7.247  -10.561 5.179   0.41 25.99 ? 105 SER A CB  1 
ATOM   729  C CB  B SER A 1 106 ? -7.166  -10.605 5.122   0.59 26.01 ? 105 SER A CB  1 
ATOM   730  O OG  A SER A 1 106 ? -7.499  -10.057 6.476   0.41 26.83 ? 105 SER A OG  1 
ATOM   731  O OG  B SER A 1 106 ? -5.992  -11.220 4.621   0.59 30.29 ? 105 SER A OG  1 
ATOM   732  N N   . SER A 1 107 ? -9.226  -7.695  4.430   1.00 18.99 ? 106 SER A N   1 
ATOM   733  C CA  . SER A 1 107 ? -10.508 -7.081  4.749   1.00 19.32 ? 106 SER A CA  1 
ATOM   734  C C   . SER A 1 107 ? -11.602 -7.590  3.806   1.00 23.30 ? 106 SER A C   1 
ATOM   735  O O   . SER A 1 107 ? -11.404 -7.666  2.592   1.00 23.04 ? 106 SER A O   1 
ATOM   736  C CB  . SER A 1 107 ? -10.435 -5.556  4.634   1.00 21.98 ? 106 SER A CB  1 
ATOM   737  O OG  . SER A 1 107 ? -11.712 -4.991  4.908   1.00 25.01 ? 106 SER A OG  1 
ATOM   738  N N   . PRO A 1 108 ? -12.763 -7.943  4.366   1.00 23.15 ? 107 PRO A N   1 
ATOM   739  C CA  . PRO A 1 108 ? -13.925 -8.264  3.529   1.00 22.79 ? 107 PRO A CA  1 
ATOM   740  C C   . PRO A 1 108 ? -14.411 -7.041  2.739   1.00 26.84 ? 107 PRO A C   1 
ATOM   741  O O   . PRO A 1 108 ? -15.113 -7.194  1.750   1.00 28.56 ? 107 PRO A O   1 
ATOM   742  C CB  . PRO A 1 108 ? -14.983 -8.698  4.550   1.00 25.56 ? 107 PRO A CB  1 
ATOM   743  C CG  . PRO A 1 108 ? -14.189 -9.193  5.735   1.00 27.14 ? 107 PRO A CG  1 
ATOM   744  C CD  . PRO A 1 108 ? -12.985 -8.266  5.784   1.00 22.19 ? 107 PRO A CD  1 
ATOM   745  N N   . ASN A 1 109 ? -14.065 -5.840  3.193   1.00 26.22 ? 108 ASN A N   1 
ATOM   746  C CA  . ASN A 1 109 ? -14.399 -4.620  2.460   1.00 24.16 ? 108 ASN A CA  1 
ATOM   747  C C   . ASN A 1 109 ? -13.401 -4.447  1.323   1.00 26.25 ? 108 ASN A C   1 
ATOM   748  O O   . ASN A 1 109 ? -12.240 -4.138  1.562   1.00 21.47 ? 108 ASN A O   1 
ATOM   749  C CB  . ASN A 1 109 ? -14.367 -3.416  3.401   1.00 25.76 ? 108 ASN A CB  1 
ATOM   750  C CG  . ASN A 1 109 ? -14.773 -2.119  2.725   1.00 31.83 ? 108 ASN A CG  1 
ATOM   751  O OD1 . ASN A 1 109 ? -14.372 -1.834  1.599   1.00 31.66 ? 108 ASN A OD1 1 
ATOM   752  N ND2 . ASN A 1 109 ? -15.565 -1.309  3.431   1.00 31.40 ? 108 ASN A ND2 1 
ATOM   753  N N   . GLU A 1 110 ? -13.835 -4.663  0.085   1.00 25.57 ? 109 GLU A N   1 
ATOM   754  C CA  . GLU A 1 110 ? -12.879 -4.696  -1.024  1.00 28.46 ? 109 GLU A CA  1 
ATOM   755  C C   . GLU A 1 110 ? -12.316 -3.320  -1.374  1.00 24.02 ? 109 GLU A C   1 
ATOM   756  O O   . GLU A 1 110 ? -11.275 -3.216  -2.030  1.00 23.27 ? 109 GLU A O   1 
ATOM   757  C CB  . GLU A 1 110 ? -13.496 -5.358  -2.260  1.00 36.91 ? 109 GLU A CB  1 
ATOM   758  C CG  . GLU A 1 110 ? -14.279 -4.406  -3.142  1.00 52.88 ? 109 GLU A CG  1 
ATOM   759  C CD  . GLU A 1 110 ? -15.123 -5.129  -4.183  1.00 66.59 ? 109 GLU A CD  1 
ATOM   760  O OE1 . GLU A 1 110 ? -15.333 -6.355  -4.040  1.00 60.84 ? 109 GLU A OE1 1 
ATOM   761  O OE2 . GLU A 1 110 ? -15.575 -4.465  -5.143  1.00 64.51 ? 109 GLU A OE2 1 
ATOM   762  N N   . GLN A 1 111 ? -13.002 -2.263  -0.951  1.00 25.79 ? 110 GLN A N   1 
ATOM   763  C CA  . GLN A 1 111 ? -12.513 -0.909  -1.185  1.00 27.01 ? 110 GLN A CA  1 
ATOM   764  C C   . GLN A 1 111 ? -11.337 -0.611  -0.252  1.00 24.21 ? 110 GLN A C   1 
ATOM   765  O O   . GLN A 1 111 ? -10.347 0.012   -0.641  1.00 24.61 ? 110 GLN A O   1 
ATOM   766  C CB  . GLN A 1 111 ? -13.635 0.112   -0.969  1.00 32.47 ? 110 GLN A CB  1 
ATOM   767  C CG  . GLN A 1 111 ? -14.989 -0.317  -1.547  1.00 44.18 ? 110 GLN A CG  1 
ATOM   768  C CD  . GLN A 1 111 ? -14.946 -0.569  -3.040  1.00 48.61 ? 110 GLN A CD  1 
ATOM   769  O OE1 . GLN A 1 111 ? -15.757 -1.325  -3.575  1.00 55.18 ? 110 GLN A OE1 1 
ATOM   770  N NE2 . GLN A 1 111 ? -14.000 0.069   -3.724  1.00 55.00 ? 110 GLN A NE2 1 
ATOM   771  N N   . ILE A 1 112 ? -11.464 -1.062  0.987   1.00 19.95 ? 111 ILE A N   1 
ATOM   772  C CA  . ILE A 1 112 ? -10.393 -0.921  1.961   1.00 21.37 ? 111 ILE A CA  1 
ATOM   773  C C   . ILE A 1 112 ? -9.214  -1.767  1.516   1.00 20.88 ? 111 ILE A C   1 
ATOM   774  O O   . ILE A 1 112 ? -8.069  -1.325  1.558   1.00 21.56 ? 111 ILE A O   1 
ATOM   775  C CB  . ILE A 1 112 ? -10.876 -1.333  3.349   1.00 21.69 ? 111 ILE A CB  1 
ATOM   776  C CG1 . ILE A 1 112 ? -11.827 -0.255  3.878   1.00 26.74 ? 111 ILE A CG1 1 
ATOM   777  C CG2 . ILE A 1 112 ? -9.697  -1.575  4.309   1.00 22.78 ? 111 ILE A CG2 1 
ATOM   778  C CD1 . ILE A 1 112 ? -12.411 -0.563  5.227   1.00 29.84 ? 111 ILE A CD1 1 
ATOM   779  N N   . LEU A 1 113 ? -9.511  -2.987  1.089   1.00 22.07 ? 112 LEU A N   1 
ATOM   780  C CA  . LEU A 1 113 ? -8.492  -3.888  0.570   1.00 17.92 ? 112 LEU A CA  1 
ATOM   781  C C   . LEU A 1 113 ? -7.683  -3.215  -0.547  1.00 19.04 ? 112 LEU A C   1 
ATOM   782  O O   . LEU A 1 113 ? -6.451  -3.199  -0.513  1.00 20.03 ? 112 LEU A O   1 
ATOM   783  C CB  . LEU A 1 113 ? -9.167  -5.178  0.083   1.00 23.15 ? 112 LEU A CB  1 
ATOM   784  C CG  . LEU A 1 113 ? -8.349  -6.417  -0.279  1.00 27.12 ? 112 LEU A CG  1 
ATOM   785  C CD1 . LEU A 1 113 ? -9.285  -7.590  -0.560  1.00 28.21 ? 112 LEU A CD1 1 
ATOM   786  C CD2 . LEU A 1 113 ? -7.463  -6.161  -1.475  1.00 26.25 ? 112 LEU A CD2 1 
ATOM   787  N N   A GLN A 1 114 ? -8.381  -2.652  -1.531  0.53 19.25 ? 113 GLN A N   1 
ATOM   788  N N   B GLN A 1 114 ? -8.380  -2.655  -1.531  0.47 19.27 ? 113 GLN A N   1 
ATOM   789  C CA  A GLN A 1 114 ? -7.724  -2.032  -2.679  0.53 21.22 ? 113 GLN A CA  1 
ATOM   790  C CA  B GLN A 1 114 ? -7.723  -2.033  -2.673  0.47 21.22 ? 113 GLN A CA  1 
ATOM   791  C C   A GLN A 1 114 ? -6.836  -0.854  -2.260  0.53 19.38 ? 113 GLN A C   1 
ATOM   792  C C   B GLN A 1 114 ? -6.837  -0.854  -2.260  0.47 19.39 ? 113 GLN A C   1 
ATOM   793  O O   A GLN A 1 114 ? -5.747  -0.672  -2.794  0.53 20.24 ? 113 GLN A O   1 
ATOM   794  O O   B GLN A 1 114 ? -5.751  -0.669  -2.802  0.47 20.24 ? 113 GLN A O   1 
ATOM   795  C CB  A GLN A 1 114 ? -8.752  -1.610  -3.745  0.53 23.55 ? 113 GLN A CB  1 
ATOM   796  C CB  B GLN A 1 114 ? -8.759  -1.612  -3.724  0.47 23.55 ? 113 GLN A CB  1 
ATOM   797  C CG  A GLN A 1 114 ? -8.131  -0.985  -4.993  0.53 28.46 ? 113 GLN A CG  1 
ATOM   798  C CG  B GLN A 1 114 ? -9.339  -2.798  -4.488  0.47 23.88 ? 113 GLN A CG  1 
ATOM   799  C CD  A GLN A 1 114 ? -8.948  -1.218  -6.271  0.53 35.78 ? 113 GLN A CD  1 
ATOM   800  C CD  B GLN A 1 114 ? -10.635 -2.473  -5.223  0.47 25.97 ? 113 GLN A CD  1 
ATOM   801  O OE1 A GLN A 1 114 ? -9.733  -2.170  -6.376  0.53 26.38 ? 113 GLN A OE1 1 
ATOM   802  O OE1 B GLN A 1 114 ? -11.233 -1.417  -5.024  0.47 37.90 ? 113 GLN A OE1 1 
ATOM   803  N NE2 A GLN A 1 114 ? -8.749  -0.347  -7.252  0.53 30.81 ? 113 GLN A NE2 1 
ATOM   804  N NE2 B GLN A 1 114 ? -11.070 -3.387  -6.075  0.47 36.85 ? 113 GLN A NE2 1 
ATOM   805  N N   . GLU A 1 115 ? -7.299  -0.070  -1.295  1.00 19.93 ? 114 GLU A N   1 
ATOM   806  C CA  . GLU A 1 115 ? -6.532  1.083   -0.817  1.00 20.16 ? 114 GLU A CA  1 
ATOM   807  C C   . GLU A 1 115 ? -5.265  0.651   -0.068  1.00 17.28 ? 114 GLU A C   1 
ATOM   808  O O   . GLU A 1 115 ? -4.204  1.239   -0.229  1.00 18.23 ? 114 GLU A O   1 
ATOM   809  C CB  . GLU A 1 115 ? -7.420  1.970   0.056   1.00 19.79 ? 114 GLU A CB  1 
ATOM   810  C CG  . GLU A 1 115 ? -8.436  2.752   -0.757  1.00 29.85 ? 114 GLU A CG  1 
ATOM   811  C CD  . GLU A 1 115 ? -9.717  3.047   0.011   1.00 45.04 ? 114 GLU A CD  1 
ATOM   812  O OE1 . GLU A 1 115 ? -9.781  2.728   1.218   1.00 46.22 ? 114 GLU A OE1 1 
ATOM   813  O OE2 . GLU A 1 115 ? -10.667 3.589   -0.598  1.00 45.74 ? 114 GLU A OE2 1 
ATOM   814  N N   . ALA A 1 116 ? -5.378  -0.406  0.731   1.00 18.36 ? 115 ALA A N   1 
ATOM   815  C CA  . ALA A 1 116 ? -4.207  -0.957  1.406   1.00 15.59 ? 115 ALA A CA  1 
ATOM   816  C C   . ALA A 1 116 ? -3.202  -1.475  0.379   1.00 19.12 ? 115 ALA A C   1 
ATOM   817  O O   . ALA A 1 116 ? -1.999  -1.277  0.509   1.00 18.89 ? 115 ALA A O   1 
ATOM   818  C CB  . ALA A 1 116 ? -4.619  -2.073  2.379   1.00 18.63 ? 115 ALA A CB  1 
ATOM   819  N N   . LEU A 1 117 ? -3.714  -2.144  -0.643  1.00 17.10 ? 116 LEU A N   1 
ATOM   820  C CA  . LEU A 1 117 ? -2.903  -2.602  -1.763  1.00 16.58 ? 116 LEU A CA  1 
ATOM   821  C C   . LEU A 1 117 ? -2.140  -1.454  -2.439  1.00 22.23 ? 116 LEU A C   1 
ATOM   822  O O   . LEU A 1 117 ? -0.939  -1.575  -2.708  1.00 19.62 ? 116 LEU A O   1 
ATOM   823  C CB  . LEU A 1 117 ? -3.805  -3.322  -2.763  1.00 21.35 ? 116 LEU A CB  1 
ATOM   824  C CG  . LEU A 1 117 ? -3.262  -4.415  -3.674  1.00 30.20 ? 116 LEU A CG  1 
ATOM   825  C CD1 . LEU A 1 117 ? -2.197  -5.230  -2.982  1.00 24.67 ? 116 LEU A CD1 1 
ATOM   826  C CD2 . LEU A 1 117 ? -4.429  -5.301  -4.142  1.00 22.65 ? 116 LEU A CD2 1 
ATOM   827  N N   . TRP A 1 118 ? -2.834  -0.350  -2.719  1.00 19.55 ? 117 TRP A N   1 
ATOM   828  C CA  A TRP A 1 118 ? -2.203  0.852   -3.289  0.59 21.33 ? 117 TRP A CA  1 
ATOM   829  C CA  B TRP A 1 118 ? -2.193  0.819   -3.315  0.41 21.33 ? 117 TRP A CA  1 
ATOM   830  C C   . TRP A 1 118 ? -1.026  1.317   -2.443  1.00 22.05 ? 117 TRP A C   1 
ATOM   831  O O   . TRP A 1 118 ? 0.060   1.603   -2.946  1.00 20.37 ? 117 TRP A O   1 
ATOM   832  C CB  A TRP A 1 118 ? -3.180  2.023   -3.320  0.59 22.08 ? 117 TRP A CB  1 
ATOM   833  C CB  B TRP A 1 118 ? -3.228  1.927   -3.547  0.41 21.82 ? 117 TRP A CB  1 
ATOM   834  C CG  A TRP A 1 118 ? -4.302  1.903   -4.252  0.59 22.97 ? 117 TRP A CG  1 
ATOM   835  C CG  B TRP A 1 118 ? -2.742  3.076   -4.384  0.41 24.63 ? 117 TRP A CG  1 
ATOM   836  C CD1 A TRP A 1 118 ? -4.464  0.981   -5.239  0.59 25.80 ? 117 TRP A CD1 1 
ATOM   837  C CD1 B TRP A 1 118 ? -2.667  4.387   -4.013  0.41 29.50 ? 117 TRP A CD1 1 
ATOM   838  C CD2 A TRP A 1 118 ? -5.450  2.757   -4.302  0.59 23.38 ? 117 TRP A CD2 1 
ATOM   839  C CD2 B TRP A 1 118 ? -2.270  3.015   -5.738  0.41 31.16 ? 117 TRP A CD2 1 
ATOM   840  N NE1 A TRP A 1 118 ? -5.649  1.202   -5.899  0.59 27.35 ? 117 TRP A NE1 1 
ATOM   841  N NE1 B TRP A 1 118 ? -2.175  5.145   -5.047  0.41 29.21 ? 117 TRP A NE1 1 
ATOM   842  C CE2 A TRP A 1 118 ? -6.272  2.289   -5.340  0.59 22.85 ? 117 TRP A CE2 1 
ATOM   843  C CE2 B TRP A 1 118 ? -1.924  4.328   -6.118  0.41 30.61 ? 117 TRP A CE2 1 
ATOM   844  C CE3 A TRP A 1 118 ? -5.863  3.871   -3.563  0.59 27.47 ? 117 TRP A CE3 1 
ATOM   845  C CE3 B TRP A 1 118 ? -2.106  1.979   -6.663  0.41 31.31 ? 117 TRP A CE3 1 
ATOM   846  C CZ2 A TRP A 1 118 ? -7.485  2.894   -5.663  0.59 37.34 ? 117 TRP A CZ2 1 
ATOM   847  C CZ2 B TRP A 1 118 ? -1.423  4.630   -7.384  0.41 33.84 ? 117 TRP A CZ2 1 
ATOM   848  C CZ3 A TRP A 1 118 ? -7.064  4.472   -3.884  0.59 35.26 ? 117 TRP A CZ3 1 
ATOM   849  C CZ3 B TRP A 1 118 ? -1.609  2.280   -7.917  0.41 25.36 ? 117 TRP A CZ3 1 
ATOM   850  C CH2 A TRP A 1 118 ? -7.861  3.983   -4.923  0.59 35.79 ? 117 TRP A CH2 1 
ATOM   851  C CH2 B TRP A 1 118 ? -1.271  3.595   -8.266  0.41 29.96 ? 117 TRP A CH2 1 
ATOM   852  N N   . ALA A 1 119 ? -1.256  1.428   -1.143  1.00 19.71 ? 118 ALA A N   1 
ATOM   853  C CA  . ALA A 1 119 ? -0.213  1.908   -0.232  1.00 18.97 ? 118 ALA A CA  1 
ATOM   854  C C   . ALA A 1 119 ? 1.006   0.990   -0.231  1.00 16.82 ? 118 ALA A C   1 
ATOM   855  O O   . ALA A 1 119 ? 2.140   1.442   -0.347  1.00 18.07 ? 118 ALA A O   1 
ATOM   856  C CB  . ALA A 1 119 ? -0.769  2.062   1.180   1.00 19.96 ? 118 ALA A CB  1 
ATOM   857  N N   . LEU A 1 120 ? 0.760   -0.314  -0.103  1.00 18.53 ? 119 LEU A N   1 
ATOM   858  C CA  . LEU A 1 120 ? 1.841   -1.297  -0.135  1.00 17.00 ? 119 LEU A CA  1 
ATOM   859  C C   . LEU A 1 120 ? 2.600   -1.300  -1.476  1.00 17.32 ? 119 LEU A C   1 
ATOM   860  O O   . LEU A 1 120 ? 3.820   -1.421  -1.496  1.00 18.74 ? 119 LEU A O   1 
ATOM   861  C CB  . LEU A 1 120 ? 1.301   -2.692  0.184   1.00 15.81 ? 119 LEU A CB  1 
ATOM   862  C CG  . LEU A 1 120 ? 0.938   -2.914  1.648   1.00 19.12 ? 119 LEU A CG  1 
ATOM   863  C CD1 . LEU A 1 120 ? 0.098   -4.188  1.817   1.00 20.24 ? 119 LEU A CD1 1 
ATOM   864  C CD2 . LEU A 1 120 ? 2.196   -2.960  2.524   1.00 22.25 ? 119 LEU A CD2 1 
ATOM   865  N N   A SER A 1 121 ? 1.876   -1.174  -2.586  0.67 19.92 ? 120 SER A N   1 
ATOM   866  N N   B SER A 1 121 ? 1.878   -1.153  -2.584  0.33 19.94 ? 120 SER A N   1 
ATOM   867  C CA  A SER A 1 121 ? 2.526   -1.094  -3.890  0.67 20.10 ? 120 SER A CA  1 
ATOM   868  C CA  B SER A 1 121 ? 2.526   -1.101  -3.892  0.33 20.16 ? 120 SER A CA  1 
ATOM   869  C C   A SER A 1 121 ? 3.460   0.116   -3.946  0.67 20.12 ? 120 SER A C   1 
ATOM   870  C C   B SER A 1 121 ? 3.418   0.138   -4.021  0.33 20.18 ? 120 SER A C   1 
ATOM   871  O O   A SER A 1 121 ? 4.577   0.032   -4.459  0.67 22.02 ? 120 SER A O   1 
ATOM   872  O O   B SER A 1 121 ? 4.471   0.089   -4.658  0.33 21.86 ? 120 SER A O   1 
ATOM   873  C CB  A SER A 1 121 ? 1.497   -1.012  -5.022  0.67 23.49 ? 120 SER A CB  1 
ATOM   874  C CB  B SER A 1 121 ? 1.496   -1.147  -5.028  0.33 23.44 ? 120 SER A CB  1 
ATOM   875  O OG  A SER A 1 121 ? 0.578   -2.082  -4.955  0.67 32.69 ? 120 SER A OG  1 
ATOM   876  O OG  B SER A 1 121 ? 0.759   0.060   -5.106  0.33 28.02 ? 120 SER A OG  1 
ATOM   877  N N   . ASN A 1 122 ? 2.997   1.246   -3.414  1.00 18.97 ? 121 ASN A N   1 
ATOM   878  C CA  . ASN A 1 122 ? 3.808   2.468   -3.413  1.00 21.61 ? 121 ASN A CA  1 
ATOM   879  C C   . ASN A 1 122 ? 5.069   2.296   -2.561  1.00 22.93 ? 121 ASN A C   1 
ATOM   880  O O   . ASN A 1 122 ? 6.158   2.746   -2.925  1.00 20.93 ? 121 ASN A O   1 
ATOM   881  C CB  . ASN A 1 122 ? 2.997   3.691   -2.954  1.00 17.78 ? 121 ASN A CB  1 
ATOM   882  C CG  . ASN A 1 122 ? 2.027   4.188   -4.026  1.00 25.20 ? 121 ASN A CG  1 
ATOM   883  O OD1 . ASN A 1 122 ? 2.195   3.893   -5.202  1.00 29.96 ? 121 ASN A OD1 1 
ATOM   884  N ND2 . ASN A 1 122 ? 1.011   4.939   -3.618  1.00 23.80 ? 121 ASN A ND2 1 
ATOM   885  N N   . ILE A 1 123 ? 4.921   1.633   -1.421  1.00 17.54 ? 122 ILE A N   1 
ATOM   886  C CA  . ILE A 1 123 ? 6.069   1.372   -0.573  1.00 19.16 ? 122 ILE A CA  1 
ATOM   887  C C   . ILE A 1 123 ? 7.060   0.450   -1.291  1.00 21.06 ? 122 ILE A C   1 
ATOM   888  O O   . ILE A 1 123 ? 8.267   0.695   -1.273  1.00 22.90 ? 122 ILE A O   1 
ATOM   889  C CB  . ILE A 1 123 ? 5.641   0.800   0.777   1.00 18.02 ? 122 ILE A CB  1 
ATOM   890  C CG1 . ILE A 1 123 ? 4.826   1.855   1.539   1.00 18.09 ? 122 ILE A CG1 1 
ATOM   891  C CG2 . ILE A 1 123 ? 6.863   0.329   1.574   1.00 18.82 ? 122 ILE A CG2 1 
ATOM   892  C CD1 . ILE A 1 123 ? 4.089   1.309   2.759   1.00 22.07 ? 122 ILE A CD1 1 
ATOM   893  N N   . ALA A 1 124 ? 6.532   -0.575  -1.960  1.00 18.56 ? 123 ALA A N   1 
ATOM   894  C CA  . ALA A 1 124 ? 7.353   -1.564  -2.656  1.00 19.06 ? 123 ALA A CA  1 
ATOM   895  C C   . ALA A 1 124 ? 7.986   -0.995  -3.931  1.00 21.77 ? 123 ALA A C   1 
ATOM   896  O O   . ALA A 1 124 ? 8.747   -1.685  -4.609  1.00 21.73 ? 123 ALA A O   1 
ATOM   897  C CB  . ALA A 1 124 ? 6.541   -2.812  -2.983  1.00 19.84 ? 123 ALA A CB  1 
ATOM   898  N N   . SER A 1 125 ? 7.657   0.252   -4.249  1.00 22.19 ? 124 SER A N   1 
ATOM   899  C CA  . SER A 1 125 ? 8.289   0.952   -5.369  1.00 25.08 ? 124 SER A CA  1 
ATOM   900  C C   . SER A 1 125 ? 9.571   1.652   -4.930  1.00 26.55 ? 124 SER A C   1 
ATOM   901  O O   . SER A 1 125 ? 10.273  2.247   -5.750  1.00 30.57 ? 124 SER A O   1 
ATOM   902  C CB  . SER A 1 125 ? 7.315   1.960   -5.990  1.00 24.43 ? 124 SER A CB  1 
ATOM   903  O OG  . SER A 1 125 ? 7.295   3.159   -5.230  1.00 29.25 ? 124 SER A OG  1 
ATOM   904  N N   . GLY A 1 126 ? 9.885   1.565   -3.637  1.00 27.34 ? 125 GLY A N   1 
ATOM   905  C CA  . GLY A 1 126 ? 11.075  2.195   -3.074  1.00 27.56 ? 125 GLY A CA  1 
ATOM   906  C C   . GLY A 1 126 ? 12.338  1.363   -3.244  1.00 25.49 ? 125 GLY A C   1 
ATOM   907  O O   . GLY A 1 126 ? 12.416  0.507   -4.129  1.00 29.29 ? 125 GLY A O   1 
ATOM   908  N N   . GLY A 1 127 ? 13.328  1.611   -2.394  1.00 23.31 ? 126 GLY A N   1 
ATOM   909  C CA  . GLY A 1 127 ? 14.574  0.863   -2.432  1.00 25.26 ? 126 GLY A CA  1 
ATOM   910  C C   . GLY A 1 127 ? 14.441  -0.595  -2.031  1.00 26.72 ? 126 GLY A C   1 
ATOM   911  O O   . GLY A 1 127 ? 13.399  -1.018  -1.519  1.00 22.76 ? 126 GLY A O   1 
ATOM   912  N N   . ASN A 1 128 ? 15.507  -1.362  -2.252  1.00 20.95 ? 127 ASN A N   1 
ATOM   913  C CA  . ASN A 1 128 ? 15.512  -2.782  -1.918  1.00 19.82 ? 127 ASN A CA  1 
ATOM   914  C C   . ASN A 1 128 ? 15.235  -3.047  -0.440  1.00 20.03 ? 127 ASN A C   1 
ATOM   915  O O   . ASN A 1 128 ? 14.592  -4.037  -0.098  1.00 20.84 ? 127 ASN A O   1 
ATOM   916  C CB  . ASN A 1 128 ? 16.829  -3.452  -2.315  1.00 24.04 ? 127 ASN A CB  1 
ATOM   917  C CG  . ASN A 1 128 ? 17.012  -3.554  -3.823  1.00 25.12 ? 127 ASN A CG  1 
ATOM   918  O OD1 . ASN A 1 128 ? 16.113  -3.228  -4.607  1.00 28.06 ? 127 ASN A OD1 1 
ATOM   919  N ND2 . ASN A 1 128 ? 18.178  -4.027  -4.233  1.00 23.34 ? 127 ASN A ND2 1 
ATOM   920  N N   . GLU A 1 129 ? 15.733  -2.177  0.436   1.00 23.25 ? 128 GLU A N   1 
ATOM   921  C CA  . GLU A 1 129 ? 15.461  -2.333  1.866   1.00 26.83 ? 128 GLU A CA  1 
ATOM   922  C C   . GLU A 1 129 ? 14.002  -2.010  2.225   1.00 19.49 ? 128 GLU A C   1 
ATOM   923  O O   . GLU A 1 129 ? 13.455  -2.560  3.181   1.00 21.91 ? 128 GLU A O   1 
ATOM   924  C CB  . GLU A 1 129 ? 16.437  -1.505  2.707   1.00 32.92 ? 128 GLU A CB  1 
ATOM   925  C CG  . GLU A 1 129 ? 17.827  -2.137  2.828   1.00 37.56 ? 128 GLU A CG  1 
ATOM   926  C CD  . GLU A 1 129 ? 18.743  -1.382  3.782   1.00 53.79 ? 128 GLU A CD  1 
ATOM   927  O OE1 . GLU A 1 129 ? 18.799  -1.750  4.976   1.00 63.57 ? 128 GLU A OE1 1 
ATOM   928  O OE2 . GLU A 1 129 ? 19.407  -0.423  3.335   1.00 60.06 ? 128 GLU A OE2 1 
ATOM   929  N N   . GLN A 1 130 ? 13.377  -1.133  1.451   1.00 19.41 ? 129 GLN A N   1 
ATOM   930  C CA  . GLN A 1 130 ? 11.976  -0.795  1.678   1.00 21.63 ? 129 GLN A CA  1 
ATOM   931  C C   . GLN A 1 130 ? 11.098  -1.939  1.180   1.00 21.78 ? 129 GLN A C   1 
ATOM   932  O O   . GLN A 1 130 ? 10.093  -2.284  1.803   1.00 19.19 ? 129 GLN A O   1 
ATOM   933  C CB  . GLN A 1 130 ? 11.641  0.549   1.028   1.00 22.50 ? 129 GLN A CB  1 
ATOM   934  C CG  . GLN A 1 130 ? 12.478  1.679   1.653   1.00 26.73 ? 129 GLN A CG  1 
ATOM   935  C CD  . GLN A 1 130 ? 12.315  3.033   0.985   1.00 26.44 ? 129 GLN A CD  1 
ATOM   936  O OE1 . GLN A 1 130 ? 12.164  3.127   -0.230  1.00 29.20 ? 129 GLN A OE1 1 
ATOM   937  N NE2 . GLN A 1 130 ? 12.361  4.097   1.788   1.00 30.04 ? 129 GLN A NE2 1 
ATOM   938  N N   . ILE A 1 131 ? 11.511  -2.551  0.079   1.00 18.78 ? 130 ILE A N   1 
ATOM   939  C CA  . ILE A 1 131 ? 10.861  -3.756  -0.414  1.00 17.72 ? 130 ILE A CA  1 
ATOM   940  C C   . ILE A 1 131 ? 10.977  -4.872  0.630   1.00 20.27 ? 130 ILE A C   1 
ATOM   941  O O   . ILE A 1 131 ? 10.010  -5.596  0.911   1.00 16.63 ? 130 ILE A O   1 
ATOM   942  C CB  . ILE A 1 131 ? 11.472  -4.222  -1.750  1.00 16.98 ? 130 ILE A CB  1 
ATOM   943  C CG1 . ILE A 1 131 ? 11.212  -3.172  -2.830  1.00 18.73 ? 130 ILE A CG1 1 
ATOM   944  C CG2 . ILE A 1 131 ? 10.862  -5.563  -2.169  1.00 19.69 ? 130 ILE A CG2 1 
ATOM   945  C CD1 . ILE A 1 131 ? 11.935  -3.443  -4.162  1.00 19.59 ? 130 ILE A CD1 1 
ATOM   946  N N   . GLN A 1 132 ? 12.164  -5.005  1.217   1.00 19.21 ? 131 GLN A N   1 
ATOM   947  C CA  . GLN A 1 132 ? 12.383  -6.039  2.218   1.00 17.24 ? 131 GLN A CA  1 
ATOM   948  C C   . GLN A 1 132 ? 11.500  -5.804  3.460   1.00 15.50 ? 131 GLN A C   1 
ATOM   949  O O   . GLN A 1 132 ? 11.028  -6.755  4.069   1.00 18.89 ? 131 GLN A O   1 
ATOM   950  C CB  . GLN A 1 132 ? 13.865  -6.099  2.623   1.00 23.85 ? 131 GLN A CB  1 
ATOM   951  C CG  . GLN A 1 132 ? 14.245  -7.331  3.456   1.00 23.69 ? 131 GLN A CG  1 
ATOM   952  C CD  . GLN A 1 132 ? 13.834  -8.641  2.807   1.00 24.39 ? 131 GLN A CD  1 
ATOM   953  O OE1 . GLN A 1 132 ? 13.303  -9.538  3.473   1.00 32.66 ? 131 GLN A OE1 1 
ATOM   954  N NE2 . GLN A 1 132 ? 14.065  -8.758  1.508   1.00 26.69 ? 131 GLN A NE2 1 
ATOM   955  N N   . ALA A 1 133 ? 11.281  -4.548  3.826   1.00 19.40 ? 132 ALA A N   1 
ATOM   956  C CA  . ALA A 1 133 ? 10.386  -4.245  4.950   1.00 20.58 ? 132 ALA A CA  1 
ATOM   957  C C   . ALA A 1 133 ? 8.956   -4.737  4.687   1.00 18.22 ? 132 ALA A C   1 
ATOM   958  O O   . ALA A 1 133 ? 8.288   -5.221  5.601   1.00 17.77 ? 132 ALA A O   1 
ATOM   959  C CB  . ALA A 1 133 ? 10.378  -2.777  5.242   1.00 17.70 ? 132 ALA A CB  1 
ATOM   960  N N   . VAL A 1 134 ? 8.498   -4.602  3.442   1.00 16.07 ? 133 VAL A N   1 
ATOM   961  C CA  . VAL A 1 134 ? 7.168   -5.097  3.046   1.00 17.00 ? 133 VAL A CA  1 
ATOM   962  C C   . VAL A 1 134 ? 7.080   -6.618  3.163   1.00 16.68 ? 133 VAL A C   1 
ATOM   963  O O   . VAL A 1 134 ? 6.086   -7.181  3.661   1.00 17.96 ? 133 VAL A O   1 
ATOM   964  C CB  . VAL A 1 134 ? 6.819   -4.658  1.595   1.00 17.56 ? 133 VAL A CB  1 
ATOM   965  C CG1 . VAL A 1 134 ? 5.581   -5.397  1.090   1.00 17.59 ? 133 VAL A CG1 1 
ATOM   966  C CG2 . VAL A 1 134 ? 6.609   -3.163  1.549   1.00 21.25 ? 133 VAL A CG2 1 
ATOM   967  N N   . ILE A 1 135 ? 8.132   -7.290  2.708   1.00 15.90 ? 134 ILE A N   1 
ATOM   968  C CA  . ILE A 1 135 ? 8.226   -8.738  2.811   1.00 17.76 ? 134 ILE A CA  1 
ATOM   969  C C   . ILE A 1 135 ? 8.294   -9.188  4.276   1.00 17.00 ? 134 ILE A C   1 
ATOM   970  O O   . ILE A 1 135 ? 7.599   -10.128 4.689   1.00 18.96 ? 134 ILE A O   1 
ATOM   971  C CB  . ILE A 1 135 ? 9.486   -9.248  2.077   1.00 20.24 ? 134 ILE A CB  1 
ATOM   972  C CG1 . ILE A 1 135 ? 9.349   -9.037  0.563   1.00 21.22 ? 134 ILE A CG1 1 
ATOM   973  C CG2 . ILE A 1 135 ? 9.719   -10.723 2.370   1.00 22.24 ? 134 ILE A CG2 1 
ATOM   974  C CD1 . ILE A 1 135 ? 10.647  -9.312  -0.200  1.00 19.69 ? 134 ILE A CD1 1 
ATOM   975  N N   . ASP A 1 136 ? 9.121   -8.515  5.065   1.00 17.35 ? 135 ASP A N   1 
ATOM   976  C CA  . ASP A 1 136 ? 9.251   -8.875  6.481   1.00 19.38 ? 135 ASP A CA  1 
ATOM   977  C C   . ASP A 1 136 ? 7.942   -8.692  7.244   1.00 25.74 ? 135 ASP A C   1 
ATOM   978  O O   . ASP A 1 136 ? 7.698   -9.368  8.254   1.00 24.80 ? 135 ASP A O   1 
ATOM   979  C CB  . ASP A 1 136 ? 10.348  -8.043  7.151   1.00 23.33 ? 135 ASP A CB  1 
ATOM   980  C CG  . ASP A 1 136 ? 11.740  -8.436  6.700   1.00 27.84 ? 135 ASP A CG  1 
ATOM   981  O OD1 . ASP A 1 136 ? 11.880  -9.457  5.995   1.00 33.35 ? 135 ASP A OD1 1 
ATOM   982  O OD2 . ASP A 1 136 ? 12.701  -7.730  7.066   1.00 39.08 ? 135 ASP A OD2 1 
ATOM   983  N N   . ALA A 1 137 ? 7.107   -7.776  6.767   1.00 18.82 ? 136 ALA A N   1 
ATOM   984  C CA  . ALA A 1 137 ? 5.813   -7.508  7.397   1.00 20.10 ? 136 ALA A CA  1 
ATOM   985  C C   . ALA A 1 137 ? 4.755   -8.562  7.033   1.00 25.18 ? 136 ALA A C   1 
ATOM   986  O O   . ALA A 1 137 ? 3.639   -8.523  7.537   1.00 22.62 ? 136 ALA A O   1 
ATOM   987  C CB  . ALA A 1 137 ? 5.315   -6.107  7.036   1.00 21.21 ? 136 ALA A CB  1 
ATOM   988  N N   . GLY A 1 138 ? 5.098   -9.483  6.143   1.00 20.61 ? 137 GLY A N   1 
ATOM   989  C CA  . GLY A 1 138 ? 4.220   -10.597 5.826   1.00 23.39 ? 137 GLY A CA  1 
ATOM   990  C C   . GLY A 1 138 ? 3.383   -10.425 4.574   1.00 21.94 ? 137 GLY A C   1 
ATOM   991  O O   . GLY A 1 138 ? 2.403   -11.146 4.361   1.00 22.78 ? 137 GLY A O   1 
ATOM   992  N N   . ALA A 1 139 ? 3.761   -9.478  3.724   1.00 18.12 ? 138 ALA A N   1 
ATOM   993  C CA  . ALA A 1 139 ? 2.947   -9.167  2.565   1.00 18.57 ? 138 ALA A CA  1 
ATOM   994  C C   . ALA A 1 139 ? 2.822   -10.319 1.568   1.00 19.59 ? 138 ALA A C   1 
ATOM   995  O O   . ALA A 1 139 ? 1.820   -10.404 0.881   1.00 19.47 ? 138 ALA A O   1 
ATOM   996  C CB  . ALA A 1 139 ? 3.482   -7.921  1.840   1.00 19.67 ? 138 ALA A CB  1 
ATOM   997  N N   . LEU A 1 140 ? 3.832   -11.177 1.447   1.00 17.95 ? 139 LEU A N   1 
ATOM   998  C CA  . LEU A 1 140 ? 3.839   -12.098 0.299   1.00 21.19 ? 139 LEU A CA  1 
ATOM   999  C C   . LEU A 1 140 ? 2.704   -13.117 0.297   1.00 21.25 ? 139 LEU A C   1 
ATOM   1000 O O   . LEU A 1 140 ? 2.043   -13.299 -0.714  1.00 20.76 ? 139 LEU A O   1 
ATOM   1001 C CB  . LEU A 1 140 ? 5.191   -12.789 0.113   1.00 20.17 ? 139 LEU A CB  1 
ATOM   1002 C CG  . LEU A 1 140 ? 6.324   -11.813 -0.235  1.00 19.76 ? 139 LEU A CG  1 
ATOM   1003 C CD1 . LEU A 1 140 ? 7.597   -12.584 -0.520  1.00 23.31 ? 139 LEU A CD1 1 
ATOM   1004 C CD2 . LEU A 1 140 ? 5.941   -10.926 -1.410  1.00 23.01 ? 139 LEU A CD2 1 
ATOM   1005 N N   . PRO A 1 141 ? 2.458   -13.783 1.430   1.00 19.97 ? 140 PRO A N   1 
ATOM   1006 C CA  . PRO A 1 141 ? 1.363   -14.763 1.382   1.00 22.59 ? 140 PRO A CA  1 
ATOM   1007 C C   . PRO A 1 141 ? 0.015   -14.105 1.085   1.00 22.16 ? 140 PRO A C   1 
ATOM   1008 O O   . PRO A 1 141 ? -0.816  -14.689 0.370   1.00 20.03 ? 140 PRO A O   1 
ATOM   1009 C CB  . PRO A 1 141 ? 1.370   -15.379 2.787   1.00 26.61 ? 140 PRO A CB  1 
ATOM   1010 C CG  . PRO A 1 141 ? 2.244   -14.502 3.611   1.00 33.74 ? 140 PRO A CG  1 
ATOM   1011 C CD  . PRO A 1 141 ? 3.223   -13.869 2.682   1.00 25.15 ? 140 PRO A CD  1 
ATOM   1012 N N   . ALA A 1 142 ? -0.183  -12.900 1.621   1.00 21.36 ? 141 ALA A N   1 
ATOM   1013 C CA  . ALA A 1 142 ? -1.398  -12.126 1.381   1.00 21.01 ? 141 ALA A CA  1 
ATOM   1014 C C   . ALA A 1 142 ? -1.520  -11.740 -0.080  1.00 16.37 ? 141 ALA A C   1 
ATOM   1015 O O   . ALA A 1 142 ? -2.597  -11.863 -0.672  1.00 17.42 ? 141 ALA A O   1 
ATOM   1016 C CB  . ALA A 1 142 ? -1.420  -10.868 2.253   1.00 19.56 ? 141 ALA A CB  1 
ATOM   1017 N N   . LEU A 1 143 ? -0.420  -11.253 -0.657  1.00 17.22 ? 142 LEU A N   1 
ATOM   1018 C CA  . LEU A 1 143 ? -0.434  -10.861 -2.066  1.00 18.62 ? 142 LEU A CA  1 
ATOM   1019 C C   . LEU A 1 143 ? -0.669  -12.052 -2.980  1.00 20.58 ? 142 LEU A C   1 
ATOM   1020 O O   . LEU A 1 143 ? -1.416  -11.950 -3.964  1.00 18.69 ? 142 LEU A O   1 
ATOM   1021 C CB  . LEU A 1 143 ? 0.873   -10.160 -2.466  1.00 14.82 ? 142 LEU A CB  1 
ATOM   1022 C CG  . LEU A 1 143 ? 1.105   -8.794  -1.819  1.00 18.45 ? 142 LEU A CG  1 
ATOM   1023 C CD1 . LEU A 1 143 ? 2.446   -8.198  -2.263  1.00 18.84 ? 142 LEU A CD1 1 
ATOM   1024 C CD2 . LEU A 1 143 ? -0.029  -7.838  -2.173  1.00 23.39 ? 142 LEU A CD2 1 
ATOM   1025 N N   . VAL A 1 144 ? -0.018  -13.175 -2.677  1.00 17.14 ? 143 VAL A N   1 
ATOM   1026 C CA  . VAL A 1 144 ? -0.165  -14.359 -3.522  1.00 18.08 ? 143 VAL A CA  1 
ATOM   1027 C C   . VAL A 1 144 ? -1.614  -14.845 -3.496  1.00 18.89 ? 143 VAL A C   1 
ATOM   1028 O O   . VAL A 1 144 ? -2.170  -15.193 -4.535  1.00 19.37 ? 143 VAL A O   1 
ATOM   1029 C CB  . VAL A 1 144 ? 0.853   -15.477 -3.168  1.00 21.16 ? 143 VAL A CB  1 
ATOM   1030 C CG1 . VAL A 1 144 ? 0.485   -16.780 -3.866  1.00 26.74 ? 143 VAL A CG1 1 
ATOM   1031 C CG2 . VAL A 1 144 ? 2.275   -15.040 -3.562  1.00 22.01 ? 143 VAL A CG2 1 
ATOM   1032 N N   . GLN A 1 145 ? -2.241  -14.819 -2.322  1.00 17.90 ? 144 GLN A N   1 
ATOM   1033 C CA  . GLN A 1 145 ? -3.659  -15.159 -2.223  1.00 18.46 ? 144 GLN A CA  1 
ATOM   1034 C C   . GLN A 1 145 ? -4.532  -14.240 -3.079  1.00 20.18 ? 144 GLN A C   1 
ATOM   1035 O O   . GLN A 1 145 ? -5.521  -14.690 -3.666  1.00 18.90 ? 144 GLN A O   1 
ATOM   1036 C CB  . GLN A 1 145 ? -4.131  -15.140 -0.767  1.00 22.53 ? 144 GLN A CB  1 
ATOM   1037 C CG  . GLN A 1 145 ? -5.625  -15.464 -0.596  1.00 35.76 ? 144 GLN A CG  1 
ATOM   1038 C CD  . GLN A 1 145 ? -6.081  -16.732 -1.339  1.00 41.61 ? 144 GLN A CD  1 
ATOM   1039 O OE1 . GLN A 1 145 ? -5.298  -17.661 -1.566  1.00 39.35 ? 144 GLN A OE1 1 
ATOM   1040 N NE2 . GLN A 1 145 ? -7.359  -16.763 -1.723  1.00 34.31 ? 144 GLN A NE2 1 
ATOM   1041 N N   . LEU A 1 146 ? -4.166  -12.957 -3.170  1.00 13.85 ? 145 LEU A N   1 
ATOM   1042 C CA  . LEU A 1 146 ? -4.937  -12.013 -3.968  1.00 15.67 ? 145 LEU A CA  1 
ATOM   1043 C C   . LEU A 1 146 ? -4.874  -12.304 -5.455  1.00 15.15 ? 145 LEU A C   1 
ATOM   1044 O O   . LEU A 1 146 ? -5.733  -11.853 -6.215  1.00 18.49 ? 145 LEU A O   1 
ATOM   1045 C CB  . LEU A 1 146 ? -4.519  -10.561 -3.698  1.00 17.42 ? 145 LEU A CB  1 
ATOM   1046 C CG  . LEU A 1 146 ? -4.892  -10.086 -2.286  1.00 18.99 ? 145 LEU A CG  1 
ATOM   1047 C CD1 . LEU A 1 146 ? -4.388  -8.664  -2.077  1.00 24.16 ? 145 LEU A CD1 1 
ATOM   1048 C CD2 . LEU A 1 146 ? -6.392  -10.163 -2.070  1.00 22.90 ? 145 LEU A CD2 1 
ATOM   1049 N N   . LEU A 1 147 ? -3.873  -13.072 -5.877  1.00 16.71 ? 146 LEU A N   1 
ATOM   1050 C CA  . LEU A 1 147 ? -3.803  -13.482 -7.279  1.00 16.58 ? 146 LEU A CA  1 
ATOM   1051 C C   . LEU A 1 147 ? -4.957  -14.417 -7.637  1.00 14.89 ? 146 LEU A C   1 
ATOM   1052 O O   . LEU A 1 147 ? -5.228  -14.638 -8.818  1.00 17.56 ? 146 LEU A O   1 
ATOM   1053 C CB  . LEU A 1 147 ? -2.483  -14.173 -7.590  1.00 16.19 ? 146 LEU A CB  1 
ATOM   1054 C CG  . LEU A 1 147 ? -1.215  -13.333 -7.435  1.00 19.51 ? 146 LEU A CG  1 
ATOM   1055 C CD1 . LEU A 1 147 ? -0.038  -14.205 -7.843  1.00 19.29 ? 146 LEU A CD1 1 
ATOM   1056 C CD2 . LEU A 1 147 ? -1.272  -12.041 -8.293  1.00 20.06 ? 146 LEU A CD2 1 
ATOM   1057 N N   . SER A 1 148 ? -5.617  -14.958 -6.616  1.00 15.64 ? 147 SER A N   1 
ATOM   1058 C CA  . SER A 1 148 ? -6.801  -15.802 -6.830  1.00 18.50 ? 147 SER A CA  1 
ATOM   1059 C C   . SER A 1 148 ? -8.098  -15.000 -6.878  1.00 18.28 ? 147 SER A C   1 
ATOM   1060 O O   . SER A 1 148 ? -9.173  -15.576 -7.003  1.00 19.14 ? 147 SER A O   1 
ATOM   1061 C CB  . SER A 1 148 ? -6.930  -16.850 -5.717  1.00 18.52 ? 147 SER A CB  1 
ATOM   1062 O OG  . SER A 1 148 ? -5.850  -17.756 -5.730  1.00 25.10 ? 147 SER A OG  1 
ATOM   1063 N N   . SER A 1 149 ? -8.014  -13.674 -6.766  1.00 16.92 ? 148 SER A N   1 
ATOM   1064 C CA  . SER A 1 149 ? -9.238  -12.870 -6.735  1.00 20.40 ? 148 SER A CA  1 
ATOM   1065 C C   . SER A 1 149 ? -10.041 -12.932 -8.043  1.00 17.58 ? 148 SER A C   1 
ATOM   1066 O O   . SER A 1 149 ? -9.483  -12.791 -9.133  1.00 17.40 ? 148 SER A O   1 
ATOM   1067 C CB  . SER A 1 149 ? -8.935  -11.406 -6.397  1.00 25.05 ? 148 SER A CB  1 
ATOM   1068 O OG  . SER A 1 149 ? -10.155 -10.674 -6.313  1.00 21.97 ? 148 SER A OG  1 
ATOM   1069 N N   . PRO A 1 150 ? -11.365 -13.117 -7.935  1.00 17.10 ? 149 PRO A N   1 
ATOM   1070 C CA  . PRO A 1 150 ? -12.217 -13.029 -9.130  1.00 19.32 ? 149 PRO A CA  1 
ATOM   1071 C C   . PRO A 1 150 ? -12.452 -11.582 -9.544  1.00 24.05 ? 149 PRO A C   1 
ATOM   1072 O O   . PRO A 1 150 ? -12.935 -11.322 -10.648 1.00 22.66 ? 149 PRO A O   1 
ATOM   1073 C CB  . PRO A 1 150 ? -13.533 -13.675 -8.681  1.00 20.33 ? 149 PRO A CB  1 
ATOM   1074 C CG  . PRO A 1 150 ? -13.551 -13.523 -7.210  1.00 22.15 ? 149 PRO A CG  1 
ATOM   1075 C CD  . PRO A 1 150 ? -12.116 -13.529 -6.734  1.00 18.50 ? 149 PRO A CD  1 
ATOM   1076 N N   . ASN A 1 151 ? -12.124 -10.652 -8.654  1.00 23.37 ? 150 ASN A N   1 
ATOM   1077 C CA  . ASN A 1 151 ? -12.155 -9.227  -8.977  1.00 23.27 ? 150 ASN A CA  1 
ATOM   1078 C C   . ASN A 1 151 ? -10.903 -8.841  -9.763  1.00 21.20 ? 150 ASN A C   1 
ATOM   1079 O O   . ASN A 1 151 ? -9.800  -8.817  -9.204  1.00 18.61 ? 150 ASN A O   1 
ATOM   1080 C CB  . ASN A 1 151 ? -12.244 -8.416  -7.684  1.00 20.99 ? 150 ASN A CB  1 
ATOM   1081 C CG  . ASN A 1 151 ? -12.367 -6.917  -7.929  1.00 29.33 ? 150 ASN A CG  1 
ATOM   1082 O OD1 . ASN A 1 151 ? -11.840 -6.386  -8.899  1.00 28.37 ? 150 ASN A OD1 1 
ATOM   1083 N ND2 . ASN A 1 151 ? -13.072 -6.232  -7.036  1.00 33.61 ? 150 ASN A ND2 1 
ATOM   1084 N N   . GLU A 1 152 ? -11.059 -8.570  -11.055 1.00 23.16 ? 151 GLU A N   1 
ATOM   1085 C CA  . GLU A 1 152 ? -9.901  -8.319  -11.918 1.00 24.64 ? 151 GLU A CA  1 
ATOM   1086 C C   . GLU A 1 152 ? -9.115  -7.070  -11.535 1.00 21.67 ? 151 GLU A C   1 
ATOM   1087 O O   . GLU A 1 152 ? -7.911  -7.002  -11.773 1.00 21.12 ? 151 GLU A O   1 
ATOM   1088 C CB  . GLU A 1 152 ? -10.306 -8.248  -13.394 1.00 28.24 ? 151 GLU A CB  1 
ATOM   1089 C CG  . GLU A 1 152 ? -10.513 -9.600  -14.034 1.00 32.33 ? 151 GLU A CG  1 
ATOM   1090 C CD  . GLU A 1 152 ? -10.844 -9.510  -15.507 1.00 31.93 ? 151 GLU A CD  1 
ATOM   1091 O OE1 . GLU A 1 152 ? -10.644 -8.430  -16.103 1.00 36.38 ? 151 GLU A OE1 1 
ATOM   1092 O OE2 . GLU A 1 152 ? -11.304 -10.524 -16.066 1.00 39.74 ? 151 GLU A OE2 1 
ATOM   1093 N N   . GLN A 1 153 ? -9.792  -6.085  -10.960 1.00 23.09 ? 152 GLN A N   1 
ATOM   1094 C CA  . GLN A 1 153 ? -9.108  -4.882  -10.496 1.00 25.78 ? 152 GLN A CA  1 
ATOM   1095 C C   . GLN A 1 153 ? -8.176  -5.200  -9.331  1.00 30.27 ? 152 GLN A C   1 
ATOM   1096 O O   . GLN A 1 153 ? -7.050  -4.717  -9.279  1.00 25.14 ? 152 GLN A O   1 
ATOM   1097 C CB  . GLN A 1 153 ? -10.113 -3.814  -10.077 1.00 33.34 ? 152 GLN A CB  1 
ATOM   1098 C CG  . GLN A 1 153 ? -10.813 -3.151  -11.237 1.00 51.93 ? 152 GLN A CG  1 
ATOM   1099 C CD  . GLN A 1 153 ? -10.566 -1.658  -11.274 1.00 71.61 ? 152 GLN A CD  1 
ATOM   1100 O OE1 . GLN A 1 153 ? -10.162 -1.058  -10.273 1.00 62.96 ? 152 GLN A OE1 1 
ATOM   1101 N NE2 . GLN A 1 153 ? -10.803 -1.048  -12.431 1.00 77.00 ? 152 GLN A NE2 1 
ATOM   1102 N N   . ILE A 1 154 ? -8.658  -6.008  -8.396  1.00 21.29 ? 153 ILE A N   1 
ATOM   1103 C CA  . ILE A 1 154 ? -7.835  -6.429  -7.268  1.00 24.11 ? 153 ILE A CA  1 
ATOM   1104 C C   . ILE A 1 154 ? -6.685  -7.309  -7.756  1.00 21.24 ? 153 ILE A C   1 
ATOM   1105 O O   . ILE A 1 154 ? -5.538  -7.173  -7.317  1.00 21.12 ? 153 ILE A O   1 
ATOM   1106 C CB  . ILE A 1 154 ? -8.651  -7.207  -6.236  1.00 21.46 ? 153 ILE A CB  1 
ATOM   1107 C CG1 . ILE A 1 154 ? -9.705  -6.299  -5.586  1.00 26.62 ? 153 ILE A CG1 1 
ATOM   1108 C CG2 . ILE A 1 154 ? -7.716  -7.836  -5.184  1.00 22.50 ? 153 ILE A CG2 1 
ATOM   1109 C CD1 . ILE A 1 154 ? -10.486 -6.980  -4.461  1.00 32.51 ? 153 ILE A CD1 1 
ATOM   1110 N N   . LEU A 1 155 ? -6.998  -8.222  -8.671  1.00 17.49 ? 154 LEU A N   1 
ATOM   1111 C CA  . LEU A 1 155 ? -5.983  -9.097  -9.238  1.00 17.17 ? 154 LEU A CA  1 
ATOM   1112 C C   . LEU A 1 155 ? -4.858  -8.280  -9.873  1.00 19.11 ? 154 LEU A C   1 
ATOM   1113 O O   . LEU A 1 155 ? -3.671  -8.527  -9.642  1.00 19.45 ? 154 LEU A O   1 
ATOM   1114 C CB  . LEU A 1 155 ? -6.631  -10.008 -10.287 1.00 19.02 ? 154 LEU A CB  1 
ATOM   1115 C CG  . LEU A 1 155 ? -5.768  -11.012 -11.044 1.00 27.49 ? 154 LEU A CG  1 
ATOM   1116 C CD1 . LEU A 1 155 ? -4.795  -11.684 -10.132 1.00 30.33 ? 154 LEU A CD1 1 
ATOM   1117 C CD2 . LEU A 1 155 ? -6.667  -12.049 -11.773 1.00 22.97 ? 154 LEU A CD2 1 
ATOM   1118 N N   . GLN A 1 156 ? -5.236  -7.305  -10.690 1.00 19.16 ? 155 GLN A N   1 
ATOM   1119 C CA  . GLN A 1 156 ? -4.238  -6.486  -11.375 1.00 21.09 ? 155 GLN A CA  1 
ATOM   1120 C C   . GLN A 1 156 ? -3.374  -5.690  -10.403 1.00 19.74 ? 155 GLN A C   1 
ATOM   1121 O O   . GLN A 1 156 ? -2.167  -5.545  -10.602 1.00 20.82 ? 155 GLN A O   1 
ATOM   1122 C CB  . GLN A 1 156 ? -4.901  -5.576  -12.409 1.00 24.73 ? 155 GLN A CB  1 
ATOM   1123 C CG  . GLN A 1 156 ? -5.507  -6.366  -13.557 1.00 32.78 ? 155 GLN A CG  1 
ATOM   1124 C CD  . GLN A 1 156 ? -5.836  -5.506  -14.758 1.00 45.91 ? 155 GLN A CD  1 
ATOM   1125 O OE1 . GLN A 1 156 ? -6.983  -5.096  -14.949 1.00 54.84 ? 155 GLN A OE1 1 
ATOM   1126 N NE2 . GLN A 1 156 ? -4.829  -5.236  -15.584 1.00 44.02 ? 155 GLN A NE2 1 
ATOM   1127 N N   A GLU A 1 157 ? -4.002  -5.171  -9.357  0.61 20.69 ? 156 GLU A N   1 
ATOM   1128 N N   B GLU A 1 157 ? -3.991  -5.198  -9.338  0.39 20.74 ? 156 GLU A N   1 
ATOM   1129 C CA  A GLU A 1 157 ? -3.279  -4.412  -8.336  0.61 22.94 ? 156 GLU A CA  1 
ATOM   1130 C CA  B GLU A 1 157 ? -3.272  -4.404  -8.344  0.39 22.94 ? 156 GLU A CA  1 
ATOM   1131 C C   A GLU A 1 157 ? -2.284  -5.307  -7.597  0.61 20.62 ? 156 GLU A C   1 
ATOM   1132 C C   B GLU A 1 157 ? -2.349  -5.256  -7.463  0.39 20.51 ? 156 GLU A C   1 
ATOM   1133 O O   A GLU A 1 157 ? -1.142  -4.915  -7.355  0.61 18.00 ? 156 GLU A O   1 
ATOM   1134 O O   B GLU A 1 157 ? -1.321  -4.777  -6.991  0.39 18.13 ? 156 GLU A O   1 
ATOM   1135 C CB  A GLU A 1 157 ? -4.255  -3.769  -7.345  0.61 24.19 ? 156 GLU A CB  1 
ATOM   1136 C CB  B GLU A 1 157 ? -4.255  -3.593  -7.497  0.39 24.42 ? 156 GLU A CB  1 
ATOM   1137 C CG  A GLU A 1 157 ? -5.187  -2.723  -7.954  0.61 28.50 ? 156 GLU A CG  1 
ATOM   1138 C CG  B GLU A 1 157 ? -5.062  -2.584  -8.312  0.39 27.75 ? 156 GLU A CG  1 
ATOM   1139 C CD  A GLU A 1 157 ? -4.486  -1.417  -8.278  0.61 28.64 ? 156 GLU A CD  1 
ATOM   1140 C CD  B GLU A 1 157 ? -6.285  -2.078  -7.573  0.39 28.17 ? 156 GLU A CD  1 
ATOM   1141 O OE1 A GLU A 1 157 ? -5.112  -0.555  -8.932  0.61 34.87 ? 156 GLU A OE1 1 
ATOM   1142 O OE1 B GLU A 1 157 ? -6.483  -2.481  -6.407  0.39 31.38 ? 156 GLU A OE1 1 
ATOM   1143 O OE2 A GLU A 1 157 ? -3.314  -1.251  -7.878  0.61 34.13 ? 156 GLU A OE2 1 
ATOM   1144 O OE2 B GLU A 1 157 ? -7.053  -1.285  -8.162  0.39 35.62 ? 156 GLU A OE2 1 
ATOM   1145 N N   . ALA A 1 158 ? -2.713  -6.518  -7.250  1.00 16.87 ? 157 ALA A N   1 
ATOM   1146 C CA  . ALA A 1 158 ? -1.825  -7.450  -6.556  1.00 20.07 ? 157 ALA A CA  1 
ATOM   1147 C C   . ALA A 1 158 ? -0.674  -7.835  -7.476  1.00 19.36 ? 157 ALA A C   1 
ATOM   1148 O O   . ALA A 1 158 ? 0.471   -7.935  -7.050  1.00 18.30 ? 157 ALA A O   1 
ATOM   1149 C CB  . ALA A 1 158 ? -2.572  -8.681  -6.083  1.00 20.84 ? 157 ALA A CB  1 
ATOM   1150 N N   . LEU A 1 159 ? -0.970  -8.028  -8.754  1.00 17.67 ? 158 LEU A N   1 
ATOM   1151 C CA  . LEU A 1 159 ? 0.060   -8.337  -9.729  1.00 18.15 ? 158 LEU A CA  1 
ATOM   1152 C C   . LEU A 1 159 ? 1.096   -7.207  -9.830  1.00 19.79 ? 158 LEU A C   1 
ATOM   1153 O O   . LEU A 1 159 ? 2.303   -7.454  -9.864  1.00 20.84 ? 158 LEU A O   1 
ATOM   1154 C CB  . LEU A 1 159 ? -0.597  -8.590  -11.093 1.00 23.27 ? 158 LEU A CB  1 
ATOM   1155 C CG  . LEU A 1 159 ? 0.038   -9.511  -12.127 1.00 41.15 ? 158 LEU A CG  1 
ATOM   1156 C CD1 . LEU A 1 159 ? 0.608   -10.749 -11.484 1.00 29.55 ? 158 LEU A CD1 1 
ATOM   1157 C CD2 . LEU A 1 159 ? -1.034  -9.887  -13.156 1.00 32.42 ? 158 LEU A CD2 1 
ATOM   1158 N N   . TRP A 1 160 ? 0.603   -5.975  -9.863  1.00 20.76 ? 159 TRP A N   1 
ATOM   1159 C CA  A TRP A 1 160 ? 1.475   -4.806  -9.912  0.54 23.38 ? 159 TRP A CA  1 
ATOM   1160 C CA  B TRP A 1 160 ? 1.434   -4.778  -9.890  0.46 23.39 ? 159 TRP A CA  1 
ATOM   1161 C C   . TRP A 1 160 ? 2.334   -4.733  -8.650  1.00 19.59 ? 159 TRP A C   1 
ATOM   1162 O O   . TRP A 1 160 ? 3.524   -4.452  -8.730  1.00 20.26 ? 159 TRP A O   1 
ATOM   1163 C CB  A TRP A 1 160 ? 0.669   -3.513  -10.069 0.54 23.21 ? 159 TRP A CB  1 
ATOM   1164 C CB  B TRP A 1 160 ? 0.505   -3.559  -9.933  0.46 23.35 ? 159 TRP A CB  1 
ATOM   1165 C CG  A TRP A 1 160 ? -0.012  -3.361  -11.399 0.54 25.52 ? 159 TRP A CG  1 
ATOM   1166 C CG  B TRP A 1 160 ? 1.164   -2.215  -9.938  0.46 24.70 ? 159 TRP A CG  1 
ATOM   1167 C CD1 A TRP A 1 160 ? 0.400   -3.865  -12.596 0.54 29.80 ? 159 TRP A CD1 1 
ATOM   1168 C CD1 B TRP A 1 160 ? 1.483   -1.455  -8.849  0.46 32.12 ? 159 TRP A CD1 1 
ATOM   1169 C CD2 A TRP A 1 160 ? -1.235  -2.661  -11.657 0.54 32.51 ? 159 TRP A CD2 1 
ATOM   1170 C CD2 B TRP A 1 160 ? 1.542   -1.448  -11.087 0.46 29.77 ? 159 TRP A CD2 1 
ATOM   1171 N NE1 A TRP A 1 160 ? -0.487  -3.519  -13.586 0.54 36.37 ? 159 TRP A NE1 1 
ATOM   1172 N NE1 B TRP A 1 160 ? 2.056   -0.272  -9.250  0.46 37.00 ? 159 TRP A NE1 1 
ATOM   1173 C CE2 A TRP A 1 160 ? -1.502  -2.784  -13.035 0.54 32.45 ? 159 TRP A CE2 1 
ATOM   1174 C CE2 B TRP A 1 160 ? 2.103   -0.243  -10.619 0.46 34.34 ? 159 TRP A CE2 1 
ATOM   1175 C CE3 A TRP A 1 160 ? -2.128  -1.943  -10.857 0.54 26.20 ? 159 TRP A CE3 1 
ATOM   1176 C CE3 B TRP A 1 160 ? 1.471   -1.668  -12.465 0.46 32.98 ? 159 TRP A CE3 1 
ATOM   1177 C CZ2 A TRP A 1 160 ? -2.628  -2.217  -13.631 0.54 36.95 ? 159 TRP A CZ2 1 
ATOM   1178 C CZ2 B TRP A 1 160 ? 2.589   0.736   -11.481 0.46 41.41 ? 159 TRP A CZ2 1 
ATOM   1179 C CZ3 A TRP A 1 160 ? -3.245  -1.385  -11.449 0.54 28.77 ? 159 TRP A CZ3 1 
ATOM   1180 C CZ3 B TRP A 1 160 ? 1.956   -0.691  -13.320 0.46 32.81 ? 159 TRP A CZ3 1 
ATOM   1181 C CH2 A TRP A 1 160 ? -3.485  -1.524  -12.823 0.54 33.88 ? 159 TRP A CH2 1 
ATOM   1182 C CH2 B TRP A 1 160 ? 2.506   0.493   -12.825 0.46 29.10 ? 159 TRP A CH2 1 
ATOM   1183 N N   . ALA A 1 161 ? 1.743   -5.007  -7.491  1.00 20.63 ? 160 ALA A N   1 
ATOM   1184 C CA  . ALA A 1 161 ? 2.498   -4.969  -6.236  1.00 18.67 ? 160 ALA A CA  1 
ATOM   1185 C C   . ALA A 1 161 ? 3.585   -6.044  -6.220  1.00 21.13 ? 160 ALA A C   1 
ATOM   1186 O O   . ALA A 1 161 ? 4.722   -5.783  -5.827  1.00 19.96 ? 160 ALA A O   1 
ATOM   1187 C CB  . ALA A 1 161 ? 1.562   -5.122  -5.025  1.00 23.30 ? 160 ALA A CB  1 
ATOM   1188 N N   . LEU A 1 162 ? 3.236   -7.260  -6.630  1.00 17.72 ? 161 LEU A N   1 
ATOM   1189 C CA  . LEU A 1 162 ? 4.227   -8.338  -6.688  1.00 20.32 ? 161 LEU A CA  1 
ATOM   1190 C C   . LEU A 1 162 ? 5.327   -8.044  -7.694  1.00 20.91 ? 161 LEU A C   1 
ATOM   1191 O O   . LEU A 1 162 ? 6.486   -8.381  -7.478  1.00 18.85 ? 161 LEU A O   1 
ATOM   1192 C CB  . LEU A 1 162 ? 3.575   -9.679  -7.029  1.00 22.58 ? 161 LEU A CB  1 
ATOM   1193 C CG  . LEU A 1 162 ? 2.945   -10.413 -5.848  1.00 29.17 ? 161 LEU A CG  1 
ATOM   1194 C CD1 . LEU A 1 162 ? 2.126   -11.607 -6.326  1.00 27.19 ? 161 LEU A CD1 1 
ATOM   1195 C CD2 . LEU A 1 162 ? 4.021   -10.855 -4.853  1.00 28.94 ? 161 LEU A CD2 1 
ATOM   1196 N N   . SER A 1 163 ? 4.955   -7.419  -8.800  1.00 19.31 ? 162 SER A N   1 
ATOM   1197 C CA  A SER A 1 163 ? 5.920   -7.028  -9.811  0.57 20.72 ? 162 SER A CA  1 
ATOM   1198 C CA  B SER A 1 163 ? 5.935   -7.033  -9.803  0.43 20.75 ? 162 SER A CA  1 
ATOM   1199 C C   . SER A 1 163 ? 6.908   -5.996  -9.254  1.00 22.25 ? 162 SER A C   1 
ATOM   1200 O O   . SER A 1 163 ? 8.111   -6.047  -9.539  1.00 23.31 ? 162 SER A O   1 
ATOM   1201 C CB  A SER A 1 163 ? 5.194   -6.479  -11.042 0.57 24.89 ? 162 SER A CB  1 
ATOM   1202 C CB  B SER A 1 163 ? 5.245   -6.518  -11.066 0.43 24.89 ? 162 SER A CB  1 
ATOM   1203 O OG  A SER A 1 163 ? 6.015   -6.571  -12.187 0.57 25.81 ? 162 SER A OG  1 
ATOM   1204 O OG  B SER A 1 163 ? 4.646   -7.594  -11.758 0.43 26.64 ? 162 SER A OG  1 
ATOM   1205 N N   . ASN A 1 164 ? 6.403   -5.054  -8.464  1.00 21.23 ? 163 ASN A N   1 
ATOM   1206 C CA  . ASN A 1 164 ? 7.297   -4.106  -7.797  1.00 20.23 ? 163 ASN A CA  1 
ATOM   1207 C C   . ASN A 1 164 ? 8.272   -4.835  -6.876  1.00 19.88 ? 163 ASN A C   1 
ATOM   1208 O O   . ASN A 1 164 ? 9.468   -4.534  -6.848  1.00 20.80 ? 163 ASN A O   1 
ATOM   1209 C CB  . ASN A 1 164 ? 6.519   -3.054  -7.005  1.00 18.73 ? 163 ASN A CB  1 
ATOM   1210 C CG  . ASN A 1 164 ? 5.801   -2.071  -7.895  1.00 27.96 ? 163 ASN A CG  1 
ATOM   1211 O OD1 . ASN A 1 164 ? 6.080   -1.980  -9.090  1.00 33.20 ? 163 ASN A OD1 1 
ATOM   1212 N ND2 . ASN A 1 164 ? 4.880   -1.309  -7.315  1.00 29.42 ? 163 ASN A ND2 1 
ATOM   1213 N N   . ILE A 1 165 ? 7.766   -5.793  -6.102  1.00 17.10 ? 164 ILE A N   1 
ATOM   1214 C CA  . ILE A 1 165 ? 8.640   -6.535  -5.199  1.00 18.22 ? 164 ILE A CA  1 
ATOM   1215 C C   . ILE A 1 165 ? 9.685   -7.313  -6.002  1.00 20.95 ? 164 ILE A C   1 
ATOM   1216 O O   . ILE A 1 165 ? 10.864  -7.378  -5.620  1.00 22.09 ? 164 ILE A O   1 
ATOM   1217 C CB  . ILE A 1 165 ? 7.840   -7.479  -4.289  1.00 17.32 ? 164 ILE A CB  1 
ATOM   1218 C CG1 . ILE A 1 165 ? 6.982   -6.643  -3.329  1.00 18.65 ? 164 ILE A CG1 1 
ATOM   1219 C CG2 . ILE A 1 165 ? 8.781   -8.399  -3.506  1.00 18.89 ? 164 ILE A CG2 1 
ATOM   1220 C CD1 . ILE A 1 165 ? 5.957   -7.459  -2.530  1.00 20.96 ? 164 ILE A CD1 1 
ATOM   1221 N N   . ALA A 1 166 ? 9.243   -7.874  -7.127  1.00 19.31 ? 165 ALA A N   1 
ATOM   1222 C CA  . ALA A 1 166 ? 10.093  -8.710  -7.971  1.00 19.72 ? 165 ALA A CA  1 
ATOM   1223 C C   . ALA A 1 166 ? 11.138  -7.873  -8.703  1.00 23.23 ? 165 ALA A C   1 
ATOM   1224 O O   . ALA A 1 166 ? 12.072  -8.420  -9.283  1.00 25.62 ? 165 ALA A O   1 
ATOM   1225 C CB  . ALA A 1 166 ? 9.250   -9.493  -8.975  1.00 23.26 ? 165 ALA A CB  1 
ATOM   1226 N N   . SER A 1 167 ? 10.956  -6.554  -8.688  1.00 20.72 ? 166 SER A N   1 
ATOM   1227 C CA  . SER A 1 167 ? 11.924  -5.616  -9.273  1.00 22.56 ? 166 SER A CA  1 
ATOM   1228 C C   . SER A 1 167 ? 13.064  -5.310  -8.313  1.00 25.27 ? 166 SER A C   1 
ATOM   1229 O O   . SER A 1 167 ? 13.946  -4.496  -8.612  1.00 25.20 ? 166 SER A O   1 
ATOM   1230 C CB  . SER A 1 167 ? 11.233  -4.296  -9.634  1.00 26.35 ? 166 SER A CB  1 
ATOM   1231 O OG  . SER A 1 167 ? 10.440  -4.440  -10.795 1.00 30.95 ? 166 SER A OG  1 
ATOM   1232 N N   . GLY A 1 168 ? 13.048  -5.952  -7.151  1.00 20.74 ? 167 GLY A N   1 
ATOM   1233 C CA  . GLY A 1 168 ? 14.082  -5.718  -6.162  1.00 23.88 ? 167 GLY A CA  1 
ATOM   1234 C C   . GLY A 1 168 ? 15.294  -6.603  -6.362  1.00 22.61 ? 167 GLY A C   1 
ATOM   1235 O O   . GLY A 1 168 ? 15.514  -7.177  -7.440  1.00 22.09 ? 167 GLY A O   1 
ATOM   1236 N N   . GLY A 1 169 ? 16.082  -6.719  -5.304  1.00 24.12 ? 168 GLY A N   1 
ATOM   1237 C CA  . GLY A 1 169 ? 17.315  -7.473  -5.359  1.00 27.45 ? 168 GLY A CA  1 
ATOM   1238 C C   . GLY A 1 169 ? 17.080  -8.959  -5.274  1.00 26.26 ? 168 GLY A C   1 
ATOM   1239 O O   . GLY A 1 169 ? 15.955  -9.429  -5.061  1.00 25.81 ? 168 GLY A O   1 
ATOM   1240 N N   . ASN A 1 170 ? 18.161  -9.711  -5.418  1.00 23.49 ? 169 ASN A N   1 
ATOM   1241 C CA  . ASN A 1 170 ? 18.092  -11.163 -5.362  1.00 23.98 ? 169 ASN A CA  1 
ATOM   1242 C C   . ASN A 1 170 ? 17.373  -11.719 -4.118  1.00 27.72 ? 169 ASN A C   1 
ATOM   1243 O O   . ASN A 1 170 ? 16.618  -12.680 -4.222  1.00 27.13 ? 169 ASN A O   1 
ATOM   1244 C CB  . ASN A 1 170 ? 19.488  -11.771 -5.493  1.00 37.60 ? 169 ASN A CB  1 
ATOM   1245 C CG  . ASN A 1 170 ? 19.453  -13.279 -5.583  1.00 35.28 ? 169 ASN A CG  1 
ATOM   1246 O OD1 . ASN A 1 170 ? 18.994  -13.841 -6.581  1.00 41.84 ? 169 ASN A OD1 1 
ATOM   1247 N ND2 . ASN A 1 170 ? 19.938  -13.947 -4.544  1.00 51.50 ? 169 ASN A ND2 1 
ATOM   1248 N N   . GLU A 1 171 ? 17.620  -11.128 -2.951  1.00 26.16 ? 170 GLU A N   1 
ATOM   1249 C CA  . GLU A 1 171 ? 16.982  -11.578 -1.709  1.00 28.75 ? 170 GLU A CA  1 
ATOM   1250 C C   . GLU A 1 171 ? 15.461  -11.430 -1.788  1.00 24.84 ? 170 GLU A C   1 
ATOM   1251 O O   . GLU A 1 171 ? 14.701  -12.299 -1.328  1.00 22.21 ? 170 GLU A O   1 
ATOM   1252 C CB  . GLU A 1 171 ? 17.520  -10.784 -0.514  1.00 30.90 ? 170 GLU A CB  1 
ATOM   1253 C CG  . GLU A 1 171 ? 16.766  -11.009 0.784   1.00 39.15 ? 170 GLU A CG  1 
ATOM   1254 C CD  . GLU A 1 171 ? 17.378  -10.262 1.966   1.00 55.08 ? 170 GLU A CD  1 
ATOM   1255 O OE1 . GLU A 1 171 ? 18.139  -9.292  1.747   1.00 42.40 ? 170 GLU A OE1 1 
ATOM   1256 O OE2 . GLU A 1 171 ? 17.094  -10.651 3.119   1.00 49.25 ? 170 GLU A OE2 1 
ATOM   1257 N N   . GLN A 1 172 ? 15.024  -10.324 -2.380  1.00 21.72 ? 171 GLN A N   1 
ATOM   1258 C CA  . GLN A 1 172 ? 13.599  -10.073 -2.562  1.00 24.17 ? 171 GLN A CA  1 
ATOM   1259 C C   . GLN A 1 172 ? 12.973  -11.040 -3.581  1.00 22.91 ? 171 GLN A C   1 
ATOM   1260 O O   . GLN A 1 172 ? 11.880  -11.581 -3.354  1.00 23.29 ? 171 GLN A O   1 
ATOM   1261 C CB  . GLN A 1 172 ? 13.359  -8.600  -2.929  1.00 22.99 ? 171 GLN A CB  1 
ATOM   1262 C CG  . GLN A 1 172 ? 13.687  -7.613  -1.803  1.00 25.53 ? 171 GLN A CG  1 
ATOM   1263 C CD  . GLN A 1 172 ? 15.175  -7.337  -1.641  1.00 31.43 ? 171 GLN A CD  1 
ATOM   1264 O OE1 . GLN A 1 172 ? 15.839  -6.919  -2.586  1.00 26.02 ? 171 GLN A OE1 1 
ATOM   1265 N NE2 . GLN A 1 172 ? 15.701  -7.565  -0.439  1.00 26.79 ? 171 GLN A NE2 1 
ATOM   1266 N N   . LYS A 1 173 ? 13.668  -11.282 -4.690  1.00 19.80 ? 172 LYS A N   1 
ATOM   1267 C CA  . LYS A 1 173 ? 13.188  -12.200 -5.708  1.00 19.55 ? 172 LYS A CA  1 
ATOM   1268 C C   . LYS A 1 173 ? 13.044  -13.598 -5.133  1.00 22.99 ? 172 LYS A C   1 
ATOM   1269 O O   . LYS A 1 173 ? 12.043  -14.301 -5.369  1.00 21.33 ? 172 LYS A O   1 
ATOM   1270 C CB  . LYS A 1 173 ? 14.159  -12.225 -6.897  1.00 20.97 ? 172 LYS A CB  1 
ATOM   1271 C CG  . LYS A 1 173 ? 14.181  -10.942 -7.705  1.00 25.99 ? 172 LYS A CG  1 
ATOM   1272 C CD  . LYS A 1 173 ? 14.968  -11.154 -9.000  1.00 33.88 ? 172 LYS A CD  1 
ATOM   1273 C CE  . LYS A 1 173 ? 15.130  -9.863  -9.772  1.00 37.01 ? 172 LYS A CE  1 
ATOM   1274 N NZ  . LYS A 1 173 ? 16.331  -9.134  -9.305  1.00 42.72 ? 172 LYS A NZ  1 
ATOM   1275 N N   . GLN A 1 174 ? 14.042  -14.009 -4.364  1.00 23.17 ? 173 GLN A N   1 
ATOM   1276 C CA  . GLN A 1 174 ? 14.018  -15.339 -3.774  1.00 25.49 ? 173 GLN A CA  1 
ATOM   1277 C C   . GLN A 1 174 ? 12.821  -15.512 -2.847  1.00 23.05 ? 173 GLN A C   1 
ATOM   1278 O O   . GLN A 1 174 ? 12.206  -16.572 -2.825  1.00 23.43 ? 173 GLN A O   1 
ATOM   1279 C CB  . GLN A 1 174 ? 15.319  -15.641 -3.022  1.00 30.28 ? 173 GLN A CB  1 
ATOM   1280 C CG  . GLN A 1 174 ? 15.400  -17.061 -2.490  1.00 45.88 ? 173 GLN A CG  1 
ATOM   1281 C CD  . GLN A 1 174 ? 15.460  -18.100 -3.601  1.00 58.59 ? 173 GLN A CD  1 
ATOM   1282 O OE1 . GLN A 1 174 ? 15.715  -17.773 -4.765  1.00 47.47 ? 173 GLN A OE1 1 
ATOM   1283 N NE2 . GLN A 1 174 ? 15.223  -19.358 -3.247  1.00 64.01 ? 173 GLN A NE2 1 
ATOM   1284 N N   . ALA A 1 175 ? 12.481  -14.466 -2.098  1.00 21.79 ? 174 ALA A N   1 
ATOM   1285 C CA  . ALA A 1 175 ? 11.338  -14.541 -1.192  1.00 24.18 ? 174 ALA A CA  1 
ATOM   1286 C C   . ALA A 1 175 ? 10.022  -14.717 -1.961  1.00 20.33 ? 174 ALA A C   1 
ATOM   1287 O O   . ALA A 1 175 ? 9.114   -15.429 -1.515  1.00 20.10 ? 174 ALA A O   1 
ATOM   1288 C CB  . ALA A 1 175 ? 11.287  -13.311 -0.277  1.00 22.57 ? 174 ALA A CB  1 
ATOM   1289 N N   . VAL A 1 176 ? 9.923   -14.076 -3.123  1.00 17.18 ? 175 VAL A N   1 
ATOM   1290 C CA  . VAL A 1 176 ? 8.725   -14.204 -3.953  1.00 18.94 ? 175 VAL A CA  1 
ATOM   1291 C C   . VAL A 1 176 ? 8.558   -15.641 -4.462  1.00 22.93 ? 175 VAL A C   1 
ATOM   1292 O O   . VAL A 1 176 ? 7.460   -16.199 -4.452  1.00 21.35 ? 175 VAL A O   1 
ATOM   1293 C CB  . VAL A 1 176 ? 8.766   -13.215 -5.133  1.00 18.00 ? 175 VAL A CB  1 
ATOM   1294 C CG1 . VAL A 1 176 ? 7.588   -13.437 -6.072  1.00 20.97 ? 175 VAL A CG1 1 
ATOM   1295 C CG2 . VAL A 1 176 ? 8.754   -11.782 -4.611  1.00 19.49 ? 175 VAL A CG2 1 
ATOM   1296 N N   . LYS A 1 177 ? 9.654   -16.248 -4.891  1.00 22.56 ? 176 LYS A N   1 
ATOM   1297 C CA  . LYS A 1 177 ? 9.600   -17.640 -5.344  1.00 24.41 ? 176 LYS A CA  1 
ATOM   1298 C C   . LYS A 1 177 ? 9.226   -18.575 -4.199  1.00 25.85 ? 176 LYS A C   1 
ATOM   1299 O O   . LYS A 1 177 ? 8.435   -19.504 -4.372  1.00 27.82 ? 176 LYS A O   1 
ATOM   1300 C CB  . LYS A 1 177 ? 10.939  -18.057 -5.961  1.00 24.88 ? 176 LYS A CB  1 
ATOM   1301 C CG  . LYS A 1 177 ? 11.299  -17.290 -7.203  1.00 27.79 ? 176 LYS A CG  1 
ATOM   1302 C CD  . LYS A 1 177 ? 12.590  -17.818 -7.804  1.00 35.92 ? 176 LYS A CD  1 
ATOM   1303 C CE  . LYS A 1 177 ? 13.264  -16.777 -8.664  1.00 43.50 ? 176 LYS A CE  1 
ATOM   1304 N NZ  . LYS A 1 177 ? 14.420  -17.358 -9.403  1.00 59.30 ? 176 LYS A NZ  1 
ATOM   1305 N N   . GLU A 1 178 ? 9.773   -18.322 -3.018  1.00 23.70 ? 177 GLU A N   1 
ATOM   1306 C CA  . GLU A 1 178 ? 9.484   -19.187 -1.874  1.00 25.59 ? 177 GLU A CA  1 
ATOM   1307 C C   . GLU A 1 178 ? 8.040   -19.068 -1.381  1.00 33.25 ? 177 GLU A C   1 
ATOM   1308 O O   . GLU A 1 178 ? 7.520   -19.975 -0.729  1.00 28.29 ? 177 GLU A O   1 
ATOM   1309 C CB  . GLU A 1 178 ? 10.496  -18.950 -0.754  1.00 32.95 ? 177 GLU A CB  1 
ATOM   1310 C CG  . GLU A 1 178 ? 11.925  -19.281 -1.181  1.00 43.59 ? 177 GLU A CG  1 
ATOM   1311 C CD  . GLU A 1 178 ? 12.938  -19.090 -0.069  1.00 65.02 ? 177 GLU A CD  1 
ATOM   1312 O OE1 . GLU A 1 178 ? 12.519  -18.749 1.059   1.00 60.38 ? 177 GLU A OE1 1 
ATOM   1313 O OE2 . GLU A 1 178 ? 14.152  -19.280 -0.325  1.00 47.60 ? 177 GLU A OE2 1 
ATOM   1314 N N   . ALA A 1 179 ? 7.380   -17.964 -1.727  1.00 26.39 ? 178 ALA A N   1 
ATOM   1315 C CA  . ALA A 1 179 ? 5.979   -17.761 -1.350  1.00 25.37 ? 178 ALA A CA  1 
ATOM   1316 C C   . ALA A 1 179 ? 5.028   -18.448 -2.320  1.00 28.67 ? 178 ALA A C   1 
ATOM   1317 O O   . ALA A 1 179 ? 3.809   -18.366 -2.169  1.00 28.73 ? 178 ALA A O   1 
ATOM   1318 C CB  . ALA A 1 179 ? 5.658   -16.271 -1.251  1.00 24.87 ? 178 ALA A CB  1 
ATOM   1319 N N   . GLY A 1 180 ? 5.586   -19.108 -3.329  1.00 27.91 ? 179 GLY A N   1 
ATOM   1320 C CA  . GLY A 1 180 ? 4.793   -19.865 -4.278  1.00 31.07 ? 179 GLY A CA  1 
ATOM   1321 C C   . GLY A 1 180 ? 4.204   -19.064 -5.426  1.00 30.37 ? 179 GLY A C   1 
ATOM   1322 O O   . GLY A 1 180 ? 3.279   -19.514 -6.094  1.00 29.05 ? 179 GLY A O   1 
ATOM   1323 N N   . ALA A 1 181 ? 4.766   -17.888 -5.687  1.00 28.88 ? 180 ALA A N   1 
ATOM   1324 C CA  . ALA A 1 181 ? 4.235   -17.035 -6.736  1.00 22.85 ? 180 ALA A CA  1 
ATOM   1325 C C   . ALA A 1 181 ? 4.396   -17.622 -8.131  1.00 28.66 ? 180 ALA A C   1 
ATOM   1326 O O   . ALA A 1 181 ? 3.575   -17.357 -8.991  1.00 24.43 ? 180 ALA A O   1 
ATOM   1327 C CB  . ALA A 1 181 ? 4.872   -15.651 -6.682  1.00 22.07 ? 180 ALA A CB  1 
ATOM   1328 N N   . LEU A 1 182 ? 5.450   -18.402 -8.363  1.00 22.52 ? 181 LEU A N   1 
ATOM   1329 C CA  . LEU A 1 182 ? 5.733   -18.911 -9.711  1.00 27.04 ? 181 LEU A CA  1 
ATOM   1330 C C   . LEU A 1 182 ? 4.608   -19.759 -10.319 1.00 24.65 ? 181 LEU A C   1 
ATOM   1331 O O   . LEU A 1 182 ? 4.323   -19.642 -11.506 1.00 24.39 ? 181 LEU A O   1 
ATOM   1332 C CB  . LEU A 1 182 ? 7.045   -19.704 -9.742  1.00 26.28 ? 181 LEU A CB  1 
ATOM   1333 C CG  . LEU A 1 182 ? 8.317   -18.898 -9.468  1.00 31.79 ? 181 LEU A CG  1 
ATOM   1334 C CD1 . LEU A 1 182 ? 9.523   -19.821 -9.323  1.00 39.04 ? 181 LEU A CD1 1 
ATOM   1335 C CD2 . LEU A 1 182 ? 8.544   -17.878 -10.563 1.00 30.08 ? 181 LEU A CD2 1 
ATOM   1336 N N   . GLU A 1 183 ? 3.985   -20.621 -9.516  1.00 22.83 ? 182 GLU A N   1 
ATOM   1337 C CA  . GLU A 1 183 ? 2.920   -21.468 -10.038 1.00 26.55 ? 182 GLU A CA  1 
ATOM   1338 C C   . GLU A 1 183 ? 1.754   -20.627 -10.515 1.00 19.87 ? 182 GLU A C   1 
ATOM   1339 O O   . GLU A 1 183 ? 1.273   -20.785 -11.643 1.00 19.42 ? 182 GLU A O   1 
ATOM   1340 C CB  . GLU A 1 183 ? 2.424   -22.446 -8.974  1.00 30.19 ? 182 GLU A CB  1 
ATOM   1341 C CG  . GLU A 1 183 ? 3.482   -23.414 -8.503  1.00 42.49 ? 182 GLU A CG  1 
ATOM   1342 C CD  . GLU A 1 183 ? 4.012   -24.267 -9.625  1.00 49.95 ? 182 GLU A CD  1 
ATOM   1343 O OE1 . GLU A 1 183 ? 3.276   -25.167 -10.082 1.00 60.95 ? 182 GLU A OE1 1 
ATOM   1344 O OE2 . GLU A 1 183 ? 5.164   -24.039 -10.054 1.00 69.54 ? 182 GLU A OE2 1 
ATOM   1345 N N   . LYS A 1 184 ? 1.283   -19.749 -9.635  1.00 22.40 ? 183 LYS A N   1 
ATOM   1346 C CA  . LYS A 1 184 ? 0.104   -18.946 -9.957  1.00 20.86 ? 183 LYS A CA  1 
ATOM   1347 C C   . LYS A 1 184 ? 0.376   -17.980 -11.103 1.00 18.47 ? 183 LYS A C   1 
ATOM   1348 O O   . LYS A 1 184 ? -0.492  -17.755 -11.944 1.00 15.64 ? 183 LYS A O   1 
ATOM   1349 C CB  . LYS A 1 184 ? -0.377  -18.173 -8.730  1.00 19.55 ? 183 LYS A CB  1 
ATOM   1350 C CG  . LYS A 1 184 ? -1.677  -17.402 -8.971  1.00 18.89 ? 183 LYS A CG  1 
ATOM   1351 C CD  . LYS A 1 184 ? -2.832  -18.356 -9.262  1.00 19.54 ? 183 LYS A CD  1 
ATOM   1352 C CE  . LYS A 1 184 ? -4.154  -17.608 -9.402  1.00 24.13 ? 183 LYS A CE  1 
ATOM   1353 N NZ  . LYS A 1 184 ? -5.295  -18.534 -9.597  1.00 20.57 ? 183 LYS A NZ  1 
ATOM   1354 N N   . LEU A 1 185 ? 1.571   -17.390 -11.141 1.00 20.10 ? 184 LEU A N   1 
ATOM   1355 C CA  . LEU A 1 185 ? 1.902   -16.510 -12.265 1.00 21.12 ? 184 LEU A CA  1 
ATOM   1356 C C   . LEU A 1 185 ? 1.855   -17.247 -13.598 1.00 20.19 ? 184 LEU A C   1 
ATOM   1357 O O   . LEU A 1 185 ? 1.358   -16.722 -14.595 1.00 20.69 ? 184 LEU A O   1 
ATOM   1358 C CB  . LEU A 1 185 ? 3.282   -15.855 -12.087 1.00 17.63 ? 184 LEU A CB  1 
ATOM   1359 C CG  . LEU A 1 185 ? 3.358   -14.841 -10.950 1.00 21.84 ? 184 LEU A CG  1 
ATOM   1360 C CD1 . LEU A 1 185 ? 4.817   -14.398 -10.759 1.00 22.57 ? 184 LEU A CD1 1 
ATOM   1361 C CD2 . LEU A 1 185 ? 2.443   -13.663 -11.246 1.00 21.20 ? 184 LEU A CD2 1 
ATOM   1362 N N   . GLU A 1 186 ? 2.374   -18.467 -13.625 1.00 18.17 ? 185 GLU A N   1 
ATOM   1363 C CA  . GLU A 1 186 ? 2.294   -19.245 -14.854 1.00 17.76 ? 185 GLU A CA  1 
ATOM   1364 C C   . GLU A 1 186 ? 0.847   -19.579 -15.222 1.00 20.72 ? 185 GLU A C   1 
ATOM   1365 O O   . GLU A 1 186 ? 0.469   -19.547 -16.393 1.00 20.58 ? 185 GLU A O   1 
ATOM   1366 C CB  . GLU A 1 186 ? 3.161   -20.499 -14.766 1.00 25.28 ? 185 GLU A CB  1 
ATOM   1367 C CG  . GLU A 1 186 ? 3.070   -21.389 -15.987 1.00 38.65 ? 185 GLU A CG  1 
ATOM   1368 C CD  . GLU A 1 186 ? 4.017   -22.571 -15.914 1.00 53.33 ? 185 GLU A CD  1 
ATOM   1369 O OE1 . GLU A 1 186 ? 4.787   -22.657 -14.929 1.00 47.18 ? 185 GLU A OE1 1 
ATOM   1370 O OE2 . GLU A 1 186 ? 3.986   -23.410 -16.843 1.00 57.15 ? 185 GLU A OE2 1 
ATOM   1371 N N   . GLN A 1 187 ? 0.028   -19.887 -14.225 1.00 17.73 ? 186 GLN A N   1 
ATOM   1372 C CA  . GLN A 1 187 ? -1.378  -20.162 -14.506 1.00 17.39 ? 186 GLN A CA  1 
ATOM   1373 C C   . GLN A 1 187 ? -2.068  -18.942 -15.125 1.00 16.71 ? 186 GLN A C   1 
ATOM   1374 O O   . GLN A 1 187 ? -2.881  -19.069 -16.043 1.00 17.99 ? 186 GLN A O   1 
ATOM   1375 C CB  . GLN A 1 187 ? -2.098  -20.586 -13.230 1.00 16.27 ? 186 GLN A CB  1 
ATOM   1376 C CG  . GLN A 1 187 ? -3.457  -21.191 -13.490 1.00 18.03 ? 186 GLN A CG  1 
ATOM   1377 C CD  . GLN A 1 187 ? -4.322  -21.190 -12.252 1.00 20.72 ? 186 GLN A CD  1 
ATOM   1378 O OE1 . GLN A 1 187 ? -4.763  -20.137 -11.796 1.00 19.60 ? 186 GLN A OE1 1 
ATOM   1379 N NE2 . GLN A 1 187 ? -4.561  -22.374 -11.690 1.00 21.65 ? 186 GLN A NE2 1 
ATOM   1380 N N   . LEU A 1 188 ? -1.737  -17.762 -14.612 1.00 15.28 ? 187 LEU A N   1 
ATOM   1381 C CA  . LEU A 1 188 ? -2.380  -16.518 -15.044 1.00 15.84 ? 187 LEU A CA  1 
ATOM   1382 C C   . LEU A 1 188 ? -2.069  -16.152 -16.489 1.00 25.15 ? 187 LEU A C   1 
ATOM   1383 O O   . LEU A 1 188 ? -2.705  -15.271 -17.067 1.00 20.40 ? 187 LEU A O   1 
ATOM   1384 C CB  . LEU A 1 188 ? -1.996  -15.372 -14.112 1.00 18.71 ? 187 LEU A CB  1 
ATOM   1385 C CG  . LEU A 1 188 ? -2.695  -15.438 -12.752 1.00 15.40 ? 187 LEU A CG  1 
ATOM   1386 C CD1 . LEU A 1 188 ? -2.084  -14.429 -11.803 1.00 17.66 ? 187 LEU A CD1 1 
ATOM   1387 C CD2 . LEU A 1 188 ? -4.227  -15.249 -12.869 1.00 18.65 ? 187 LEU A CD2 1 
ATOM   1388 N N   . GLN A 1 189 ? -1.096  -16.841 -17.074 1.00 23.02 ? 188 GLN A N   1 
ATOM   1389 C CA  . GLN A 1 189 ? -0.822  -16.686 -18.497 1.00 23.77 ? 188 GLN A CA  1 
ATOM   1390 C C   . GLN A 1 189 ? -1.978  -17.245 -19.341 1.00 30.49 ? 188 GLN A C   1 
ATOM   1391 O O   . GLN A 1 189 ? -2.037  -17.031 -20.549 1.00 28.20 ? 188 GLN A O   1 
ATOM   1392 C CB  . GLN A 1 189 ? 0.520   -17.337 -18.843 1.00 25.81 ? 188 GLN A CB  1 
ATOM   1393 C CG  . GLN A 1 189 ? 1.698   -16.648 -18.147 1.00 29.02 ? 188 GLN A CG  1 
ATOM   1394 C CD  . GLN A 1 189 ? 3.053   -17.228 -18.520 1.00 41.88 ? 188 GLN A CD  1 
ATOM   1395 O OE1 . GLN A 1 189 ? 3.317   -18.414 -18.320 1.00 42.83 ? 188 GLN A OE1 1 
ATOM   1396 N NE2 . GLN A 1 189 ? 3.923   -16.383 -19.060 1.00 43.48 ? 188 GLN A NE2 1 
ATOM   1397 N N   . SER A 1 190 ? -2.911  -17.943 -18.696 1.00 24.52 ? 189 SER A N   1 
ATOM   1398 C CA  . SER A 1 190 ? -4.117  -18.419 -19.376 1.00 26.69 ? 189 SER A CA  1 
ATOM   1399 C C   . SER A 1 190 ? -5.389  -17.652 -18.995 1.00 22.84 ? 189 SER A C   1 
ATOM   1400 O O   . SER A 1 190 ? -6.481  -18.014 -19.414 1.00 24.25 ? 189 SER A O   1 
ATOM   1401 C CB  . SER A 1 190 ? -4.322  -19.917 -19.147 1.00 32.36 ? 189 SER A CB  1 
ATOM   1402 O OG  . SER A 1 190 ? -3.278  -20.659 -19.752 1.00 39.68 ? 189 SER A OG  1 
ATOM   1403 N N   . HIS A 1 191 ? -5.245  -16.591 -18.209 1.00 20.54 ? 190 HIS A N   1 
ATOM   1404 C CA  . HIS A 1 191 ? -6.389  -15.794 -17.790 1.00 19.81 ? 190 HIS A CA  1 
ATOM   1405 C C   . HIS A 1 191 ? -7.138  -15.242 -19.006 1.00 25.42 ? 190 HIS A C   1 
ATOM   1406 O O   . HIS A 1 191 ? -6.525  -14.902 -20.022 1.00 24.32 ? 190 HIS A O   1 
ATOM   1407 C CB  . HIS A 1 191 ? -5.934  -14.661 -16.874 1.00 21.91 ? 190 HIS A CB  1 
ATOM   1408 C CG  . HIS A 1 191 ? -7.050  -13.960 -16.168 1.00 21.50 ? 190 HIS A CG  1 
ATOM   1409 N ND1 . HIS A 1 191 ? -7.351  -14.194 -14.843 1.00 24.81 ? 190 HIS A ND1 1 
ATOM   1410 C CD2 . HIS A 1 191 ? -7.922  -13.016 -16.594 1.00 16.23 ? 190 HIS A CD2 1 
ATOM   1411 C CE1 . HIS A 1 191 ? -8.376  -13.438 -14.486 1.00 17.32 ? 190 HIS A CE1 1 
ATOM   1412 N NE2 . HIS A 1 191 ? -8.741  -12.713 -15.532 1.00 27.52 ? 190 HIS A NE2 1 
ATOM   1413 N N   . GLU A 1 192 ? -8.460  -15.154 -18.894 1.00 20.57 ? 191 GLU A N   1 
ATOM   1414 C CA  . GLU A 1 192 ? -9.274  -14.632 -19.992 1.00 21.68 ? 191 GLU A CA  1 
ATOM   1415 C C   . GLU A 1 192 ? -8.859  -13.202 -20.369 1.00 34.56 ? 191 GLU A C   1 
ATOM   1416 O O   . GLU A 1 192 ? -8.992  -12.794 -21.516 1.00 31.65 ? 191 GLU A O   1 
ATOM   1417 C CB  . GLU A 1 192 ? -10.768 -14.691 -19.659 1.00 30.12 ? 191 GLU A CB  1 
ATOM   1418 C CG  . GLU A 1 192 ? -11.205 -13.759 -18.550 1.00 29.10 ? 191 GLU A CG  1 
ATOM   1419 C CD  . GLU A 1 192 ? -12.722 -13.665 -18.421 1.00 49.21 ? 191 GLU A CD  1 
ATOM   1420 O OE1 . GLU A 1 192 ? -13.443 -14.444 -19.092 1.00 46.20 ? 191 GLU A OE1 1 
ATOM   1421 O OE2 . GLU A 1 192 ? -13.196 -12.806 -17.648 1.00 49.64 ? 191 GLU A OE2 1 
ATOM   1422 N N   . ASN A 1 193 ? -8.356  -12.442 -19.402 1.00 29.62 ? 192 ASN A N   1 
ATOM   1423 C CA  . ASN A 1 193 ? -7.966  -11.050 -19.650 1.00 27.84 ? 192 ASN A CA  1 
ATOM   1424 C C   . ASN A 1 193 ? -6.538  -10.902 -20.200 1.00 34.95 ? 192 ASN A C   1 
ATOM   1425 O O   . ASN A 1 193 ? -5.567  -11.254 -19.533 1.00 20.24 ? 192 ASN A O   1 
ATOM   1426 C CB  . ASN A 1 193 ? -8.140  -10.236 -18.363 1.00 24.38 ? 192 ASN A CB  1 
ATOM   1427 C CG  . ASN A 1 193 ? -7.940  -8.751  -18.576 1.00 40.09 ? 192 ASN A CG  1 
ATOM   1428 O OD1 . ASN A 1 193 ? -7.106  -8.334  -19.375 1.00 35.18 ? 192 ASN A OD1 1 
ATOM   1429 N ND2 . ASN A 1 193 ? -8.710  -7.944  -17.859 1.00 38.93 ? 192 ASN A ND2 1 
ATOM   1430 N N   . GLU A 1 194 ? -6.402  -10.356 -21.408 1.00 31.26 ? 193 GLU A N   1 
ATOM   1431 C CA  . GLU A 1 194 ? -5.085  -10.269 -22.046 1.00 38.21 ? 193 GLU A CA  1 
ATOM   1432 C C   . GLU A 1 194 ? -4.071  -9.372  -21.311 1.00 23.06 ? 193 GLU A C   1 
ATOM   1433 O O   . GLU A 1 194 ? -2.869  -9.638  -21.344 1.00 29.47 ? 193 GLU A O   1 
ATOM   1434 C CB  . GLU A 1 194 ? -5.207  -9.843  -23.514 1.00 44.66 ? 193 GLU A CB  1 
ATOM   1435 C CG  . GLU A 1 194 ? -4.733  -10.896 -24.507 1.00 54.21 ? 193 GLU A CG  1 
ATOM   1436 C CD  . GLU A 1 194 ? -5.876  -11.663 -25.148 1.00 70.50 ? 193 GLU A CD  1 
ATOM   1437 O OE1 . GLU A 1 194 ? -6.920  -11.041 -25.451 1.00 68.65 ? 193 GLU A OE1 1 
ATOM   1438 O OE2 . GLU A 1 194 ? -5.733  -12.890 -25.349 1.00 72.43 ? 193 GLU A OE2 1 
ATOM   1439 N N   . LYS A 1 195 ? -4.549  -8.323  -20.650 1.00 28.04 ? 194 LYS A N   1 
ATOM   1440 C CA  . LYS A 1 195 ? -3.661  -7.451  -19.886 1.00 37.15 ? 194 LYS A CA  1 
ATOM   1441 C C   . LYS A 1 195 ? -3.060  -8.208  -18.707 1.00 32.88 ? 194 LYS A C   1 
ATOM   1442 O O   . LYS A 1 195 ? -1.898  -8.017  -18.360 1.00 25.21 ? 194 LYS A O   1 
ATOM   1443 C CB  . LYS A 1 195 ? -4.405  -6.221  -19.367 1.00 43.26 ? 194 LYS A CB  1 
ATOM   1444 C CG  . LYS A 1 195 ? -4.978  -5.321  -20.452 1.00 58.05 ? 194 LYS A CG  1 
ATOM   1445 C CD  . LYS A 1 195 ? -5.821  -4.205  -19.842 1.00 79.86 ? 194 LYS A CD  1 
ATOM   1446 C CE  . LYS A 1 195 ? -4.989  -3.281  -18.958 1.00 72.75 ? 194 LYS A CE  1 
ATOM   1447 N NZ  . LYS A 1 195 ? -4.061  -2.429  -19.756 1.00 74.76 ? 194 LYS A NZ  1 
ATOM   1448 N N   . ILE A 1 196 ? -3.871  -9.057  -18.088 1.00 25.41 ? 195 ILE A N   1 
ATOM   1449 C CA  . ILE A 1 196 ? -3.418  -9.860  -16.957 1.00 20.12 ? 195 ILE A CA  1 
ATOM   1450 C C   . ILE A 1 196 ? -2.382  -10.889 -17.396 1.00 20.37 ? 195 ILE A C   1 
ATOM   1451 O O   . ILE A 1 196 ? -1.359  -11.065 -16.737 1.00 22.31 ? 195 ILE A O   1 
ATOM   1452 C CB  . ILE A 1 196 ? -4.606  -10.552 -16.248 1.00 23.88 ? 195 ILE A CB  1 
ATOM   1453 C CG1 . ILE A 1 196 ? -5.429  -9.514  -15.477 1.00 29.99 ? 195 ILE A CG1 1 
ATOM   1454 C CG2 . ILE A 1 196 ? -4.102  -11.660 -15.312 1.00 21.28 ? 195 ILE A CG2 1 
ATOM   1455 C CD1 . ILE A 1 196 ? -6.783  -10.025 -15.029 1.00 29.10 ? 195 ILE A CD1 1 
ATOM   1456 N N   . GLN A 1 197 ? -2.641  -11.570 -18.511 1.00 18.60 ? 196 GLN A N   1 
ATOM   1457 C CA  . GLN A 1 197 ? -1.664  -12.508 -19.060 1.00 19.14 ? 196 GLN A CA  1 
ATOM   1458 C C   . GLN A 1 197 ? -0.301  -11.821 -19.228 1.00 22.56 ? 196 GLN A C   1 
ATOM   1459 O O   . GLN A 1 197 ? 0.742   -12.381 -18.901 1.00 22.64 ? 196 GLN A O   1 
ATOM   1460 C CB  . GLN A 1 197 ? -2.107  -13.016 -20.430 1.00 24.00 ? 196 GLN A CB  1 
ATOM   1461 C CG  . GLN A 1 197 ? -3.330  -13.949 -20.440 1.00 20.63 ? 196 GLN A CG  1 
ATOM   1462 C CD  . GLN A 1 197 ? -3.545  -14.581 -21.812 1.00 33.30 ? 196 GLN A CD  1 
ATOM   1463 O OE1 . GLN A 1 197 ? -2.700  -14.460 -22.703 1.00 30.84 ? 196 GLN A OE1 1 
ATOM   1464 N NE2 . GLN A 1 197 ? -4.670  -15.260 -21.986 1.00 32.35 ? 196 GLN A NE2 1 
ATOM   1465 N N   . LYS A 1 198 ? -0.340  -10.610 -19.772 1.00 22.59 ? 197 LYS A N   1 
ATOM   1466 C CA  . LYS A 1 198 ? 0.862   -9.833  -20.058 1.00 23.52 ? 197 LYS A CA  1 
ATOM   1467 C C   . LYS A 1 198 ? 1.607   -9.445  -18.783 1.00 22.25 ? 197 LYS A C   1 
ATOM   1468 O O   . LYS A 1 198 ? 2.833   -9.574  -18.709 1.00 23.40 ? 197 LYS A O   1 
ATOM   1469 C CB  . LYS A 1 198 ? 0.493   -8.574  -20.838 1.00 24.19 ? 197 LYS A CB  1 
ATOM   1470 C CG  . LYS A 1 198 ? 1.687   -7.685  -21.181 1.00 35.80 ? 197 LYS A CG  1 
ATOM   1471 C CD  . LYS A 1 198 ? 1.333   -6.677  -22.270 1.00 45.43 ? 197 LYS A CD  1 
ATOM   1472 C CE  . LYS A 1 198 ? 0.932   -7.378  -23.565 1.00 50.45 ? 197 LYS A CE  1 
ATOM   1473 N NZ  . LYS A 1 198 ? 0.838   -6.428  -24.710 1.00 68.33 ? 197 LYS A NZ  1 
ATOM   1474 N N   . GLU A 1 199 ? 0.868   -8.977  -17.782 1.00 25.39 ? 198 GLU A N   1 
ATOM   1475 C CA  . GLU A 1 199 ? 1.486   -8.565  -16.526 1.00 25.75 ? 198 GLU A CA  1 
ATOM   1476 C C   . GLU A 1 199 ? 2.061   -9.753  -15.761 1.00 26.65 ? 198 GLU A C   1 
ATOM   1477 O O   . GLU A 1 199 ? 3.131   -9.660  -15.156 1.00 22.47 ? 198 GLU A O   1 
ATOM   1478 C CB  . GLU A 1 199 ? 0.501   -7.767  -15.675 1.00 29.71 ? 198 GLU A CB  1 
ATOM   1479 C CG  . GLU A 1 199 ? 0.290   -6.348  -16.201 1.00 46.49 ? 198 GLU A CG  1 
ATOM   1480 C CD  . GLU A 1 199 ? -1.134  -5.842  -16.029 1.00 48.68 ? 198 GLU A CD  1 
ATOM   1481 O OE1 . GLU A 1 199 ? -1.950  -6.533  -15.374 1.00 44.66 ? 198 GLU A OE1 1 
ATOM   1482 O OE2 . GLU A 1 199 ? -1.436  -4.747  -16.556 1.00 52.70 ? 198 GLU A OE2 1 
ATOM   1483 N N   . ALA A 1 200 ? 1.362   -10.879 -15.803 1.00 19.24 ? 199 ALA A N   1 
ATOM   1484 C CA  . ALA A 1 200 ? 1.887   -12.087 -15.185 1.00 19.79 ? 199 ALA A CA  1 
ATOM   1485 C C   . ALA A 1 200 ? 3.175   -12.534 -15.865 1.00 22.44 ? 199 ALA A C   1 
ATOM   1486 O O   . ALA A 1 200 ? 4.120   -12.933 -15.198 1.00 21.70 ? 199 ALA A O   1 
ATOM   1487 C CB  . ALA A 1 200 ? 0.845   -13.216 -15.217 1.00 25.58 ? 199 ALA A CB  1 
ATOM   1488 N N   . GLN A 1 201 ? 3.206   -12.480 -17.195 1.00 24.38 ? 200 GLN A N   1 
ATOM   1489 C CA  . GLN A 1 201 ? 4.391   -12.901 -17.943 1.00 21.61 ? 200 GLN A CA  1 
ATOM   1490 C C   . GLN A 1 201 ? 5.592   -12.019 -17.604 1.00 22.80 ? 200 GLN A C   1 
ATOM   1491 O O   . GLN A 1 201 ? 6.714   -12.501 -17.434 1.00 24.56 ? 200 GLN A O   1 
ATOM   1492 C CB  . GLN A 1 201 ? 4.112   -12.866 -19.442 1.00 25.98 ? 200 GLN A CB  1 
ATOM   1493 C CG  . GLN A 1 201 ? 5.253   -13.379 -20.308 1.00 33.10 ? 200 GLN A CG  1 
ATOM   1494 C CD  . GLN A 1 201 ? 5.063   -13.019 -21.770 1.00 49.29 ? 200 GLN A CD  1 
ATOM   1495 O OE1 . GLN A 1 201 ? 5.919   -12.375 -22.381 1.00 48.21 ? 200 GLN A OE1 1 
ATOM   1496 N NE2 . GLN A 1 201 ? 3.939   -13.433 -22.337 1.00 41.27 ? 200 GLN A NE2 1 
ATOM   1497 N N   . GLU A 1 202 ? 5.360   -10.723 -17.495 1.00 24.50 ? 201 GLU A N   1 
ATOM   1498 C CA  . GLU A 1 202 ? 6.455   -9.816  -17.157 1.00 27.69 ? 201 GLU A CA  1 
ATOM   1499 C C   . GLU A 1 202 ? 6.988   -10.041 -15.742 1.00 24.19 ? 201 GLU A C   1 
ATOM   1500 O O   . GLU A 1 202 ? 8.193   -9.922  -15.495 1.00 22.32 ? 201 GLU A O   1 
ATOM   1501 C CB  . GLU A 1 202 ? 6.044   -8.366  -17.386 1.00 24.56 ? 201 GLU A CB  1 
ATOM   1502 C CG  . GLU A 1 202 ? 5.771   -8.096  -18.862 1.00 29.83 ? 201 GLU A CG  1 
ATOM   1503 C CD  . GLU A 1 202 ? 6.002   -6.655  -19.263 1.00 34.35 ? 201 GLU A CD  1 
ATOM   1504 O OE1 . GLU A 1 202 ? 6.213   -5.798  -18.377 1.00 32.35 ? 201 GLU A OE1 1 
ATOM   1505 O OE2 . GLU A 1 202 ? 5.974   -6.387  -20.483 1.00 43.96 ? 201 GLU A OE2 1 
ATOM   1506 N N   . ALA A 1 203 ? 6.100   -10.380 -14.812 1.00 20.43 ? 202 ALA A N   1 
ATOM   1507 C CA  . ALA A 1 203 ? 6.542   -10.693 -13.463 1.00 22.14 ? 202 ALA A CA  1 
ATOM   1508 C C   . ALA A 1 203 ? 7.415   -11.942 -13.495 1.00 20.11 ? 202 ALA A C   1 
ATOM   1509 O O   . ALA A 1 203 ? 8.436   -12.014 -12.811 1.00 22.91 ? 202 ALA A O   1 
ATOM   1510 C CB  . ALA A 1 203 ? 5.346   -10.904 -12.533 1.00 22.64 ? 202 ALA A CB  1 
ATOM   1511 N N   . LEU A 1 204 ? 7.006   -12.939 -14.279 1.00 22.28 ? 203 LEU A N   1 
ATOM   1512 C CA  . LEU A 1 204 ? 7.812   -14.149 -14.424 1.00 25.64 ? 203 LEU A CA  1 
ATOM   1513 C C   . LEU A 1 204 ? 9.189   -13.843 -15.006 1.00 21.57 ? 203 LEU A C   1 
ATOM   1514 O O   . LEU A 1 204 ? 10.188  -14.420 -14.595 1.00 24.54 ? 203 LEU A O   1 
ATOM   1515 C CB  . LEU A 1 204 ? 7.102   -15.168 -15.309 1.00 29.73 ? 203 LEU A CB  1 
ATOM   1516 C CG  . LEU A 1 204 ? 6.041   -16.013 -14.614 1.00 25.77 ? 203 LEU A CG  1 
ATOM   1517 C CD1 . LEU A 1 204 ? 5.230   -16.768 -15.650 1.00 29.04 ? 203 LEU A CD1 1 
ATOM   1518 C CD2 . LEU A 1 204 ? 6.700   -16.969 -13.632 1.00 27.31 ? 203 LEU A CD2 1 
ATOM   1519 N N   . GLU A 1 205 ? 9.228   -12.934 -15.972 1.00 22.99 ? 204 GLU A N   1 
ATOM   1520 C CA  . GLU A 1 205 ? 10.489  -12.539 -16.601 1.00 21.26 ? 204 GLU A CA  1 
ATOM   1521 C C   . GLU A 1 205 ? 11.441  -11.912 -15.582 1.00 23.74 ? 204 GLU A C   1 
ATOM   1522 O O   . GLU A 1 205 ? 12.665  -12.067 -15.670 1.00 24.87 ? 204 GLU A O   1 
ATOM   1523 C CB  . GLU A 1 205 ? 10.227  -11.554 -17.745 1.00 24.39 ? 204 GLU A CB  1 
ATOM   1524 C CG  . GLU A 1 205 ? 9.658   -12.209 -19.006 1.00 29.78 ? 204 GLU A CG  1 
ATOM   1525 C CD  . GLU A 1 205 ? 9.053   -11.205 -19.996 1.00 38.75 ? 204 GLU A CD  1 
ATOM   1526 O OE1 . GLU A 1 205 ? 9.258   -9.975  -19.843 1.00 34.57 ? 204 GLU A OE1 1 
ATOM   1527 O OE2 . GLU A 1 205 ? 8.354   -11.655 -20.930 1.00 38.73 ? 204 GLU A OE2 1 
ATOM   1528 N N   . LYS A 1 206 ? 10.880  -11.181 -14.627 1.00 19.87 ? 205 LYS A N   1 
ATOM   1529 C CA  . LYS A 1 206 ? 11.699  -10.541 -13.598 1.00 22.30 ? 205 LYS A CA  1 
ATOM   1530 C C   . LYS A 1 206 ? 12.264  -11.565 -12.627 1.00 27.53 ? 205 LYS A C   1 
ATOM   1531 O O   . LYS A 1 206 ? 13.348  -11.379 -12.074 1.00 26.21 ? 205 LYS A O   1 
ATOM   1532 C CB  . LYS A 1 206 ? 10.895  -9.498  -12.829 1.00 25.06 ? 205 LYS A CB  1 
ATOM   1533 C CG  . LYS A 1 206 ? 10.504  -8.295  -13.647 1.00 23.60 ? 205 LYS A CG  1 
ATOM   1534 C CD  . LYS A 1 206 ? 9.844   -7.260  -12.758 1.00 30.16 ? 205 LYS A CD  1 
ATOM   1535 C CE  . LYS A 1 206 ? 8.902   -6.400  -13.555 1.00 28.83 ? 205 LYS A CE  1 
ATOM   1536 N NZ  . LYS A 1 206 ? 8.315   -5.346  -12.698 1.00 34.26 ? 205 LYS A NZ  1 
ATOM   1537 N N   . LEU A 1 207 ? 11.528  -12.646 -12.422 1.00 23.83 ? 206 LEU A N   1 
ATOM   1538 C CA  . LEU A 1 207 ? 11.931  -13.668 -11.454 1.00 29.14 ? 206 LEU A CA  1 
ATOM   1539 C C   . LEU A 1 207 ? 12.855  -14.712 -12.080 1.00 38.50 ? 206 LEU A C   1 
ATOM   1540 O O   . LEU A 1 207 ? 13.531  -15.462 -11.377 1.00 41.48 ? 206 LEU A O   1 
ATOM   1541 C CB  . LEU A 1 207 ? 10.697  -14.338 -10.863 1.00 24.20 ? 206 LEU A CB  1 
ATOM   1542 C CG  . LEU A 1 207 ? 9.818   -13.406 -10.020 1.00 17.69 ? 206 LEU A CG  1 
ATOM   1543 C CD1 . LEU A 1 207 ? 8.486   -14.078 -9.720  1.00 27.34 ? 206 LEU A CD1 1 
ATOM   1544 C CD2 . LEU A 1 207 ? 10.548  -13.016 -8.725  1.00 24.78 ? 206 LEU A CD2 1 
ATOM   1545 N N   . GLN A 1 208 ? 12.883  -14.741 -13.406 1.00 36.57 ? 207 GLN A N   1 
ATOM   1546 C CA  . GLN A 1 208 ? 13.665  -15.718 -14.169 1.00 40.07 ? 207 GLN A CA  1 
ATOM   1547 C C   . GLN A 1 208 ? 15.176  -15.575 -13.996 1.00 47.26 ? 207 GLN A C   1 
ATOM   1548 O O   . GLN A 1 208 ? 15.694  -14.473 -13.833 1.00 48.56 ? 207 GLN A O   1 
ATOM   1549 C CB  . GLN A 1 208 ? 13.309  -15.621 -15.644 1.00 41.01 ? 207 GLN A CB  1 
ATOM   1550 N N   . SER A 1 209 ? 15.879  -16.704 -14.058 1.00 57.51 ? 208 SER A N   1 
ATOM   1551 C CA  . SER A 1 209 ? 17.336  -16.718 -13.950 1.00 56.88 ? 208 SER A CA  1 
ATOM   1552 C C   . SER A 1 209 ? 17.998  -17.137 -15.264 1.00 50.40 ? 208 SER A C   1 
ATOM   1553 O O   . SER A 1 209 ? 17.370  -17.118 -16.326 1.00 58.31 ? 208 SER A O   1 
ATOM   1554 C CB  . SER A 1 209 ? 17.772  -17.634 -12.819 1.00 54.65 ? 208 SER A CB  1 
HETATM 1555 O O   . HOH B 2 .   ? 6.135   -11.872 3.207   1.00 21.57 ? 301 HOH A O   1 
HETATM 1556 O O   . HOH B 2 .   ? -5.763  -20.003 -7.083  1.00 31.19 ? 302 HOH A O   1 
HETATM 1557 O O   . HOH B 2 .   ? -3.187  -17.419 -5.560  1.00 26.14 ? 303 HOH A O   1 
HETATM 1558 O O   . HOH B 2 .   ? -4.739  -11.269 7.978   1.00 31.53 ? 304 HOH A O   1 
HETATM 1559 O O   . HOH B 2 .   ? -4.964  -11.678 1.092   1.00 28.26 ? 305 HOH A O   1 
HETATM 1560 O O   . HOH B 2 .   ? 8.791   -4.795  8.123   1.00 24.93 ? 306 HOH A O   1 
HETATM 1561 O O   . HOH B 2 .   ? 7.270   -14.288 2.951   1.00 36.22 ? 307 HOH A O   1 
HETATM 1562 O O   . HOH B 2 .   ? -9.923  -9.700  7.859   1.00 24.83 ? 308 HOH A O   1 
HETATM 1563 O O   . HOH B 2 .   ? -3.647  -10.187 5.562   1.00 25.09 ? 309 HOH A O   1 
HETATM 1564 O O   . HOH B 2 .   ? -8.266  -13.942 -2.815  1.00 33.25 ? 310 HOH A O   1 
HETATM 1565 O O   . HOH B 2 .   ? -18.160 1.482   9.078   1.00 40.99 ? 311 HOH A O   1 
HETATM 1566 O O   . HOH B 2 .   ? -5.165  -10.961 10.619  1.00 28.95 ? 312 HOH A O   1 
HETATM 1567 O O   . HOH B 2 .   ? 6.036   -0.498  9.319   1.00 24.91 ? 313 HOH A O   1 
HETATM 1568 O O   . HOH B 2 .   ? 0.784   5.431   15.659  1.00 37.75 ? 314 HOH A O   1 
HETATM 1569 O O   . HOH B 2 .   ? 8.700   -15.957 1.054   1.00 29.76 ? 315 HOH A O   1 
HETATM 1570 O O   . HOH B 2 .   ? 7.132   -20.069 -6.552  1.00 32.85 ? 316 HOH A O   1 
HETATM 1571 O O   . HOH B 2 .   ? -0.571  -17.377 -0.056  1.00 36.30 ? 317 HOH A O   1 
HETATM 1572 O O   . HOH B 2 .   ? 12.746  9.090   6.615   1.00 36.86 ? 318 HOH A O   1 
HETATM 1573 O O   . HOH B 2 .   ? 7.969   8.229   10.762  1.00 30.62 ? 319 HOH A O   1 
HETATM 1574 O O   . HOH B 2 .   ? 4.549   12.489  10.727  1.00 32.01 ? 320 HOH A O   1 
HETATM 1575 O O   . HOH B 2 .   ? 1.498   -13.709 -21.774 1.00 41.66 ? 321 HOH A O   1 
HETATM 1576 O O   . HOH B 2 .   ? 14.610  -3.652  5.380   1.00 30.99 ? 322 HOH A O   1 
HETATM 1577 O O   . HOH B 2 .   ? -10.956 -7.169  8.415   1.00 23.40 ? 323 HOH A O   1 
HETATM 1578 O O   . HOH B 2 .   ? -12.549 -5.211  7.778   1.00 32.55 ? 324 HOH A O   1 
HETATM 1579 O O   . HOH B 2 .   ? -10.491 -4.628  8.903   1.00 39.11 ? 325 HOH A O   1 
HETATM 1580 O O   . HOH B 2 .   ? -3.280  1.069   13.996  1.00 34.79 ? 326 HOH A O   1 
HETATM 1581 O O   . HOH B 2 .   ? 0.703   -1.448  12.110  1.00 26.66 ? 327 HOH A O   1 
HETATM 1582 O O   . HOH B 2 .   ? 3.624   -7.939  10.253  1.00 31.30 ? 328 HOH A O   1 
HETATM 1583 O O   . HOH B 2 .   ? 13.294  -5.337  7.000   1.00 33.74 ? 329 HOH A O   1 
HETATM 1584 O O   . HOH B 2 .   ? -13.752 -8.222  -12.285 1.00 36.72 ? 330 HOH A O   1 
HETATM 1585 O O   . HOH B 2 .   ? 5.923   -4.187  -21.550 1.00 36.20 ? 331 HOH A O   1 
HETATM 1586 O O   . HOH B 2 .   ? -0.946  -21.068 -18.223 1.00 34.22 ? 332 HOH A O   1 
HETATM 1587 O O   . HOH B 2 .   ? 10.107  -1.765  -6.875  1.00 31.13 ? 333 HOH A O   1 
HETATM 1588 O O   . HOH B 2 .   ? 6.080   -7.378  11.109  1.00 40.24 ? 334 HOH A O   1 
HETATM 1589 O O   . HOH B 2 .   ? 3.543   5.574   14.690  1.00 36.65 ? 335 HOH A O   1 
HETATM 1590 O O   . HOH B 2 .   ? -11.382 -9.962  1.290   1.00 37.05 ? 336 HOH A O   1 
HETATM 1591 O O   . HOH B 2 .   ? 4.218   -7.433  -14.174 1.00 34.05 ? 337 HOH A O   1 
HETATM 1592 O O   . HOH B 2 .   ? 15.284  -12.199 -14.317 1.00 42.51 ? 338 HOH A O   1 
HETATM 1593 O O   . HOH B 2 .   ? 4.491   21.120  8.431   1.00 37.11 ? 339 HOH A O   1 
HETATM 1594 O O   . HOH B 2 .   ? 7.166   -2.976  9.730   1.00 41.17 ? 340 HOH A O   1 
HETATM 1595 O O   . HOH B 2 .   ? -12.088 7.874   1.309   1.00 41.24 ? 341 HOH A O   1 
HETATM 1596 O O   . HOH B 2 .   ? 9.288   -2.001  -11.506 1.00 47.09 ? 342 HOH A O   1 
HETATM 1597 O O   . HOH B 2 .   ? -1.667  -19.454 -4.931  1.00 37.66 ? 343 HOH A O   1 
HETATM 1598 O O   . HOH B 2 .   ? 6.596   5.916   -4.020  1.00 38.05 ? 344 HOH A O   1 
HETATM 1599 O O   . HOH B 2 .   ? -5.109  9.502   15.374  1.00 38.83 ? 345 HOH A O   1 
HETATM 1600 O O   . HOH B 2 .   ? -16.621 -5.096  -0.622  1.00 36.91 ? 346 HOH A O   1 
HETATM 1601 O O   . HOH B 2 .   ? -15.043 -4.780  6.913   1.00 36.12 ? 347 HOH A O   1 
HETATM 1602 O O   . HOH B 2 .   ? -8.460  -10.772 0.766   1.00 39.31 ? 348 HOH A O   1 
HETATM 1603 O O   . HOH B 2 .   ? 18.601  -7.162  -2.382  1.00 39.60 ? 349 HOH A O   1 
HETATM 1604 O O   . HOH B 2 .   ? -6.510  -18.722 -22.120 1.00 39.82 ? 350 HOH A O   1 
HETATM 1605 O O   . HOH B 2 .   ? 12.748  -12.637 3.096   1.00 42.54 ? 351 HOH A O   1 
HETATM 1606 O O   . HOH B 2 .   ? 8.619   -14.598 -21.268 1.00 41.49 ? 352 HOH A O   1 
HETATM 1607 O O   . HOH B 2 .   ? 11.476  -4.352  8.631   1.00 39.74 ? 353 HOH A O   1 
HETATM 1608 O O   . HOH B 2 .   ? -2.644  -18.607 -1.705  1.00 42.39 ? 354 HOH A O   1 
HETATM 1609 O O   . HOH B 2 .   ? -10.644 1.813   -3.009  1.00 44.58 ? 355 HOH A O   1 
HETATM 1610 O O   . HOH B 2 .   ? 15.156  -14.324 0.585   1.00 35.56 ? 356 HOH A O   1 
HETATM 1611 O O   . HOH B 2 .   ? -13.502 -16.748 -20.381 1.00 38.05 ? 357 HOH A O   1 
HETATM 1612 O O   . HOH B 2 .   ? 2.245   -17.815 -0.129  1.00 42.15 ? 358 HOH A O   1 
HETATM 1613 O O   . HOH B 2 .   ? -14.884 -2.224  10.815  1.00 38.81 ? 359 HOH A O   1 
HETATM 1614 O O   . HOH B 2 .   ? 6.745   -3.245  -11.465 1.00 44.39 ? 360 HOH A O   1 
HETATM 1615 O O   . HOH B 2 .   ? -12.615 -16.302 -22.782 1.00 42.03 ? 361 HOH A O   1 
HETATM 1616 O O   . HOH B 2 .   ? 14.408  -1.235  -5.434  1.00 34.42 ? 362 HOH A O   1 
HETATM 1617 O O   . HOH B 2 .   ? 15.177  -7.949  6.625   1.00 45.76 ? 363 HOH A O   1 
HETATM 1618 O O   . HOH B 2 .   ? 6.081   -5.900  13.312  1.00 42.60 ? 364 HOH A O   1 
HETATM 1619 O O   . HOH B 2 .   ? -5.620  23.286  17.668  1.00 44.45 ? 365 HOH A O   1 
HETATM 1620 O O   . HOH B 2 .   ? 5.433   -8.133  -22.542 1.00 49.47 ? 366 HOH A O   1 
HETATM 1621 O O   . HOH B 2 .   ? 1.222   12.982  -3.483  1.00 42.18 ? 367 HOH A O   1 
HETATM 1622 O O   . HOH B 2 .   ? -0.823  19.851  16.812  1.00 45.48 ? 368 HOH A O   1 
HETATM 1623 O O   . HOH B 2 .   ? 2.965   1.887   -7.029  1.00 46.01 ? 369 HOH A O   1 
HETATM 1624 O O   . HOH B 2 .   ? 0.845   -20.384 -5.877  1.00 39.26 ? 370 HOH A O   1 
HETATM 1625 O O   . HOH B 2 .   ? 6.566   10.919  11.265  1.00 42.80 ? 371 HOH A O   1 
HETATM 1626 O O   . HOH B 2 .   ? 0.707   -12.486 6.040   1.00 39.68 ? 372 HOH A O   1 
HETATM 1627 O O   . HOH B 2 .   ? 11.943  8.354   8.842   1.00 43.53 ? 373 HOH A O   1 
HETATM 1628 O O   . HOH B 2 .   ? -15.380 5.766   2.023   1.00 53.05 ? 374 HOH A O   1 
HETATM 1629 O O   . HOH B 2 .   ? 10.838  -14.595 3.037   1.00 52.63 ? 375 HOH A O   1 
HETATM 1630 O O   . HOH B 2 .   ? -2.818  13.939  16.428  1.00 49.14 ? 376 HOH A O   1 
HETATM 1631 O O   . HOH B 2 .   ? 1.050   13.577  15.958  1.00 49.22 ? 377 HOH A O   1 
HETATM 1632 O O   . HOH B 2 .   ? 13.188  -0.112  5.413   1.00 37.17 ? 378 HOH A O   1 
HETATM 1633 O O   . HOH B 2 .   ? 13.006  -8.608  9.804   1.00 39.72 ? 379 HOH A O   1 
HETATM 1634 O O   . HOH B 2 .   ? -1.028  -0.706  14.008  1.00 36.22 ? 380 HOH A O   1 
HETATM 1635 O O   . HOH B 2 .   ? 10.063  -2.262  -14.018 1.00 44.51 ? 381 HOH A O   1 
HETATM 1636 O O   . HOH B 2 .   ? 8.225   -6.432  10.136  1.00 44.03 ? 382 HOH A O   1 
HETATM 1637 O O   . HOH B 2 .   ? 8.121   -8.537  -22.159 1.00 45.13 ? 383 HOH A O   1 
HETATM 1638 O O   . HOH B 2 .   ? -12.325 -18.429 -24.273 1.00 50.73 ? 384 HOH A O   1 
HETATM 1639 O O   . HOH B 2 .   ? -2.771  -14.619 3.704   1.00 47.89 ? 385 HOH A O   1 
HETATM 1640 O O   . HOH B 2 .   ? -1.979  -12.521 5.636   1.00 38.14 ? 386 HOH A O   1 
HETATM 1641 O O   . HOH B 2 .   ? 15.408  1.031   -6.667  1.00 47.92 ? 387 HOH A O   1 
HETATM 1642 O O   . HOH B 2 .   ? -13.446 -9.917  -0.636  1.00 40.27 ? 388 HOH A O   1 
HETATM 1643 O O   . HOH B 2 .   ? -11.077 -11.315 -3.777  1.00 48.28 ? 389 HOH A O   1 
HETATM 1644 O O   . HOH B 2 .   ? 7.525   21.254  2.770   1.00 42.33 ? 390 HOH A O   1 
HETATM 1645 O O   . HOH B 2 .   ? -3.128  -13.862 -25.718 1.00 58.94 ? 391 HOH A O   1 
HETATM 1646 O O   . HOH B 2 .   ? -12.789 -12.243 -15.135 1.00 45.75 ? 392 HOH A O   1 
HETATM 1647 O O   . HOH B 2 .   ? 9.672   -0.776  -9.185  1.00 50.01 ? 393 HOH A O   1 
HETATM 1648 O O   . HOH B 2 .   ? 15.225  8.263   5.349   1.00 55.84 ? 394 HOH A O   1 
HETATM 1649 O O   . HOH B 2 .   ? 1.580   -20.585 -19.405 1.00 55.13 ? 395 HOH A O   1 
HETATM 1650 O O   . HOH B 2 .   ? -10.590 -6.418  10.755  1.00 36.20 ? 396 HOH A O   1 
HETATM 1651 O O   . HOH B 2 .   ? -14.636 -10.375 -14.349 1.00 57.19 ? 397 HOH A O   1 
HETATM 1652 O O   . HOH B 2 .   ? 2.048   -13.301 8.314   1.00 50.07 ? 398 HOH A O   1 
HETATM 1653 O O   . HOH B 2 .   ? 13.441  -16.298 1.277   1.00 55.68 ? 399 HOH A O   1 
HETATM 1654 O O   . HOH B 2 .   ? 10.100  1.957   -8.830  1.00 50.84 ? 400 HOH A O   1 
HETATM 1655 O O   . HOH B 2 .   ? -1.183  17.004  18.172  0.49 42.06 ? 401 HOH A O   1 
HETATM 1656 O O   . HOH B 2 .   ? -2.866  19.703  -2.363  1.00 48.89 ? 402 HOH A O   1 
HETATM 1657 O O   . HOH B 2 .   ? -8.602  -10.210 -23.507 1.00 56.16 ? 403 HOH A O   1 
HETATM 1658 O O   . HOH B 2 .   ? 9.905   -16.242 -17.963 1.00 50.86 ? 404 HOH A O   1 
HETATM 1659 O O   . HOH B 2 .   ? 6.723   -3.063  12.165  1.00 46.39 ? 405 HOH A O   1 
HETATM 1660 O O   . HOH B 2 .   ? -8.338  -12.884 2.456   1.00 44.94 ? 406 HOH A O   1 
HETATM 1661 O O   . HOH B 2 .   ? 8.446   -12.756 6.092   1.00 51.17 ? 407 HOH A O   1 
HETATM 1662 O O   . HOH B 2 .   ? 7.433   -15.154 -19.044 1.00 44.20 ? 408 HOH A O   1 
HETATM 1663 O O   . HOH B 2 .   ? -6.812  25.904  17.635  1.00 54.03 ? 409 HOH A O   1 
HETATM 1664 O O   . HOH B 2 .   ? 3.992   -14.497 6.648   1.00 56.91 ? 410 HOH A O   1 
HETATM 1665 O O   . HOH B 2 .   ? 6.667   22.064  6.825   1.00 47.18 ? 411 HOH A O   1 
HETATM 1666 O O   . HOH B 2 .   ? -12.741 11.733  5.973   1.00 46.82 ? 412 HOH A O   1 
HETATM 1667 O O   . HOH B 2 .   ? 7.281   14.863  12.699  1.00 50.02 ? 413 HOH A O   1 
HETATM 1668 O O   . HOH B 2 .   ? 9.748   11.649  9.780   1.00 59.50 ? 414 HOH A O   1 
HETATM 1669 O O   . HOH B 2 .   ? -8.573  -6.429  9.081   1.00 38.78 ? 415 HOH A O   1 
HETATM 1670 O O   . HOH B 2 .   ? -12.747 5.734   14.898  1.00 49.10 ? 416 HOH A O   1 
HETATM 1671 O O   . HOH B 2 .   ? -15.377 -12.724 -16.282 1.00 41.76 ? 417 HOH A O   1 
HETATM 1672 O O   . HOH B 2 .   ? 1.403   18.262  15.348  0.50 29.43 ? 418 HOH A O   1 
HETATM 1673 O O   . HOH B 2 .   ? -0.247  6.805   -5.785  1.00 50.04 ? 419 HOH A O   1 
HETATM 1674 O O   . HOH B 2 .   ? 5.649   7.152   15.149  1.00 50.17 ? 420 HOH A O   1 
HETATM 1675 O O   . HOH B 2 .   ? 0.043   11.509  -5.631  1.00 55.94 ? 421 HOH A O   1 
HETATM 1676 O O   . HOH B 2 .   ? -1.595  9.232   17.652  1.00 49.11 ? 422 HOH A O   1 
HETATM 1677 O O   . HOH B 2 .   ? -5.324  -2.798  10.096  1.00 39.93 ? 423 HOH A O   1 
HETATM 1678 O O   . HOH B 2 .   ? 17.420  14.041  1.006   1.00 58.38 ? 424 HOH A O   1 
HETATM 1679 O O   . HOH B 2 .   ? 1.180   20.429  -5.150  0.48 45.30 ? 425 HOH A O   1 
HETATM 1680 O O   . HOH B 2 .   ? -1.040  -1.841  -7.046  1.00 41.18 ? 426 HOH A O   1 
HETATM 1681 O O   . HOH B 2 .   ? -0.312  -16.461 -22.564 1.00 39.58 ? 427 HOH A O   1 
HETATM 1682 O O   . HOH B 2 .   ? 19.742  -9.344  -2.463  1.00 44.27 ? 428 HOH A O   1 
HETATM 1683 O O   . HOH B 2 .   ? 5.793   12.581  15.346  1.00 49.04 ? 429 HOH A O   1 
HETATM 1684 O O   . HOH B 2 .   ? 3.620   12.861  16.626  1.00 48.53 ? 430 HOH A O   1 
HETATM 1685 O O   . HOH B 2 .   ? -0.976  3.245   16.588  1.00 46.97 ? 431 HOH A O   1 
HETATM 1686 O O   . HOH B 2 .   ? -6.393  3.485   17.922  1.00 55.89 ? 432 HOH A O   1 
HETATM 1687 O O   . HOH B 2 .   ? 10.558  9.212   10.817  1.00 51.47 ? 433 HOH A O   1 
HETATM 1688 O O   . HOH B 2 .   ? 16.771  12.283  -1.043  1.00 56.65 ? 434 HOH A O   1 
HETATM 1689 O O   . HOH B 2 .   ? 4.523   -1.632  13.484  1.00 41.33 ? 435 HOH A O   1 
HETATM 1690 O O   . HOH B 2 .   ? 8.663   18.648  12.531  1.00 47.67 ? 436 HOH A O   1 
HETATM 1691 O O   . HOH B 2 .   ? -8.301  4.283   15.877  1.00 46.40 ? 437 HOH A O   1 
HETATM 1692 O O   . HOH B 2 .   ? 12.216  -15.275 -18.417 1.00 52.46 ? 438 HOH A O   1 
HETATM 1693 O O   . HOH B 2 .   ? -10.544 5.600   16.013  1.00 53.17 ? 439 HOH A O   1 
HETATM 1694 O O   . HOH B 2 .   ? 7.251   23.237  4.365   0.37 49.35 ? 440 HOH A O   1 
HETATM 1695 O O   . HOH B 2 .   ? 3.708   -23.030 -5.418  1.00 54.04 ? 441 HOH A O   1 
HETATM 1696 O O   . HOH B 2 .   ? 15.572  -6.834  -10.399 1.00 40.66 ? 442 HOH A O   1 
HETATM 1697 O O   . HOH B 2 .   ? 5.622   -22.016 -7.206  1.00 44.54 ? 443 HOH A O   1 
HETATM 1698 O O   . HOH B 2 .   ? 13.171  8.813   -4.504  1.00 49.09 ? 444 HOH A O   1 
HETATM 1699 O O   . HOH B 2 .   ? 17.520  -5.612  3.421   1.00 54.56 ? 445 HOH A O   1 
HETATM 1700 O O   . HOH B 2 .   ? 11.416  -1.678  9.333   1.00 53.44 ? 446 HOH A O   1 
HETATM 1701 O O   . HOH B 2 .   ? 16.898  -9.294  5.316   1.00 54.20 ? 447 HOH A O   1 
HETATM 1702 O O   . HOH B 2 .   ? 7.055   10.407  14.745  1.00 53.12 ? 448 HOH A O   1 
HETATM 1703 O O   . HOH B 2 .   ? 18.138  -6.795  0.950   1.00 57.03 ? 449 HOH A O   1 
HETATM 1704 O O   . HOH B 2 .   ? -13.477 11.172  3.271   1.00 45.55 ? 450 HOH A O   1 
HETATM 1705 O O   . HOH B 2 .   ? 17.091  11.469  -3.616  1.00 58.27 ? 451 HOH A O   1 
HETATM 1706 O O   . HOH B 2 .   ? 11.113  12.330  7.525   1.00 58.22 ? 452 HOH A O   1 
HETATM 1707 O O   . HOH B 2 .   ? 15.097  1.243   4.269   1.00 50.75 ? 453 HOH A O   1 
# 
